data_5JCF
#
_entry.id   5JCF
#
_cell.length_a   101.920
_cell.length_b   132.470
_cell.length_c   139.040
_cell.angle_alpha   90.00
_cell.angle_beta   90.00
_cell.angle_gamma   90.00
#
_symmetry.space_group_name_H-M   'P 21 21 21'
#
loop_
_entity.id
_entity.type
_entity.pdbx_description
1 polymer 'Melanoma differentiation associated protein-5'
2 polymer "RNA (5'-R(P*GP*GP*UP*AP*CP*GP*UP*AP*CP*C)-3')"
3 polymer "RNA (5'-R(P*AP*GP*GP*UP*AP*CP*GP*UP*AP*CP*C)-3')"
4 non-polymer "ADENOSINE-5'-DIPHOSPHATE"
5 non-polymer 'MAGNESIUM ION'
6 non-polymer 'ZINC ION'
7 water water
#
loop_
_entity_poly.entity_id
_entity_poly.type
_entity_poly.pdbx_seq_one_letter_code
_entity_poly.pdbx_strand_id
1 'polypeptide(L)'
;GAMGDLTLRDYQMEVAKPALNGENIIICLPTGSGKTRVAVYITKDHLDKKRKASEQGKVIVLVNKVPLVEQHLRKEFNPF
LKHWYQVIGLSGDSELKISFPEVVKRYDVIICTAQILENSLLNATEEDESVRLSDFSLIIIDQCHHTQKEGVYNNIMRRY
LKEKIKNRKQAKENKPLIPQPQILGLTASPGVGGARSNSKAEEHILKICANLDACRIMTVKEHASQLKNQVKEPFKKTVI
ADDKRRDPFRERIIEIMQDIQKYCQLYPKSEFGSQPYEQWVIREERRAAKEEKRKERVCAEHLKKYNDALQINDTIRMVD
AYNHLNNFYKELKRRKTAESDDDEEPLVSKQDETDEFLMRLFHAKKKQLKELARKPEYDNEKLMKLRNTLMEEFTKTEEP
RGIIFTKTRQSALALYHWIMDNPKFEEVGIKAHFLIGAGHNSETKPMTQNEQREVIDKFRGGSINLLIATTVAEEGLDIK
ECNIVIRYGLVTNEIAMVQARGRARADESTYALVASSGSGAVEREDVNIFRENMMYKAIRRVQEMPPEEYLNKIQDFQLQ
SIVEKQMKAKRDQRKTYKKNPSLITFLCKNCHKLICSGEDIQVIENMHHVSVKKDFQHLYHKRENRTLQDKHADYQTNVE
IICKDCGQVWGNMMVYRGLDLPCLKIRNFVVAFEDKKTTKEIFKKWGELPIIFPDFDYASH
;
A,B
2 'polyribonucleotide' GGUACGUACC X,C,D
3 'polyribonucleotide' AGGUACGUACC Y
#
# COMPACT_ATOMS: atom_id res chain seq x y z
N GLY A 4 -44.83 -18.17 -19.01
CA GLY A 4 -44.45 -19.62 -18.97
C GLY A 4 -45.02 -20.34 -17.76
N ASP A 5 -44.17 -21.11 -17.08
CA ASP A 5 -44.52 -21.74 -15.80
C ASP A 5 -43.25 -21.87 -14.96
N LEU A 6 -43.39 -21.68 -13.64
CA LEU A 6 -42.23 -21.50 -12.77
C LEU A 6 -41.53 -22.83 -12.43
N THR A 7 -40.48 -23.13 -13.18
CA THR A 7 -39.63 -24.30 -12.95
C THR A 7 -38.16 -23.90 -12.99
N LEU A 8 -37.31 -24.76 -12.42
CA LEU A 8 -35.86 -24.55 -12.41
C LEU A 8 -35.16 -25.61 -13.24
N ARG A 9 -34.02 -25.23 -13.81
CA ARG A 9 -33.12 -26.17 -14.47
C ARG A 9 -32.37 -26.95 -13.38
N ASP A 10 -31.78 -28.08 -13.75
CA ASP A 10 -31.14 -28.97 -12.75
C ASP A 10 -29.99 -28.31 -12.00
N TYR A 11 -29.18 -27.50 -12.69
CA TYR A 11 -28.10 -26.75 -12.02
C TYR A 11 -28.64 -25.66 -11.09
N GLN A 12 -29.77 -25.05 -11.44
CA GLN A 12 -30.44 -24.07 -10.57
C GLN A 12 -31.04 -24.69 -9.30
N MET A 13 -31.62 -25.88 -9.44
CA MET A 13 -32.22 -26.61 -8.30
C MET A 13 -31.17 -27.08 -7.29
N GLU A 14 -30.01 -27.51 -7.79
CA GLU A 14 -28.87 -27.93 -6.96
C GLU A 14 -28.40 -26.84 -5.97
N VAL A 15 -28.42 -25.59 -6.42
CA VAL A 15 -27.97 -24.44 -5.60
C VAL A 15 -29.11 -23.88 -4.76
N ALA A 16 -30.35 -24.04 -5.22
CA ALA A 16 -31.54 -23.57 -4.49
C ALA A 16 -31.94 -24.45 -3.30
N LYS A 17 -31.72 -25.76 -3.40
CA LYS A 17 -32.24 -26.75 -2.41
C LYS A 17 -32.09 -26.39 -0.93
N PRO A 18 -30.89 -25.93 -0.49
CA PRO A 18 -30.74 -25.49 0.90
C PRO A 18 -31.67 -24.32 1.28
N ALA A 19 -31.83 -23.35 0.39
CA ALA A 19 -32.76 -22.23 0.60
C ALA A 19 -34.23 -22.66 0.67
N LEU A 20 -34.58 -23.74 -0.05
CA LEU A 20 -35.94 -24.30 -0.01
C LEU A 20 -36.23 -25.07 1.30
N ASN A 21 -35.16 -25.48 1.99
CA ASN A 21 -35.27 -26.11 3.32
C ASN A 21 -35.07 -25.12 4.50
N GLY A 22 -35.07 -23.82 4.22
CA GLY A 22 -35.00 -22.79 5.27
C GLY A 22 -33.62 -22.31 5.69
N GLU A 23 -32.55 -22.93 5.18
CA GLU A 23 -31.18 -22.56 5.55
C GLU A 23 -30.72 -21.29 4.82
N ASN A 24 -29.98 -20.45 5.54
CA ASN A 24 -29.37 -19.24 4.97
C ASN A 24 -28.18 -19.65 4.09
N ILE A 25 -28.15 -19.16 2.85
CA ILE A 25 -27.05 -19.46 1.92
C ILE A 25 -26.67 -18.30 1.02
N ILE A 26 -25.46 -18.39 0.47
CA ILE A 26 -25.02 -17.56 -0.65
C ILE A 26 -25.04 -18.46 -1.89
N ILE A 27 -25.73 -18.00 -2.94
CA ILE A 27 -25.75 -18.71 -4.22
C ILE A 27 -24.81 -18.00 -5.19
N CYS A 28 -23.81 -18.73 -5.67
CA CYS A 28 -22.87 -18.24 -6.69
C CYS A 28 -23.19 -18.87 -8.05
N LEU A 29 -23.75 -18.05 -8.95
CA LEU A 29 -24.08 -18.47 -10.31
C LEU A 29 -23.52 -17.46 -11.31
N PRO A 30 -22.88 -17.94 -12.41
CA PRO A 30 -22.36 -17.02 -13.44
C PRO A 30 -23.38 -16.07 -14.06
N THR A 31 -22.88 -15.11 -14.84
CA THR A 31 -23.74 -14.20 -15.60
C THR A 31 -24.37 -14.95 -16.78
N GLY A 32 -25.69 -14.81 -16.93
CA GLY A 32 -26.49 -15.59 -17.88
C GLY A 32 -27.10 -16.88 -17.33
N SER A 33 -26.87 -17.18 -16.06
CA SER A 33 -27.32 -18.45 -15.44
C SER A 33 -28.75 -18.40 -14.90
N GLY A 34 -29.26 -17.20 -14.64
CA GLY A 34 -30.63 -17.01 -14.15
C GLY A 34 -30.72 -17.04 -12.63
N LYS A 35 -29.89 -16.21 -11.99
CA LYS A 35 -29.89 -16.10 -10.52
C LYS A 35 -31.20 -15.51 -9.99
N THR A 36 -31.79 -14.58 -10.73
CA THR A 36 -33.05 -13.95 -10.32
C THR A 36 -34.26 -14.88 -10.46
N ARG A 37 -34.22 -15.77 -11.44
CA ARG A 37 -35.25 -16.83 -11.58
C ARG A 37 -35.22 -17.80 -10.40
N VAL A 38 -34.03 -18.07 -9.86
CA VAL A 38 -33.87 -18.87 -8.64
C VAL A 38 -34.47 -18.13 -7.44
N ALA A 39 -34.27 -16.81 -7.39
CA ALA A 39 -34.86 -15.97 -6.34
C ALA A 39 -36.40 -15.99 -6.35
N VAL A 40 -36.99 -16.01 -7.54
CA VAL A 40 -38.46 -16.09 -7.67
C VAL A 40 -39.00 -17.44 -7.22
N TYR A 41 -38.36 -18.52 -7.67
CA TYR A 41 -38.74 -19.88 -7.27
C TYR A 41 -38.67 -20.07 -5.75
N ILE A 42 -37.60 -19.54 -5.14
CA ILE A 42 -37.44 -19.57 -3.68
C ILE A 42 -38.47 -18.67 -2.99
N THR A 43 -38.77 -17.52 -3.60
CA THR A 43 -39.80 -16.61 -3.07
C THR A 43 -41.20 -17.24 -3.08
N LYS A 44 -41.57 -17.87 -4.20
CA LYS A 44 -42.87 -18.56 -4.31
C LYS A 44 -42.97 -19.77 -3.39
N ASP A 45 -41.92 -20.59 -3.38
CA ASP A 45 -41.84 -21.77 -2.50
C ASP A 45 -41.95 -21.39 -1.03
N HIS A 46 -41.23 -20.34 -0.65
CA HIS A 46 -41.25 -19.82 0.72
C HIS A 46 -42.65 -19.37 1.14
N LEU A 47 -43.32 -18.60 0.29
CA LEU A 47 -44.65 -18.07 0.59
C LEU A 47 -45.74 -19.14 0.54
N ASP A 48 -45.68 -20.04 -0.45
CA ASP A 48 -46.65 -21.15 -0.57
C ASP A 48 -46.68 -22.04 0.67
N LYS A 49 -45.51 -22.29 1.26
CA LYS A 49 -45.39 -23.05 2.51
C LYS A 49 -45.98 -22.30 3.71
N LYS A 50 -45.75 -20.99 3.76
CA LYS A 50 -46.32 -20.14 4.82
C LYS A 50 -47.85 -20.07 4.80
N ARG A 51 -48.45 -20.13 3.60
CA ARG A 51 -49.90 -20.20 3.47
C ARG A 51 -50.45 -21.54 3.95
N LYS A 52 -49.86 -22.63 3.48
CA LYS A 52 -50.26 -24.00 3.88
C LYS A 52 -50.13 -24.26 5.39
N ALA A 53 -49.15 -23.62 6.03
CA ALA A 53 -48.94 -23.74 7.48
C ALA A 53 -49.69 -22.69 8.32
N SER A 54 -50.55 -21.89 7.68
CA SER A 54 -51.34 -20.83 8.35
C SER A 54 -50.45 -19.83 9.08
N GLU A 55 -49.42 -19.36 8.38
CA GLU A 55 -48.40 -18.47 8.95
C GLU A 55 -48.22 -17.19 8.15
N GLN A 56 -47.52 -16.23 8.77
CA GLN A 56 -47.22 -14.94 8.15
C GLN A 56 -45.98 -15.05 7.25
N GLY A 57 -46.19 -14.91 5.94
CA GLY A 57 -45.11 -14.92 4.96
C GLY A 57 -44.89 -13.53 4.39
N LYS A 58 -43.63 -13.10 4.32
CA LYS A 58 -43.27 -11.79 3.77
C LYS A 58 -41.82 -11.76 3.29
N VAL A 59 -41.61 -11.37 2.03
CA VAL A 59 -40.31 -11.40 1.38
C VAL A 59 -39.91 -9.99 0.95
N ILE A 60 -38.65 -9.64 1.17
CA ILE A 60 -38.08 -8.38 0.65
C ILE A 60 -36.83 -8.69 -0.18
N VAL A 61 -36.78 -8.11 -1.38
CA VAL A 61 -35.69 -8.31 -2.33
C VAL A 61 -34.92 -7.01 -2.44
N LEU A 62 -33.70 -6.99 -1.91
CA LEU A 62 -32.87 -5.77 -1.87
C LEU A 62 -31.92 -5.73 -3.06
N VAL A 63 -31.88 -4.58 -3.75
CA VAL A 63 -30.99 -4.35 -4.89
C VAL A 63 -30.11 -3.11 -4.65
N ASN A 64 -29.07 -2.96 -5.46
CA ASN A 64 -28.11 -1.84 -5.32
C ASN A 64 -28.21 -0.76 -6.41
N LYS A 65 -29.13 -0.93 -7.36
CA LYS A 65 -29.40 0.08 -8.39
C LYS A 65 -30.91 0.28 -8.56
N VAL A 66 -31.30 1.49 -8.95
CA VAL A 66 -32.73 1.85 -9.07
C VAL A 66 -33.44 1.12 -10.23
N PRO A 67 -32.82 1.05 -11.42
CA PRO A 67 -33.43 0.29 -12.53
C PRO A 67 -33.70 -1.19 -12.25
N LEU A 68 -32.93 -1.80 -11.35
CA LEU A 68 -33.10 -3.22 -11.01
C LEU A 68 -34.42 -3.53 -10.28
N VAL A 69 -35.00 -2.53 -9.61
CA VAL A 69 -36.33 -2.67 -9.01
C VAL A 69 -37.36 -2.93 -10.11
N GLU A 70 -37.41 -2.02 -11.09
CA GLU A 70 -38.28 -2.14 -12.27
C GLU A 70 -37.97 -3.40 -13.08
N GLN A 71 -36.68 -3.68 -13.27
CA GLN A 71 -36.23 -4.81 -14.08
C GLN A 71 -36.65 -6.17 -13.49
N HIS A 72 -36.47 -6.33 -12.17
CA HIS A 72 -36.86 -7.57 -11.49
C HIS A 72 -38.37 -7.79 -11.43
N LEU A 73 -39.14 -6.70 -11.46
CA LEU A 73 -40.61 -6.79 -11.56
C LEU A 73 -41.05 -7.36 -12.91
N ARG A 74 -40.66 -6.71 -14.00
CA ARG A 74 -41.11 -7.10 -15.35
C ARG A 74 -40.68 -8.50 -15.75
N LYS A 75 -39.38 -8.76 -15.65
CA LYS A 75 -38.81 -10.01 -16.17
C LYS A 75 -39.04 -11.24 -15.30
N GLU A 76 -39.14 -11.06 -13.98
CA GLU A 76 -39.09 -12.20 -13.05
C GLU A 76 -40.27 -12.27 -12.07
N PHE A 77 -40.40 -11.26 -11.20
CA PHE A 77 -41.29 -11.37 -10.03
C PHE A 77 -42.79 -11.24 -10.35
N ASN A 78 -43.20 -10.22 -11.11
CA ASN A 78 -44.64 -10.05 -11.44
C ASN A 78 -45.24 -11.18 -12.30
N PRO A 79 -44.55 -11.62 -13.37
CA PRO A 79 -45.08 -12.73 -14.18
C PRO A 79 -45.49 -13.99 -13.41
N PHE A 80 -44.73 -14.34 -12.37
CA PHE A 80 -44.96 -15.57 -11.58
C PHE A 80 -45.65 -15.38 -10.23
N LEU A 81 -45.63 -14.17 -9.67
CA LEU A 81 -46.23 -13.90 -8.35
C LEU A 81 -47.41 -12.91 -8.29
N LYS A 82 -47.59 -12.07 -9.32
CA LYS A 82 -48.59 -10.99 -9.27
C LYS A 82 -50.04 -11.48 -9.11
N HIS A 83 -50.36 -12.59 -9.77
CA HIS A 83 -51.71 -13.17 -9.67
C HIS A 83 -51.99 -13.86 -8.32
N TRP A 84 -50.93 -14.27 -7.62
CA TRP A 84 -51.05 -15.00 -6.34
C TRP A 84 -50.80 -14.15 -5.10
N TYR A 85 -49.83 -13.24 -5.17
CA TYR A 85 -49.43 -12.40 -4.02
C TYR A 85 -49.39 -10.92 -4.38
N GLN A 86 -49.34 -10.07 -3.34
CA GLN A 86 -49.21 -8.63 -3.51
C GLN A 86 -47.73 -8.24 -3.68
N VAL A 87 -47.40 -7.73 -4.86
CA VAL A 87 -46.02 -7.44 -5.27
C VAL A 87 -45.87 -5.94 -5.54
N ILE A 88 -44.72 -5.38 -5.19
CA ILE A 88 -44.46 -3.95 -5.40
C ILE A 88 -42.96 -3.63 -5.56
N GLY A 89 -42.66 -2.67 -6.44
CA GLY A 89 -41.32 -2.11 -6.62
C GLY A 89 -41.29 -0.70 -6.06
N LEU A 90 -40.22 -0.37 -5.32
CA LEU A 90 -40.11 0.89 -4.59
C LEU A 90 -38.68 1.41 -4.63
N SER A 91 -38.52 2.73 -4.78
CA SER A 91 -37.21 3.37 -4.65
C SER A 91 -37.33 4.84 -4.21
N GLY A 92 -36.20 5.49 -4.03
CA GLY A 92 -36.15 6.93 -3.73
C GLY A 92 -36.65 7.81 -4.87
N ASP A 93 -36.47 7.34 -6.11
CA ASP A 93 -36.92 8.08 -7.30
C ASP A 93 -38.45 8.12 -7.41
N SER A 94 -39.09 6.97 -7.18
CA SER A 94 -40.55 6.88 -7.15
C SER A 94 -41.07 7.54 -5.86
N GLU A 95 -42.03 8.44 -6.00
CA GLU A 95 -42.56 9.22 -4.88
C GLU A 95 -44.00 8.82 -4.58
N LEU A 96 -44.14 7.75 -3.78
CA LEU A 96 -45.44 7.30 -3.31
C LEU A 96 -46.00 8.26 -2.27
N LYS A 97 -47.31 8.19 -2.06
CA LYS A 97 -47.99 8.93 -1.00
C LYS A 97 -48.33 7.98 0.15
N ILE A 98 -47.41 7.06 0.43
CA ILE A 98 -47.59 6.01 1.43
C ILE A 98 -46.25 5.81 2.16
N SER A 99 -46.30 5.67 3.48
CA SER A 99 -45.10 5.44 4.29
C SER A 99 -44.64 3.99 4.16
N PHE A 100 -43.33 3.76 4.28
CA PHE A 100 -42.76 2.42 4.16
C PHE A 100 -43.34 1.39 5.15
N PRO A 101 -43.58 1.80 6.43
CA PRO A 101 -44.28 0.90 7.36
C PRO A 101 -45.64 0.40 6.85
N GLU A 102 -46.41 1.27 6.20
CA GLU A 102 -47.67 0.88 5.56
C GLU A 102 -47.44 -0.05 4.36
N VAL A 103 -46.43 0.25 3.54
CA VAL A 103 -46.07 -0.60 2.40
C VAL A 103 -45.75 -2.03 2.87
N VAL A 104 -45.03 -2.13 3.98
CA VAL A 104 -44.72 -3.43 4.61
C VAL A 104 -45.98 -4.18 5.05
N LYS A 105 -46.95 -3.45 5.63
CA LYS A 105 -48.20 -4.05 6.08
C LYS A 105 -49.07 -4.58 4.93
N ARG A 106 -49.09 -3.85 3.80
CA ARG A 106 -50.02 -4.15 2.69
C ARG A 106 -49.50 -5.17 1.66
N TYR A 107 -48.18 -5.32 1.53
CA TYR A 107 -47.60 -6.13 0.44
C TYR A 107 -46.80 -7.35 0.94
N ASP A 108 -46.80 -8.41 0.12
CA ASP A 108 -46.18 -9.70 0.45
C ASP A 108 -44.76 -9.82 -0.08
N VAL A 109 -44.52 -9.28 -1.28
CA VAL A 109 -43.21 -9.23 -1.90
C VAL A 109 -42.86 -7.77 -2.16
N ILE A 110 -41.77 -7.29 -1.56
CA ILE A 110 -41.30 -5.92 -1.72
C ILE A 110 -39.94 -5.97 -2.41
N ILE A 111 -39.82 -5.33 -3.57
CA ILE A 111 -38.54 -5.16 -4.24
C ILE A 111 -38.16 -3.69 -4.09
N CYS A 112 -36.97 -3.43 -3.55
CA CYS A 112 -36.50 -2.05 -3.39
C CYS A 112 -34.99 -1.91 -3.27
N THR A 113 -34.53 -0.68 -3.36
CA THR A 113 -33.16 -0.32 -3.03
C THR A 113 -32.96 -0.46 -1.52
N ALA A 114 -31.77 -0.92 -1.12
CA ALA A 114 -31.49 -1.25 0.29
C ALA A 114 -31.62 -0.07 1.25
N GLN A 115 -31.26 1.12 0.80
CA GLN A 115 -31.31 2.33 1.65
C GLN A 115 -32.74 2.71 2.06
N ILE A 116 -33.75 2.31 1.26
CA ILE A 116 -35.16 2.49 1.63
C ILE A 116 -35.50 1.66 2.88
N LEU A 117 -34.95 0.46 3.00
CA LEU A 117 -35.10 -0.34 4.22
C LEU A 117 -34.32 0.26 5.38
N GLU A 118 -33.06 0.62 5.16
CA GLU A 118 -32.22 1.24 6.20
C GLU A 118 -32.81 2.53 6.78
N ASN A 119 -33.34 3.39 5.90
CA ASN A 119 -33.97 4.64 6.32
C ASN A 119 -35.10 4.44 7.33
N SER A 120 -35.89 3.38 7.13
CA SER A 120 -37.00 3.07 8.03
C SER A 120 -36.55 2.39 9.33
N LEU A 121 -35.51 1.56 9.24
CA LEU A 121 -34.93 0.92 10.43
C LEU A 121 -34.24 1.94 11.34
N LEU A 122 -33.48 2.85 10.73
CA LEU A 122 -32.85 3.96 11.46
C LEU A 122 -33.87 4.95 12.07
N ASN A 123 -34.95 5.19 11.34
CA ASN A 123 -35.88 6.29 11.53
C ASN A 123 -35.22 7.65 11.30
N ALA A 124 -34.57 8.22 12.31
CA ALA A 124 -34.11 9.63 12.31
C ALA A 124 -35.24 10.66 12.54
N THR A 125 -36.47 10.33 12.14
CA THR A 125 -37.61 11.26 12.15
C THR A 125 -38.90 10.43 12.01
N GLU A 126 -39.27 9.71 13.07
CA GLU A 126 -40.47 8.85 13.10
C GLU A 126 -40.32 7.68 12.12
N GLU A 129 -45.49 3.39 14.07
CA GLU A 129 -45.00 2.04 14.37
C GLU A 129 -44.05 1.61 13.23
N SER A 130 -42.74 1.77 13.46
CA SER A 130 -41.71 1.57 12.42
C SER A 130 -41.47 0.11 12.04
N VAL A 131 -40.70 -0.07 10.97
CA VAL A 131 -40.32 -1.39 10.46
C VAL A 131 -39.17 -1.99 11.28
N ARG A 132 -39.21 -3.30 11.44
CA ARG A 132 -38.09 -4.08 11.97
C ARG A 132 -37.82 -5.24 11.00
N LEU A 133 -36.64 -5.86 11.12
CA LEU A 133 -36.29 -7.01 10.29
C LEU A 133 -37.14 -8.26 10.59
N SER A 134 -37.68 -8.33 11.81
CA SER A 134 -38.60 -9.41 12.20
C SER A 134 -39.94 -9.42 11.44
N ASP A 135 -40.32 -8.28 10.86
CA ASP A 135 -41.52 -8.18 10.00
C ASP A 135 -41.42 -9.03 8.73
N PHE A 136 -40.21 -9.26 8.24
CA PHE A 136 -39.96 -10.06 7.04
C PHE A 136 -39.54 -11.47 7.45
N SER A 137 -40.02 -12.46 6.70
CA SER A 137 -39.63 -13.86 6.91
C SER A 137 -38.49 -14.31 5.99
N LEU A 138 -38.33 -13.64 4.85
CA LEU A 138 -37.20 -13.87 3.95
C LEU A 138 -36.63 -12.53 3.47
N ILE A 139 -35.30 -12.42 3.50
CA ILE A 139 -34.58 -11.26 2.94
C ILE A 139 -33.64 -11.76 1.85
N ILE A 140 -33.85 -11.31 0.62
CA ILE A 140 -32.98 -11.66 -0.51
C ILE A 140 -32.13 -10.45 -0.88
N ILE A 141 -30.81 -10.63 -0.91
CA ILE A 141 -29.86 -9.56 -1.27
C ILE A 141 -29.23 -9.88 -2.62
N ASP A 142 -29.54 -9.06 -3.63
CA ASP A 142 -28.94 -9.18 -4.96
C ASP A 142 -27.57 -8.51 -4.97
N GLN A 143 -26.64 -9.09 -5.73
CA GLN A 143 -25.23 -8.67 -5.79
C GLN A 143 -24.63 -8.60 -4.38
N CYS A 144 -24.76 -9.72 -3.65
CA CYS A 144 -24.42 -9.80 -2.23
C CYS A 144 -22.93 -9.72 -1.88
N HIS A 145 -22.06 -9.71 -2.88
CA HIS A 145 -20.64 -9.38 -2.68
C HIS A 145 -20.40 -7.96 -2.13
N HIS A 146 -21.37 -7.07 -2.32
CA HIS A 146 -21.36 -5.75 -1.68
C HIS A 146 -21.69 -5.75 -0.18
N THR A 147 -22.15 -6.89 0.36
CA THR A 147 -22.41 -7.03 1.81
C THR A 147 -21.07 -7.06 2.55
N GLN A 148 -20.49 -5.87 2.69
CA GLN A 148 -19.07 -5.72 3.04
C GLN A 148 -18.83 -4.31 3.60
N LYS A 149 -17.89 -4.20 4.54
CA LYS A 149 -17.45 -2.90 5.09
C LYS A 149 -18.63 -2.05 5.58
N GLU A 150 -18.71 -0.76 5.21
CA GLU A 150 -19.79 0.13 5.68
C GLU A 150 -20.91 0.34 4.65
N GLY A 151 -21.08 -0.59 3.71
CA GLY A 151 -22.15 -0.52 2.72
C GLY A 151 -23.51 -0.82 3.34
N VAL A 152 -24.57 -0.28 2.75
CA VAL A 152 -25.95 -0.50 3.21
C VAL A 152 -26.31 -1.95 3.50
N TYR A 153 -25.86 -2.86 2.64
CA TYR A 153 -26.10 -4.29 2.82
C TYR A 153 -25.55 -4.79 4.14
N ASN A 154 -24.35 -4.34 4.50
CA ASN A 154 -23.68 -4.78 5.72
C ASN A 154 -24.29 -4.15 6.99
N ASN A 155 -24.79 -2.92 6.88
CA ASN A 155 -25.50 -2.26 7.99
C ASN A 155 -26.85 -2.93 8.29
N ILE A 156 -27.56 -3.36 7.25
CA ILE A 156 -28.81 -4.12 7.39
C ILE A 156 -28.51 -5.45 8.07
N MET A 157 -27.47 -6.14 7.60
CA MET A 157 -27.07 -7.42 8.15
C MET A 157 -26.41 -7.33 9.53
N ARG A 158 -25.79 -6.19 9.86
CA ARG A 158 -25.28 -5.97 11.21
C ARG A 158 -26.41 -5.81 12.24
N ARG A 159 -27.56 -5.30 11.81
CA ARG A 159 -28.77 -5.29 12.65
C ARG A 159 -29.32 -6.71 12.85
N TYR A 160 -29.31 -7.50 11.78
CA TYR A 160 -29.72 -8.92 11.85
C TYR A 160 -28.90 -9.70 12.88
N LEU A 161 -27.58 -9.59 12.78
CA LEU A 161 -26.64 -10.28 13.68
C LEU A 161 -26.74 -9.76 15.13
N LYS A 162 -27.13 -8.50 15.29
CA LYS A 162 -27.35 -7.91 16.62
C LYS A 162 -28.59 -8.54 17.26
N GLU A 163 -29.70 -8.60 16.52
CA GLU A 163 -30.94 -9.23 17.04
C GLU A 163 -30.81 -10.75 17.24
N LYS A 164 -29.91 -11.37 16.48
CA LYS A 164 -29.56 -12.80 16.66
C LYS A 164 -28.92 -13.06 18.03
N ILE A 165 -28.04 -12.16 18.45
CA ILE A 165 -27.41 -12.22 19.77
C ILE A 165 -28.40 -11.88 20.89
N LYS A 166 -29.30 -10.91 20.63
CA LYS A 166 -30.40 -10.59 21.57
C LYS A 166 -31.39 -11.74 21.76
N ASN A 167 -31.57 -12.56 20.72
CA ASN A 167 -32.48 -13.71 20.78
C ASN A 167 -31.97 -14.79 21.73
N ARG A 168 -30.65 -15.00 21.78
CA ARG A 168 -30.02 -15.91 22.75
C ARG A 168 -30.23 -15.48 24.21
N LYS A 169 -30.24 -14.16 24.45
CA LYS A 169 -30.54 -13.61 25.79
C LYS A 169 -32.00 -13.83 26.20
N GLN A 170 -32.92 -13.73 25.23
CA GLN A 170 -34.35 -13.98 25.47
C GLN A 170 -34.70 -15.44 25.74
N ALA A 171 -33.84 -16.37 25.34
CA ALA A 171 -33.98 -17.80 25.70
C ALA A 171 -33.77 -18.00 27.20
N LYS A 172 -32.69 -17.44 27.72
CA LYS A 172 -32.38 -17.48 29.16
C LYS A 172 -33.28 -16.52 29.95
N GLU A 173 -33.68 -15.41 29.31
CA GLU A 173 -34.49 -14.35 29.93
C GLU A 173 -33.76 -13.65 31.06
N LEU A 177 -39.21 -14.45 22.36
CA LEU A 177 -38.46 -15.04 21.25
C LEU A 177 -38.76 -14.30 19.93
N ILE A 178 -37.89 -13.34 19.59
CA ILE A 178 -38.08 -12.49 18.41
C ILE A 178 -37.65 -13.27 17.14
N PRO A 179 -38.55 -13.37 16.14
CA PRO A 179 -38.26 -14.21 14.97
C PRO A 179 -37.25 -13.61 14.00
N GLN A 180 -36.42 -14.46 13.40
CA GLN A 180 -35.37 -14.04 12.47
C GLN A 180 -35.74 -14.38 11.04
N PRO A 181 -35.50 -13.45 10.08
CA PRO A 181 -35.70 -13.78 8.67
C PRO A 181 -34.69 -14.79 8.11
N GLN A 182 -35.13 -15.55 7.11
CA GLN A 182 -34.22 -16.34 6.27
C GLN A 182 -33.47 -15.36 5.36
N ILE A 183 -32.25 -15.71 4.97
CA ILE A 183 -31.39 -14.82 4.18
C ILE A 183 -30.77 -15.55 2.98
N LEU A 184 -30.89 -14.93 1.82
CA LEU A 184 -30.39 -15.48 0.56
C LEU A 184 -29.52 -14.46 -0.16
N GLY A 185 -28.22 -14.73 -0.24
CA GLY A 185 -27.28 -13.91 -1.01
C GLY A 185 -27.19 -14.42 -2.43
N LEU A 186 -27.24 -13.51 -3.41
CA LEU A 186 -27.09 -13.86 -4.82
C LEU A 186 -25.96 -13.05 -5.45
N THR A 187 -24.99 -13.76 -6.04
CA THR A 187 -23.85 -13.13 -6.72
C THR A 187 -23.28 -14.03 -7.81
N ALA A 188 -22.43 -13.45 -8.65
CA ALA A 188 -21.61 -14.22 -9.59
C ALA A 188 -20.28 -14.55 -8.93
N SER A 189 -19.64 -13.54 -8.36
CA SER A 189 -18.37 -13.68 -7.65
C SER A 189 -18.39 -12.94 -6.31
N PRO A 190 -18.12 -13.65 -5.20
CA PRO A 190 -17.94 -12.94 -3.92
C PRO A 190 -16.64 -12.15 -3.89
N GLY A 191 -15.69 -12.51 -4.76
CA GLY A 191 -14.45 -11.78 -4.90
C GLY A 191 -13.42 -12.28 -3.92
N VAL A 192 -12.34 -11.50 -3.81
CA VAL A 192 -11.17 -11.85 -3.01
C VAL A 192 -10.72 -10.73 -2.04
N GLY A 193 -11.38 -9.56 -2.09
CA GLY A 193 -11.08 -8.44 -1.18
C GLY A 193 -9.72 -7.79 -1.37
N GLY A 194 -9.17 -7.90 -2.58
CA GLY A 194 -7.83 -7.39 -2.88
C GLY A 194 -6.67 -8.22 -2.31
N ALA A 195 -6.94 -9.46 -1.92
CA ALA A 195 -5.92 -10.36 -1.36
C ALA A 195 -4.90 -10.80 -2.42
N ARG A 196 -3.64 -10.88 -2.00
CA ARG A 196 -2.55 -11.39 -2.84
C ARG A 196 -2.07 -12.77 -2.38
N SER A 197 -2.77 -13.36 -1.40
CA SER A 197 -2.46 -14.71 -0.90
C SER A 197 -3.74 -15.53 -0.72
N ASN A 198 -3.58 -16.85 -0.71
CA ASN A 198 -4.71 -17.79 -0.59
C ASN A 198 -5.39 -17.74 0.77
N SER A 199 -4.61 -17.49 1.82
CA SER A 199 -5.13 -17.30 3.18
C SER A 199 -6.06 -16.09 3.28
N LYS A 200 -5.60 -14.96 2.75
CA LYS A 200 -6.42 -13.73 2.72
C LYS A 200 -7.60 -13.78 1.74
N ALA A 201 -7.50 -14.64 0.72
CA ALA A 201 -8.62 -14.93 -0.18
C ALA A 201 -9.72 -15.73 0.54
N GLU A 202 -9.30 -16.77 1.27
CA GLU A 202 -10.21 -17.61 2.05
C GLU A 202 -10.87 -16.83 3.20
N GLU A 203 -10.08 -15.96 3.85
CA GLU A 203 -10.58 -15.07 4.90
C GLU A 203 -11.72 -14.19 4.38
N HIS A 204 -11.53 -13.60 3.20
CA HIS A 204 -12.52 -12.73 2.57
C HIS A 204 -13.83 -13.46 2.20
N ILE A 205 -13.71 -14.71 1.77
CA ILE A 205 -14.88 -15.56 1.50
C ILE A 205 -15.66 -15.80 2.80
N LEU A 206 -14.94 -16.16 3.86
CA LEU A 206 -15.55 -16.39 5.18
C LEU A 206 -16.15 -15.11 5.80
N LYS A 207 -15.56 -13.96 5.52
CA LYS A 207 -16.12 -12.67 5.96
C LYS A 207 -17.47 -12.39 5.30
N ILE A 208 -17.57 -12.60 3.99
CA ILE A 208 -18.83 -12.42 3.27
C ILE A 208 -19.88 -13.44 3.72
N CYS A 209 -19.46 -14.69 3.91
CA CYS A 209 -20.31 -15.72 4.53
C CYS A 209 -20.79 -15.30 5.92
N ALA A 210 -19.87 -14.74 6.71
CA ALA A 210 -20.18 -14.25 8.06
C ALA A 210 -21.13 -13.05 8.06
N ASN A 211 -20.94 -12.13 7.11
CA ASN A 211 -21.79 -10.94 7.00
C ASN A 211 -23.23 -11.28 6.59
N LEU A 212 -23.39 -12.26 5.69
CA LEU A 212 -24.71 -12.74 5.25
C LEU A 212 -25.31 -13.86 6.12
N ASP A 213 -24.57 -14.29 7.16
CA ASP A 213 -24.97 -15.37 8.07
C ASP A 213 -25.28 -16.67 7.32
N ALA A 214 -24.39 -17.03 6.41
CA ALA A 214 -24.56 -18.20 5.56
C ALA A 214 -24.23 -19.48 6.32
N CYS A 215 -25.14 -20.47 6.24
CA CYS A 215 -24.84 -21.83 6.67
C CYS A 215 -23.83 -22.48 5.72
N ARG A 216 -23.88 -22.09 4.44
CA ARG A 216 -22.99 -22.62 3.42
C ARG A 216 -23.01 -21.77 2.15
N ILE A 217 -21.84 -21.60 1.53
CA ILE A 217 -21.73 -20.98 0.20
C ILE A 217 -21.96 -22.06 -0.86
N MET A 218 -22.66 -21.69 -1.93
CA MET A 218 -23.29 -22.68 -2.81
C MET A 218 -22.94 -22.46 -4.29
N THR A 219 -22.40 -23.51 -4.93
CA THR A 219 -21.98 -23.49 -6.33
C THR A 219 -22.45 -24.74 -7.07
N VAL A 220 -22.55 -24.64 -8.40
CA VAL A 220 -22.95 -25.76 -9.26
C VAL A 220 -21.78 -26.73 -9.42
N LYS A 221 -22.01 -27.99 -9.04
CA LYS A 221 -20.97 -29.04 -9.08
C LYS A 221 -21.47 -30.33 -9.77
N GLU A 222 -22.55 -30.91 -9.26
CA GLU A 222 -23.16 -32.10 -9.88
C GLU A 222 -23.56 -31.87 -11.34
N HIS A 223 -24.32 -30.80 -11.58
CA HIS A 223 -24.79 -30.45 -12.93
C HIS A 223 -23.93 -29.32 -13.54
N ALA A 224 -22.61 -29.51 -13.48
CA ALA A 224 -21.64 -28.52 -13.99
C ALA A 224 -21.59 -28.50 -15.52
N SER A 225 -21.71 -29.68 -16.14
CA SER A 225 -21.74 -29.79 -17.61
C SER A 225 -22.91 -29.03 -18.24
N GLN A 226 -24.09 -29.10 -17.61
CA GLN A 226 -25.28 -28.37 -18.05
C GLN A 226 -25.07 -26.85 -17.97
N LEU A 227 -24.45 -26.38 -16.89
CA LEU A 227 -24.15 -24.97 -16.70
C LEU A 227 -23.16 -24.44 -17.74
N LYS A 228 -22.16 -25.25 -18.08
CA LYS A 228 -21.19 -24.89 -19.12
C LYS A 228 -21.82 -24.80 -20.52
N ASN A 229 -22.85 -25.60 -20.78
CA ASN A 229 -23.63 -25.50 -22.02
C ASN A 229 -24.52 -24.25 -22.09
N GLN A 230 -25.06 -23.82 -20.94
CA GLN A 230 -25.93 -22.63 -20.89
C GLN A 230 -25.18 -21.32 -21.14
N VAL A 231 -24.07 -21.13 -20.44
CA VAL A 231 -23.22 -19.95 -20.63
C VAL A 231 -21.88 -20.34 -21.25
N LYS A 232 -21.57 -19.74 -22.40
CA LYS A 232 -20.31 -19.97 -23.09
C LYS A 232 -19.33 -18.85 -22.76
N GLU A 233 -18.16 -19.23 -22.24
CA GLU A 233 -17.07 -18.28 -21.97
C GLU A 233 -16.47 -17.80 -23.29
N PRO A 234 -16.18 -16.48 -23.40
CA PRO A 234 -15.57 -15.94 -24.61
C PRO A 234 -14.07 -16.27 -24.74
N PHE A 235 -13.52 -16.04 -25.93
CA PHE A 235 -12.09 -16.23 -26.19
C PHE A 235 -11.32 -15.03 -25.65
N LYS A 236 -10.19 -15.30 -24.98
CA LYS A 236 -9.40 -14.25 -24.32
C LYS A 236 -8.27 -13.80 -25.25
N LYS A 237 -8.12 -12.49 -25.40
CA LYS A 237 -6.96 -11.89 -26.07
C LYS A 237 -6.34 -10.82 -25.18
N THR A 238 -5.06 -10.53 -25.42
CA THR A 238 -4.39 -9.37 -24.87
C THR A 238 -3.64 -8.70 -26.02
N VAL A 239 -4.07 -7.49 -26.38
CA VAL A 239 -3.49 -6.73 -27.49
C VAL A 239 -2.62 -5.63 -26.89
N ILE A 240 -1.31 -5.87 -26.86
CA ILE A 240 -0.33 -4.96 -26.25
C ILE A 240 0.24 -4.01 -27.30
N ALA A 241 0.49 -2.76 -26.89
CA ALA A 241 1.13 -1.75 -27.74
C ALA A 241 2.41 -1.25 -27.07
N ASP A 242 3.56 -1.53 -27.68
CA ASP A 242 4.88 -1.19 -27.11
C ASP A 242 5.22 0.31 -27.15
N ASP A 243 4.53 1.09 -27.99
CA ASP A 243 4.68 2.56 -28.04
C ASP A 243 6.12 2.97 -28.41
N LYS A 244 6.61 2.41 -29.52
CA LYS A 244 7.90 2.79 -30.10
C LYS A 244 7.78 3.91 -31.15
N ARG A 245 6.57 4.45 -31.33
CA ARG A 245 6.33 5.61 -32.19
C ARG A 245 6.97 6.86 -31.59
N ARG A 246 7.42 7.76 -32.45
CA ARG A 246 7.81 9.11 -32.02
C ARG A 246 6.55 9.87 -31.61
N ASP A 247 6.68 10.73 -30.60
CA ASP A 247 5.54 11.43 -30.00
C ASP A 247 5.87 12.93 -29.91
N PRO A 248 5.83 13.66 -31.05
CA PRO A 248 6.18 15.08 -31.01
C PRO A 248 5.19 15.96 -30.24
N PHE A 249 3.94 15.51 -30.07
CA PHE A 249 2.95 16.23 -29.25
C PHE A 249 3.37 16.24 -27.77
N ARG A 250 3.75 15.06 -27.25
CA ARG A 250 4.30 14.93 -25.89
C ARG A 250 5.52 15.83 -25.70
N GLU A 251 6.46 15.76 -26.65
CA GLU A 251 7.70 16.54 -26.61
C GLU A 251 7.46 18.05 -26.56
N ARG A 252 6.50 18.54 -27.34
CA ARG A 252 6.22 19.98 -27.42
C ARG A 252 5.47 20.47 -26.18
N ILE A 253 4.51 19.68 -25.69
CA ILE A 253 3.82 19.99 -24.42
C ILE A 253 4.83 20.02 -23.26
N ILE A 254 5.78 19.08 -23.24
CA ILE A 254 6.83 19.05 -22.20
C ILE A 254 7.69 20.31 -22.23
N GLU A 255 8.03 20.79 -23.42
CA GLU A 255 8.77 22.05 -23.58
C GLU A 255 7.98 23.24 -23.01
N ILE A 256 6.66 23.26 -23.21
CA ILE A 256 5.80 24.30 -22.66
C ILE A 256 5.72 24.23 -21.14
N MET A 257 5.60 23.02 -20.60
CA MET A 257 5.58 22.82 -19.14
C MET A 257 6.91 23.23 -18.50
N GLN A 258 8.03 22.84 -19.12
CA GLN A 258 9.36 23.27 -18.69
C GLN A 258 9.52 24.80 -18.71
N ASP A 259 8.95 25.45 -19.71
CA ASP A 259 8.95 26.92 -19.80
C ASP A 259 8.16 27.56 -18.63
N ILE A 260 7.02 26.96 -18.27
CA ILE A 260 6.18 27.46 -17.18
C ILE A 260 6.85 27.22 -15.81
N GLN A 261 7.48 26.05 -15.64
CA GLN A 261 8.20 25.71 -14.40
C GLN A 261 9.36 26.68 -14.10
N LYS A 262 10.07 27.12 -15.14
CA LYS A 262 11.14 28.13 -14.99
C LYS A 262 10.61 29.50 -14.55
N TYR A 263 9.44 29.87 -15.05
CA TYR A 263 8.81 31.16 -14.72
C TYR A 263 8.44 31.27 -13.25
N CYS A 264 7.73 30.26 -12.74
CA CYS A 264 7.29 30.23 -11.33
C CYS A 264 8.31 29.61 -10.37
N GLN A 265 9.29 28.90 -10.91
CA GLN A 265 10.33 28.22 -10.11
C GLN A 265 9.80 27.04 -9.27
N LEU A 266 8.71 26.42 -9.72
CA LEU A 266 8.18 25.20 -9.13
C LEU A 266 8.71 24.01 -9.93
N TYR A 267 9.53 23.17 -9.29
CA TYR A 267 10.13 22.01 -9.95
C TYR A 267 9.68 20.70 -9.29
N PRO A 268 9.29 19.68 -10.10
CA PRO A 268 8.81 18.42 -9.58
C PRO A 268 9.91 17.40 -9.32
N LYS A 269 9.57 16.35 -8.58
CA LYS A 269 10.42 15.16 -8.43
C LYS A 269 9.79 13.95 -9.16
N SER A 270 9.11 14.23 -10.27
CA SER A 270 8.23 13.26 -10.95
C SER A 270 8.21 13.51 -12.46
N GLU A 271 7.92 12.47 -13.23
CA GLU A 271 7.84 12.56 -14.70
C GLU A 271 6.63 13.36 -15.14
N PHE A 272 6.75 13.98 -16.31
CA PHE A 272 5.66 14.73 -16.91
C PHE A 272 4.54 13.78 -17.33
N GLY A 273 3.29 14.18 -17.11
CA GLY A 273 2.13 13.38 -17.50
C GLY A 273 1.82 12.16 -16.64
N SER A 274 2.50 12.02 -15.51
CA SER A 274 2.31 10.88 -14.60
C SER A 274 1.39 11.28 -13.45
N GLN A 275 0.97 10.28 -12.68
CA GLN A 275 0.04 10.49 -11.56
C GLN A 275 0.67 11.21 -10.36
N PRO A 276 1.94 10.89 -10.01
CA PRO A 276 2.64 11.68 -8.97
C PRO A 276 2.80 13.16 -9.29
N TYR A 277 2.96 13.50 -10.58
CA TYR A 277 2.98 14.90 -11.03
C TYR A 277 1.64 15.59 -10.76
N GLU A 278 0.55 14.89 -11.06
CA GLU A 278 -0.81 15.40 -10.81
C GLU A 278 -1.03 15.67 -9.31
N GLN A 279 -0.58 14.76 -8.46
CA GLN A 279 -0.63 14.95 -7.01
C GLN A 279 0.24 16.11 -6.54
N TRP A 280 1.44 16.20 -7.09
CA TRP A 280 2.37 17.29 -6.77
C TRP A 280 1.83 18.66 -7.16
N VAL A 281 1.39 18.79 -8.41
CA VAL A 281 0.95 20.09 -8.96
C VAL A 281 -0.33 20.63 -8.29
N ILE A 282 -1.22 19.71 -7.86
CA ILE A 282 -2.41 20.09 -7.09
C ILE A 282 -2.04 20.51 -5.67
N ARG A 283 -1.17 19.75 -5.02
CA ARG A 283 -0.63 20.12 -3.70
C ARG A 283 0.04 21.49 -3.72
N GLU A 284 0.79 21.76 -4.79
CA GLU A 284 1.52 23.01 -4.95
C GLU A 284 0.57 24.20 -5.22
N GLU A 285 -0.55 23.94 -5.88
CA GLU A 285 -1.62 24.94 -6.06
C GLU A 285 -2.28 25.31 -4.73
N ARG A 286 -2.53 24.31 -3.88
CA ARG A 286 -3.12 24.53 -2.56
C ARG A 286 -2.22 25.34 -1.63
N ARG A 287 -0.95 24.96 -1.56
CA ARG A 287 0.04 25.67 -0.74
C ARG A 287 0.15 27.14 -1.17
N ALA A 288 0.32 27.35 -2.47
CA ALA A 288 0.48 28.71 -3.03
C ALA A 288 -0.74 29.63 -2.81
N ALA A 289 -1.94 29.05 -2.77
CA ALA A 289 -3.17 29.79 -2.47
C ALA A 289 -3.23 30.24 -1.01
N LYS A 290 -2.88 29.33 -0.10
CA LYS A 290 -2.80 29.64 1.34
C LYS A 290 -1.76 30.71 1.68
N GLU A 291 -0.63 30.68 0.97
CA GLU A 291 0.50 31.58 1.25
C GLU A 291 0.48 32.90 0.46
N GLU A 292 -0.65 33.21 -0.20
CA GLU A 292 -0.82 34.43 -1.00
C GLU A 292 0.27 34.56 -2.08
N LYS A 293 0.45 33.48 -2.84
CA LYS A 293 1.41 33.42 -3.93
C LYS A 293 0.65 33.15 -5.22
N ARG A 294 0.05 34.22 -5.75
CA ARG A 294 -0.75 34.17 -6.97
C ARG A 294 0.03 33.66 -8.17
N LYS A 295 1.28 34.10 -8.30
CA LYS A 295 2.16 33.65 -9.38
C LYS A 295 2.34 32.11 -9.39
N GLU A 296 2.56 31.54 -8.21
CA GLU A 296 2.79 30.10 -8.09
C GLU A 296 1.53 29.27 -8.33
N ARG A 297 0.40 29.67 -7.75
CA ARG A 297 -0.84 28.88 -7.88
C ARG A 297 -1.47 28.93 -9.28
N VAL A 298 -1.37 30.08 -9.95
CA VAL A 298 -1.89 30.23 -11.30
C VAL A 298 -1.07 29.38 -12.27
N CYS A 299 0.25 29.43 -12.14
CA CYS A 299 1.13 28.56 -12.94
C CYS A 299 0.87 27.07 -12.67
N ALA A 300 0.67 26.71 -11.41
CA ALA A 300 0.33 25.33 -11.03
C ALA A 300 -1.02 24.89 -11.62
N GLU A 301 -2.01 25.78 -11.60
CA GLU A 301 -3.31 25.53 -12.24
C GLU A 301 -3.17 25.23 -13.74
N HIS A 302 -2.38 26.05 -14.44
CA HIS A 302 -2.12 25.84 -15.86
C HIS A 302 -1.29 24.58 -16.10
N LEU A 303 -0.24 24.38 -15.29
CA LEU A 303 0.60 23.18 -15.36
C LEU A 303 -0.20 21.87 -15.26
N LYS A 304 -1.24 21.86 -14.42
CA LYS A 304 -2.13 20.70 -14.30
C LYS A 304 -2.87 20.41 -15.61
N LYS A 305 -3.37 21.46 -16.26
CA LYS A 305 -4.06 21.33 -17.55
C LYS A 305 -3.15 20.80 -18.66
N TYR A 306 -1.88 21.19 -18.64
CA TYR A 306 -0.88 20.62 -19.55
C TYR A 306 -0.56 19.16 -19.17
N ASN A 307 -0.53 18.86 -17.88
CA ASN A 307 -0.36 17.49 -17.40
C ASN A 307 -1.55 16.59 -17.79
N ASP A 308 -2.76 17.16 -17.85
CA ASP A 308 -3.95 16.46 -18.35
C ASP A 308 -3.82 16.13 -19.84
N ALA A 309 -3.34 17.10 -20.62
CA ALA A 309 -3.16 16.94 -22.07
C ALA A 309 -2.21 15.79 -22.43
N LEU A 310 -1.14 15.61 -21.64
CA LEU A 310 -0.19 14.51 -21.82
C LEU A 310 -0.84 13.14 -21.61
N GLN A 311 -1.51 12.97 -20.47
CA GLN A 311 -2.19 11.70 -20.18
C GLN A 311 -3.42 11.44 -21.08
N ILE A 312 -4.04 12.52 -21.59
CA ILE A 312 -5.03 12.42 -22.66
C ILE A 312 -4.38 11.95 -23.96
N ASN A 313 -3.21 12.50 -24.28
CA ASN A 313 -2.43 12.07 -25.45
C ASN A 313 -2.03 10.60 -25.36
N ASP A 314 -1.75 10.13 -24.14
CA ASP A 314 -1.46 8.70 -23.88
C ASP A 314 -2.66 7.76 -24.15
N THR A 315 -3.88 8.19 -23.80
CA THR A 315 -5.07 7.31 -23.88
C THR A 315 -5.92 7.49 -25.14
N ILE A 316 -6.24 8.74 -25.48
CA ILE A 316 -7.11 9.02 -26.64
C ILE A 316 -6.25 9.74 -27.71
N ARG A 317 -6.80 10.70 -28.46
CA ARG A 317 -6.08 11.33 -29.57
C ARG A 317 -5.65 12.74 -29.23
N MET A 318 -4.63 13.22 -29.92
CA MET A 318 -3.98 14.51 -29.59
C MET A 318 -4.87 15.74 -29.84
N VAL A 319 -5.90 15.60 -30.66
CA VAL A 319 -6.86 16.68 -30.89
C VAL A 319 -7.64 16.95 -29.60
N ASP A 320 -7.90 15.90 -28.82
CA ASP A 320 -8.62 16.02 -27.55
C ASP A 320 -7.76 16.65 -26.47
N ALA A 321 -6.46 16.33 -26.49
CA ALA A 321 -5.47 17.00 -25.63
C ALA A 321 -5.37 18.49 -25.95
N TYR A 322 -5.37 18.81 -27.25
CA TYR A 322 -5.38 20.20 -27.73
C TYR A 322 -6.65 20.94 -27.34
N ASN A 323 -7.80 20.30 -27.56
CA ASN A 323 -9.11 20.89 -27.20
C ASN A 323 -9.28 21.10 -25.68
N HIS A 324 -8.65 20.24 -24.88
CA HIS A 324 -8.64 20.39 -23.42
C HIS A 324 -7.94 21.68 -23.01
N LEU A 325 -6.78 21.92 -23.61
CA LEU A 325 -6.03 23.16 -23.39
C LEU A 325 -6.76 24.35 -24.00
N ASN A 326 -7.17 24.21 -25.26
CA ASN A 326 -7.81 25.29 -26.01
C ASN A 326 -9.09 25.81 -25.33
N ASN A 327 -9.90 24.90 -24.80
CA ASN A 327 -11.13 25.28 -24.08
C ASN A 327 -10.85 25.97 -22.74
N PHE A 328 -9.80 25.53 -22.04
CA PHE A 328 -9.37 26.17 -20.79
C PHE A 328 -9.00 27.63 -21.01
N TYR A 329 -8.20 27.91 -22.03
CA TYR A 329 -7.83 29.28 -22.38
C TYR A 329 -8.99 30.09 -22.97
N LYS A 330 -9.92 29.43 -23.65
CA LYS A 330 -11.18 30.06 -24.08
C LYS A 330 -12.02 30.51 -22.88
N GLU A 331 -12.10 29.64 -21.86
CA GLU A 331 -12.77 29.98 -20.59
C GLU A 331 -12.08 31.12 -19.84
N LEU A 332 -10.74 31.14 -19.87
CA LEU A 332 -9.97 32.26 -19.28
C LEU A 332 -10.23 33.58 -19.99
N LYS A 333 -10.26 33.56 -21.33
CA LYS A 333 -10.61 34.74 -22.14
C LYS A 333 -11.96 35.35 -21.74
N ARG A 334 -12.95 34.50 -21.53
CA ARG A 334 -14.31 34.93 -21.17
C ARG A 334 -14.35 35.61 -19.80
N ARG A 335 -13.73 34.99 -18.80
CA ARG A 335 -13.73 35.51 -17.42
C ARG A 335 -12.89 36.78 -17.25
N LYS A 336 -11.70 36.79 -17.85
CA LYS A 336 -10.76 37.90 -17.69
C LYS A 336 -11.15 39.17 -18.46
N THR A 337 -11.85 39.01 -19.60
CA THR A 337 -12.26 40.15 -20.43
C THR A 337 -13.48 40.86 -19.82
N ALA A 338 -13.43 42.20 -19.80
CA ALA A 338 -14.51 43.02 -19.28
C ALA A 338 -15.65 43.12 -20.30
N GLU A 339 -16.86 42.76 -19.87
CA GLU A 339 -18.05 42.79 -20.72
C GLU A 339 -19.01 43.91 -20.29
N SER A 340 -20.07 44.10 -21.07
CA SER A 340 -21.17 45.00 -20.68
C SER A 340 -22.04 44.34 -19.61
N ASP A 341 -22.88 45.14 -18.96
CA ASP A 341 -23.64 44.75 -17.75
C ASP A 341 -22.70 44.36 -16.61
N ASP A 342 -21.67 45.19 -16.38
CA ASP A 342 -20.71 45.02 -15.30
C ASP A 342 -20.75 46.22 -14.36
N ASP A 343 -20.00 46.14 -13.26
CA ASP A 343 -19.98 47.19 -12.24
C ASP A 343 -19.15 48.39 -12.72
N SER A 349 -7.39 45.97 -13.90
CA SER A 349 -7.49 44.90 -14.89
C SER A 349 -7.30 43.54 -14.24
N LYS A 350 -8.06 42.54 -14.69
CA LYS A 350 -7.99 41.18 -14.17
C LYS A 350 -6.73 40.42 -14.61
N GLN A 351 -6.13 40.84 -15.72
CA GLN A 351 -4.96 40.17 -16.28
C GLN A 351 -3.67 40.61 -15.56
N ASP A 352 -3.08 39.68 -14.82
CA ASP A 352 -1.74 39.86 -14.22
C ASP A 352 -0.64 39.78 -15.28
N GLU A 353 0.61 39.92 -14.83
CA GLU A 353 1.79 39.56 -15.65
C GLU A 353 1.77 38.06 -15.96
N THR A 354 1.59 37.25 -14.92
CA THR A 354 1.54 35.78 -15.03
C THR A 354 0.43 35.30 -15.97
N ASP A 355 -0.75 35.91 -15.86
CA ASP A 355 -1.89 35.60 -16.74
C ASP A 355 -1.56 35.88 -18.21
N GLU A 356 -0.95 37.04 -18.47
CA GLU A 356 -0.55 37.43 -19.82
C GLU A 356 0.63 36.58 -20.31
N PHE A 357 1.57 36.27 -19.42
CA PHE A 357 2.68 35.37 -19.77
C PHE A 357 2.18 34.00 -20.24
N LEU A 358 1.30 33.39 -19.45
CA LEU A 358 0.78 32.05 -19.75
C LEU A 358 -0.14 32.02 -20.97
N MET A 359 -0.93 33.07 -21.18
CA MET A 359 -1.79 33.20 -22.35
C MET A 359 -0.99 33.36 -23.65
N ARG A 360 0.01 34.25 -23.64
CA ARG A 360 0.88 34.46 -24.81
C ARG A 360 1.67 33.20 -25.19
N LEU A 361 2.14 32.49 -24.17
CA LEU A 361 2.82 31.20 -24.34
C LEU A 361 1.97 30.19 -25.11
N PHE A 362 0.69 30.11 -24.77
CA PHE A 362 -0.23 29.19 -25.46
C PHE A 362 -0.47 29.62 -26.91
N HIS A 363 -0.81 30.89 -27.11
CA HIS A 363 -1.07 31.42 -28.47
C HIS A 363 0.14 31.32 -29.41
N ALA A 364 1.35 31.38 -28.85
CA ALA A 364 2.59 31.18 -29.62
C ALA A 364 2.71 29.74 -30.13
N LYS A 365 2.43 28.78 -29.25
CA LYS A 365 2.52 27.35 -29.60
C LYS A 365 1.24 26.77 -30.19
N LYS A 366 0.13 27.51 -30.09
CA LYS A 366 -1.19 27.09 -30.58
C LYS A 366 -1.20 26.65 -32.04
N LYS A 367 -0.46 27.37 -32.89
CA LYS A 367 -0.40 27.10 -34.33
C LYS A 367 0.14 25.70 -34.60
N GLN A 368 1.31 25.41 -34.01
CA GLN A 368 2.00 24.12 -34.20
C GLN A 368 1.25 22.94 -33.61
N LEU A 369 0.73 23.09 -32.40
CA LEU A 369 0.00 22.03 -31.70
C LEU A 369 -1.28 21.64 -32.45
N LYS A 370 -2.03 22.64 -32.91
CA LYS A 370 -3.26 22.42 -33.67
C LYS A 370 -3.01 21.59 -34.93
N GLU A 371 -1.96 21.94 -35.66
CA GLU A 371 -1.64 21.31 -36.95
C GLU A 371 -0.81 20.03 -36.83
N LEU A 372 -0.07 19.89 -35.72
CA LEU A 372 0.57 18.61 -35.38
C LEU A 372 -0.48 17.55 -35.01
N ALA A 373 -1.58 17.98 -34.39
CA ALA A 373 -2.69 17.08 -34.04
C ALA A 373 -3.51 16.55 -35.24
N ARG A 374 -3.39 17.19 -36.40
CA ARG A 374 -4.06 16.71 -37.63
C ARG A 374 -3.26 15.63 -38.38
N LYS A 375 -2.10 15.22 -37.86
CA LYS A 375 -1.28 14.17 -38.47
C LYS A 375 -1.52 12.84 -37.73
N PRO A 376 -2.37 11.95 -38.29
CA PRO A 376 -2.73 10.72 -37.55
C PRO A 376 -1.59 9.69 -37.39
N GLU A 377 -0.52 9.80 -38.18
CA GLU A 377 0.68 8.96 -38.03
C GLU A 377 1.32 9.00 -36.63
N TYR A 378 1.28 10.16 -35.97
CA TYR A 378 1.81 10.33 -34.61
C TYR A 378 0.76 10.14 -33.50
N ASP A 379 -0.47 9.81 -33.89
CA ASP A 379 -1.57 9.57 -32.95
C ASP A 379 -1.30 8.25 -32.21
N ASN A 380 -1.93 8.10 -31.04
CA ASN A 380 -1.82 6.91 -30.19
C ASN A 380 -1.77 5.54 -30.91
N GLU A 381 -0.92 4.63 -30.42
CA GLU A 381 -0.86 3.26 -30.97
C GLU A 381 -2.02 2.36 -30.50
N LYS A 382 -2.52 2.60 -29.28
CA LYS A 382 -3.66 1.81 -28.77
C LYS A 382 -4.92 2.06 -29.61
N LEU A 383 -5.07 3.27 -30.14
CA LEU A 383 -6.18 3.61 -31.04
C LEU A 383 -6.20 2.77 -32.32
N MET A 384 -5.02 2.51 -32.90
CA MET A 384 -4.92 1.62 -34.06
C MET A 384 -5.09 0.15 -33.68
N LYS A 385 -4.61 -0.24 -32.49
CA LYS A 385 -4.89 -1.59 -31.95
C LYS A 385 -6.37 -1.77 -31.67
N LEU A 386 -7.03 -0.72 -31.18
CA LEU A 386 -8.47 -0.70 -30.97
C LEU A 386 -9.22 -0.76 -32.31
N ARG A 387 -8.77 0.05 -33.27
CA ARG A 387 -9.32 0.07 -34.64
C ARG A 387 -9.28 -1.32 -35.28
N ASN A 388 -8.11 -1.94 -35.27
CA ASN A 388 -7.90 -3.25 -35.89
C ASN A 388 -8.71 -4.36 -35.20
N THR A 389 -8.88 -4.27 -33.89
CA THR A 389 -9.71 -5.20 -33.13
C THR A 389 -11.20 -5.03 -33.46
N LEU A 390 -11.65 -3.78 -33.57
CA LEU A 390 -13.05 -3.50 -33.95
C LEU A 390 -13.36 -3.93 -35.38
N MET A 391 -12.48 -3.57 -36.32
CA MET A 391 -12.70 -3.85 -37.74
C MET A 391 -12.83 -5.35 -38.05
N GLU A 392 -11.91 -6.16 -37.52
CA GLU A 392 -11.93 -7.61 -37.73
C GLU A 392 -13.11 -8.32 -37.05
N GLU A 393 -13.60 -7.75 -35.94
CA GLU A 393 -14.67 -8.37 -35.14
C GLU A 393 -16.07 -8.00 -35.63
N PHE A 394 -16.25 -6.76 -36.09
CA PHE A 394 -17.55 -6.31 -36.65
C PHE A 394 -17.85 -6.86 -38.06
N THR A 395 -16.82 -7.23 -38.81
CA THR A 395 -16.98 -7.94 -40.10
C THR A 395 -17.22 -9.46 -39.94
N LYS A 396 -16.97 -9.98 -38.74
CA LYS A 396 -17.01 -11.42 -38.46
C LYS A 396 -18.44 -12.00 -38.47
N THR A 397 -19.41 -11.21 -38.03
CA THR A 397 -20.81 -11.65 -37.92
C THR A 397 -21.75 -10.67 -38.64
N GLU A 398 -22.91 -11.16 -39.06
CA GLU A 398 -23.92 -10.37 -39.77
C GLU A 398 -24.54 -9.26 -38.90
N GLU A 399 -24.83 -9.59 -37.64
CA GLU A 399 -25.53 -8.70 -36.72
C GLU A 399 -24.76 -8.56 -35.40
N PRO A 400 -23.57 -7.94 -35.44
CA PRO A 400 -22.68 -7.88 -34.27
C PRO A 400 -23.12 -6.88 -33.22
N ARG A 401 -22.42 -6.89 -32.08
CA ARG A 401 -22.64 -5.94 -30.99
C ARG A 401 -21.49 -5.98 -29.99
N GLY A 402 -21.16 -4.84 -29.38
CA GLY A 402 -20.02 -4.77 -28.47
C GLY A 402 -19.95 -3.57 -27.55
N ILE A 403 -19.00 -3.64 -26.61
CA ILE A 403 -18.76 -2.60 -25.60
C ILE A 403 -17.24 -2.32 -25.49
N ILE A 404 -16.88 -1.04 -25.43
CA ILE A 404 -15.51 -0.63 -25.09
C ILE A 404 -15.51 -0.02 -23.69
N PHE A 405 -14.85 -0.70 -22.75
CA PHE A 405 -14.68 -0.19 -21.39
C PHE A 405 -13.44 0.71 -21.34
N THR A 406 -13.63 1.93 -20.86
CA THR A 406 -12.55 2.91 -20.69
C THR A 406 -12.66 3.61 -19.34
N LYS A 407 -11.57 4.21 -18.88
CA LYS A 407 -11.51 4.78 -17.52
C LYS A 407 -12.35 6.05 -17.34
N THR A 408 -12.00 7.12 -18.06
CA THR A 408 -12.61 8.44 -17.82
C THR A 408 -13.85 8.68 -18.67
N ARG A 409 -14.70 9.61 -18.19
CA ARG A 409 -15.87 10.07 -18.96
C ARG A 409 -15.43 10.74 -20.25
N GLN A 410 -14.43 11.61 -20.15
CA GLN A 410 -13.84 12.31 -21.31
C GLN A 410 -13.37 11.36 -22.41
N SER A 411 -12.74 10.25 -22.01
CA SER A 411 -12.31 9.22 -22.96
C SER A 411 -13.47 8.47 -23.62
N ALA A 412 -14.58 8.31 -22.91
CA ALA A 412 -15.80 7.73 -23.46
C ALA A 412 -16.40 8.61 -24.57
N LEU A 413 -16.51 9.90 -24.30
CA LEU A 413 -17.02 10.86 -25.29
C LEU A 413 -16.05 11.02 -26.47
N ALA A 414 -14.77 11.12 -26.16
CA ALA A 414 -13.73 11.34 -27.18
C ALA A 414 -13.52 10.15 -28.12
N LEU A 415 -13.67 8.93 -27.60
CA LEU A 415 -13.67 7.72 -28.44
C LEU A 415 -14.91 7.65 -29.35
N TYR A 416 -16.04 8.15 -28.86
CA TYR A 416 -17.26 8.25 -29.66
C TYR A 416 -17.08 9.21 -30.85
N HIS A 417 -16.44 10.35 -30.60
CA HIS A 417 -16.10 11.30 -31.67
C HIS A 417 -15.04 10.73 -32.63
N TRP A 418 -14.04 10.04 -32.07
CA TRP A 418 -13.02 9.34 -32.86
C TRP A 418 -13.62 8.34 -33.86
N ILE A 419 -14.64 7.60 -33.43
CA ILE A 419 -15.35 6.67 -34.31
C ILE A 419 -16.26 7.41 -35.30
N MET A 420 -16.90 8.49 -34.84
CA MET A 420 -17.76 9.32 -35.71
C MET A 420 -16.99 10.12 -36.77
N ASP A 421 -15.81 10.63 -36.42
CA ASP A 421 -14.96 11.39 -37.36
C ASP A 421 -14.05 10.44 -38.16
N ASN A 422 -14.65 9.41 -38.77
CA ASN A 422 -13.92 8.31 -39.40
C ASN A 422 -14.93 7.42 -40.14
N PRO A 423 -15.26 7.75 -41.40
CA PRO A 423 -16.34 7.03 -42.10
C PRO A 423 -16.10 5.54 -42.43
N LYS A 424 -14.88 5.03 -42.24
CA LYS A 424 -14.59 3.61 -42.42
C LYS A 424 -15.25 2.71 -41.35
N PHE A 425 -15.47 3.25 -40.15
CA PHE A 425 -16.27 2.57 -39.12
C PHE A 425 -17.76 2.57 -39.49
N GLU A 426 -18.25 3.72 -39.96
CA GLU A 426 -19.63 3.84 -40.45
C GLU A 426 -19.86 2.97 -41.71
N GLU A 427 -18.82 2.82 -42.53
CA GLU A 427 -18.84 1.94 -43.69
C GLU A 427 -18.97 0.47 -43.30
N VAL A 428 -18.23 0.05 -42.28
CA VAL A 428 -18.21 -1.36 -41.85
C VAL A 428 -19.41 -1.76 -40.96
N GLY A 429 -20.29 -0.80 -40.63
CA GLY A 429 -21.55 -1.09 -39.95
C GLY A 429 -21.65 -0.68 -38.49
N ILE A 430 -20.60 -0.04 -37.97
CA ILE A 430 -20.58 0.40 -36.58
C ILE A 430 -21.38 1.70 -36.42
N LYS A 431 -22.16 1.78 -35.34
CA LYS A 431 -22.97 2.94 -34.99
C LYS A 431 -22.82 3.18 -33.49
N ALA A 432 -21.80 3.94 -33.13
CA ALA A 432 -21.36 4.06 -31.74
C ALA A 432 -22.15 5.08 -30.94
N HIS A 433 -22.16 4.89 -29.62
CA HIS A 433 -22.65 5.90 -28.68
C HIS A 433 -22.03 5.67 -27.30
N PHE A 434 -21.74 6.76 -26.59
CA PHE A 434 -21.16 6.69 -25.25
C PHE A 434 -22.19 6.30 -24.19
N LEU A 435 -21.69 5.86 -23.04
CA LEU A 435 -22.51 5.50 -21.88
C LEU A 435 -21.71 5.76 -20.60
N ILE A 436 -22.13 6.77 -19.83
CA ILE A 436 -21.40 7.18 -18.63
C ILE A 436 -22.34 7.31 -17.43
N GLY A 437 -21.77 7.67 -16.28
CA GLY A 437 -22.51 7.74 -15.01
C GLY A 437 -23.43 8.93 -14.90
N ALA A 438 -24.22 8.93 -13.82
CA ALA A 438 -25.22 9.96 -13.54
C ALA A 438 -24.83 10.93 -12.41
N GLY A 439 -23.68 10.70 -11.78
CA GLY A 439 -23.23 11.54 -10.68
C GLY A 439 -22.73 12.90 -11.15
N HIS A 440 -22.64 13.84 -10.23
CA HIS A 440 -22.22 15.22 -10.54
C HIS A 440 -20.94 15.60 -9.79
N ASN A 441 -20.02 14.65 -9.68
CA ASN A 441 -18.72 14.85 -9.01
C ASN A 441 -17.55 14.75 -9.99
N SER A 442 -17.82 14.94 -11.28
CA SER A 442 -16.79 14.88 -12.32
C SER A 442 -16.70 16.22 -13.05
N GLU A 443 -15.54 16.47 -13.65
CA GLU A 443 -15.35 17.66 -14.48
C GLU A 443 -16.04 17.51 -15.85
N THR A 444 -16.36 16.27 -16.25
CA THR A 444 -17.21 15.99 -17.42
C THR A 444 -18.67 15.85 -16.98
N LYS A 445 -19.59 16.35 -17.80
CA LYS A 445 -21.03 16.32 -17.47
C LYS A 445 -21.63 14.91 -17.56
N PRO A 446 -22.61 14.59 -16.69
CA PRO A 446 -23.19 13.25 -16.68
C PRO A 446 -24.35 13.04 -17.64
N MET A 447 -24.60 11.77 -17.98
CA MET A 447 -25.86 11.34 -18.58
C MET A 447 -26.84 11.12 -17.43
N THR A 448 -28.08 11.54 -17.61
CA THR A 448 -29.14 11.29 -16.61
C THR A 448 -29.53 9.81 -16.61
N GLN A 449 -30.23 9.38 -15.56
CA GLN A 449 -30.74 7.99 -15.48
C GLN A 449 -31.64 7.61 -16.65
N ASN A 450 -32.39 8.58 -17.17
CA ASN A 450 -33.27 8.38 -18.33
C ASN A 450 -32.46 8.22 -19.62
N GLU A 451 -31.45 9.08 -19.81
CA GLU A 451 -30.54 9.02 -20.96
C GLU A 451 -29.74 7.70 -21.00
N GLN A 452 -29.33 7.21 -19.83
CA GLN A 452 -28.72 5.87 -19.71
C GLN A 452 -29.68 4.77 -20.19
N ARG A 453 -30.93 4.84 -19.73
CA ARG A 453 -31.96 3.86 -20.05
C ARG A 453 -32.27 3.81 -21.56
N GLU A 454 -32.27 4.96 -22.22
CA GLU A 454 -32.61 5.02 -23.65
C GLU A 454 -31.49 4.49 -24.55
N VAL A 455 -30.24 4.70 -24.16
CA VAL A 455 -29.08 4.18 -24.91
C VAL A 455 -29.03 2.65 -24.87
N ILE A 456 -29.22 2.06 -23.69
CA ILE A 456 -29.30 0.60 -23.54
C ILE A 456 -30.54 0.00 -24.24
N ASP A 457 -31.65 0.74 -24.28
CA ASP A 457 -32.83 0.33 -25.07
C ASP A 457 -32.56 0.36 -26.59
N LYS A 458 -31.85 1.38 -27.05
CA LYS A 458 -31.41 1.45 -28.44
C LYS A 458 -30.33 0.41 -28.77
N PHE A 459 -29.50 0.07 -27.78
CA PHE A 459 -28.48 -0.97 -27.93
C PHE A 459 -29.08 -2.35 -28.17
N ARG A 460 -30.11 -2.69 -27.39
CA ARG A 460 -30.85 -3.95 -27.57
C ARG A 460 -31.69 -3.94 -28.85
N GLY A 461 -32.23 -2.77 -29.20
CA GLY A 461 -33.01 -2.60 -30.43
C GLY A 461 -32.22 -2.72 -31.72
N GLY A 462 -30.94 -2.36 -31.68
CA GLY A 462 -30.06 -2.41 -32.86
C GLY A 462 -29.69 -1.04 -33.43
N SER A 463 -30.46 -0.01 -33.07
CA SER A 463 -30.17 1.38 -33.45
C SER A 463 -28.73 1.78 -33.11
N ILE A 464 -28.30 1.46 -31.89
CA ILE A 464 -26.91 1.64 -31.46
C ILE A 464 -26.24 0.26 -31.47
N ASN A 465 -25.01 0.23 -31.99
CA ASN A 465 -24.26 -1.03 -32.20
C ASN A 465 -23.09 -1.22 -31.22
N LEU A 466 -22.51 -0.13 -30.74
CA LEU A 466 -21.27 -0.15 -29.96
C LEU A 466 -21.32 0.85 -28.81
N LEU A 467 -21.36 0.34 -27.58
CA LEU A 467 -21.28 1.20 -26.39
C LEU A 467 -19.81 1.49 -26.06
N ILE A 468 -19.51 2.75 -25.77
CA ILE A 468 -18.21 3.13 -25.22
C ILE A 468 -18.48 3.56 -23.78
N ALA A 469 -18.32 2.61 -22.86
CA ALA A 469 -18.80 2.75 -21.50
C ALA A 469 -17.69 2.88 -20.48
N THR A 470 -18.05 3.42 -19.32
CA THR A 470 -17.22 3.39 -18.12
C THR A 470 -17.70 2.20 -17.27
N THR A 471 -17.32 2.13 -16.00
CA THR A 471 -17.77 1.04 -15.11
C THR A 471 -19.29 0.95 -14.91
N VAL A 472 -20.03 1.98 -15.34
CA VAL A 472 -21.50 1.92 -15.46
C VAL A 472 -22.03 0.63 -16.12
N ALA A 473 -21.33 0.16 -17.14
CA ALA A 473 -21.80 -0.95 -17.97
C ALA A 473 -21.46 -2.36 -17.46
N GLU A 474 -20.62 -2.48 -16.43
CA GLU A 474 -20.13 -3.81 -16.04
C GLU A 474 -21.09 -4.62 -15.15
N GLU A 475 -21.69 -4.01 -14.13
CA GLU A 475 -22.56 -4.74 -13.18
C GLU A 475 -24.06 -4.43 -13.30
N GLY A 476 -24.88 -5.45 -13.09
CA GLY A 476 -26.31 -5.29 -12.79
C GLY A 476 -27.26 -5.11 -13.96
N LEU A 477 -27.05 -4.04 -14.72
CA LEU A 477 -27.99 -3.63 -15.76
C LEU A 477 -28.10 -4.66 -16.88
N ASP A 478 -29.28 -4.73 -17.49
CA ASP A 478 -29.58 -5.73 -18.53
C ASP A 478 -29.15 -5.17 -19.87
N ILE A 479 -27.90 -5.48 -20.26
CA ILE A 479 -27.35 -5.11 -21.56
C ILE A 479 -27.40 -6.34 -22.47
N LYS A 480 -27.66 -6.11 -23.76
CA LYS A 480 -27.71 -7.16 -24.79
C LYS A 480 -26.39 -7.92 -24.88
N GLU A 481 -26.47 -9.20 -25.21
CA GLU A 481 -25.30 -10.07 -25.35
C GLU A 481 -24.36 -9.53 -26.43
N CYS A 482 -23.06 -9.46 -26.11
CA CYS A 482 -22.07 -8.85 -26.99
C CYS A 482 -21.18 -9.89 -27.68
N ASN A 483 -20.78 -9.58 -28.91
CA ASN A 483 -19.83 -10.39 -29.67
C ASN A 483 -18.38 -10.01 -29.30
N ILE A 484 -18.21 -8.83 -28.72
CA ILE A 484 -16.89 -8.34 -28.29
C ILE A 484 -17.04 -7.40 -27.09
N VAL A 485 -16.18 -7.57 -26.09
CA VAL A 485 -15.98 -6.53 -25.09
C VAL A 485 -14.48 -6.23 -24.99
N ILE A 486 -14.14 -4.95 -25.12
CA ILE A 486 -12.77 -4.49 -25.08
C ILE A 486 -12.59 -3.68 -23.81
N ARG A 487 -11.56 -4.01 -23.03
CA ARG A 487 -11.16 -3.19 -21.89
C ARG A 487 -10.00 -2.31 -22.36
N TYR A 488 -10.35 -1.09 -22.76
CA TYR A 488 -9.38 -0.16 -23.34
C TYR A 488 -8.62 0.55 -22.24
N GLY A 489 -7.51 -0.06 -21.82
CA GLY A 489 -6.66 0.45 -20.74
C GLY A 489 -7.21 0.29 -19.33
N LEU A 490 -8.46 -0.17 -19.18
CA LEU A 490 -9.13 -0.24 -17.89
C LEU A 490 -8.90 -1.60 -17.26
N VAL A 491 -8.28 -1.60 -16.09
CA VAL A 491 -8.16 -2.79 -15.25
C VAL A 491 -8.50 -2.37 -13.82
N THR A 492 -9.58 -2.94 -13.28
CA THR A 492 -10.04 -2.62 -11.93
C THR A 492 -9.82 -3.82 -11.00
N ASN A 493 -10.87 -4.58 -10.65
CA ASN A 493 -10.73 -5.76 -9.77
C ASN A 493 -11.21 -7.06 -10.44
N GLU A 494 -11.03 -8.17 -9.74
CA GLU A 494 -11.45 -9.49 -10.23
C GLU A 494 -12.96 -9.65 -10.49
N ILE A 495 -13.79 -9.01 -9.66
CA ILE A 495 -15.26 -9.05 -9.81
C ILE A 495 -15.68 -8.34 -11.10
N ALA A 496 -15.13 -7.14 -11.31
CA ALA A 496 -15.42 -6.35 -12.52
C ALA A 496 -14.90 -7.02 -13.79
N MET A 497 -13.81 -7.79 -13.65
CA MET A 497 -13.25 -8.54 -14.77
C MET A 497 -14.24 -9.60 -15.27
N VAL A 498 -14.69 -10.46 -14.36
CA VAL A 498 -15.63 -11.54 -14.71
C VAL A 498 -16.99 -11.00 -15.20
N GLN A 499 -17.41 -9.86 -14.65
CA GLN A 499 -18.63 -9.17 -15.10
C GLN A 499 -18.49 -8.62 -16.51
N ALA A 500 -17.32 -8.07 -16.84
CA ALA A 500 -17.02 -7.60 -18.20
C ALA A 500 -16.98 -8.77 -19.18
N ARG A 501 -16.23 -9.80 -18.82
CA ARG A 501 -16.19 -11.07 -19.56
C ARG A 501 -17.58 -11.74 -19.68
N GLY A 502 -18.43 -11.55 -18.68
CA GLY A 502 -19.82 -12.01 -18.70
C GLY A 502 -20.72 -11.34 -19.74
N ARG A 503 -20.44 -10.08 -20.08
CA ARG A 503 -21.18 -9.38 -21.14
C ARG A 503 -20.94 -10.01 -22.52
N ALA A 504 -19.75 -10.56 -22.73
CA ALA A 504 -19.42 -11.31 -23.95
C ALA A 504 -19.95 -12.72 -23.85
N ARG A 505 -21.20 -12.92 -24.25
CA ARG A 505 -21.83 -14.25 -24.22
C ARG A 505 -22.80 -14.49 -25.39
N ALA A 506 -22.41 -14.05 -26.57
CA ALA A 506 -23.02 -14.47 -27.83
C ALA A 506 -22.16 -15.58 -28.45
N ASP A 507 -22.59 -16.13 -29.58
CA ASP A 507 -21.81 -17.12 -30.31
C ASP A 507 -20.53 -16.49 -30.88
N GLU A 508 -19.41 -17.19 -30.74
CA GLU A 508 -18.10 -16.72 -31.19
C GLU A 508 -17.71 -15.36 -30.56
N SER A 509 -17.99 -15.21 -29.27
CA SER A 509 -17.72 -13.95 -28.55
C SER A 509 -16.27 -13.93 -28.04
N THR A 510 -15.70 -12.72 -27.97
CA THR A 510 -14.32 -12.54 -27.52
C THR A 510 -14.20 -11.45 -26.43
N TYR A 511 -13.18 -11.60 -25.59
CA TYR A 511 -12.81 -10.63 -24.56
C TYR A 511 -11.38 -10.21 -24.83
N ALA A 512 -11.12 -8.90 -24.86
CA ALA A 512 -9.80 -8.38 -25.26
C ALA A 512 -9.34 -7.23 -24.36
N LEU A 513 -8.16 -7.40 -23.76
CA LEU A 513 -7.48 -6.30 -23.07
C LEU A 513 -6.59 -5.58 -24.09
N VAL A 514 -7.01 -4.36 -24.47
CA VAL A 514 -6.17 -3.47 -25.26
C VAL A 514 -5.49 -2.52 -24.28
N ALA A 515 -4.16 -2.51 -24.27
CA ALA A 515 -3.39 -1.69 -23.33
C ALA A 515 -1.95 -1.48 -23.78
N SER A 516 -1.28 -0.52 -23.17
CA SER A 516 0.15 -0.28 -23.40
C SER A 516 0.98 -1.02 -22.36
N SER A 517 2.14 -1.53 -22.78
CA SER A 517 3.07 -2.22 -21.89
C SER A 517 3.65 -1.29 -20.82
N GLY A 518 3.81 -0.01 -21.16
CA GLY A 518 4.28 1.00 -20.20
C GLY A 518 3.34 1.33 -19.05
N SER A 519 2.04 1.15 -19.27
CA SER A 519 1.03 1.49 -18.25
C SER A 519 1.01 0.53 -17.05
N GLY A 520 1.38 -0.73 -17.29
CA GLY A 520 1.34 -1.77 -16.25
C GLY A 520 -0.03 -2.39 -16.02
N ALA A 521 -0.97 -2.12 -16.92
CA ALA A 521 -2.32 -2.70 -16.86
C ALA A 521 -2.32 -4.19 -17.21
N VAL A 522 -1.39 -4.60 -18.05
CA VAL A 522 -1.27 -6.02 -18.43
C VAL A 522 -0.92 -6.86 -17.19
N GLU A 523 0.04 -6.38 -16.40
CA GLU A 523 0.46 -7.08 -15.18
C GLU A 523 -0.65 -7.12 -14.12
N ARG A 524 -1.42 -6.04 -14.00
CA ARG A 524 -2.54 -5.98 -13.05
C ARG A 524 -3.72 -6.87 -13.46
N GLU A 525 -3.92 -7.06 -14.76
CA GLU A 525 -4.87 -8.05 -15.28
C GLU A 525 -4.48 -9.46 -14.85
N ASP A 526 -3.18 -9.79 -14.95
CA ASP A 526 -2.65 -11.10 -14.54
C ASP A 526 -2.84 -11.38 -13.05
N VAL A 527 -2.73 -10.34 -12.22
CA VAL A 527 -2.96 -10.48 -10.77
C VAL A 527 -4.45 -10.75 -10.51
N ASN A 528 -5.34 -10.07 -11.25
CA ASN A 528 -6.78 -10.34 -11.14
C ASN A 528 -7.17 -11.73 -11.67
N ILE A 529 -6.48 -12.23 -12.70
CA ILE A 529 -6.62 -13.62 -13.15
C ILE A 529 -6.15 -14.58 -12.03
N PHE A 530 -5.00 -14.26 -11.45
CA PHE A 530 -4.46 -14.99 -10.30
C PHE A 530 -5.44 -14.97 -9.13
N ARG A 531 -6.01 -13.81 -8.83
CA ARG A 531 -7.01 -13.65 -7.76
C ARG A 531 -8.31 -14.42 -8.05
N GLU A 532 -8.76 -14.43 -9.30
CA GLU A 532 -9.95 -15.19 -9.70
C GLU A 532 -9.75 -16.69 -9.47
N ASN A 533 -8.56 -17.20 -9.76
CA ASN A 533 -8.21 -18.60 -9.51
C ASN A 533 -8.21 -18.91 -8.01
N MET A 534 -7.63 -18.01 -7.21
CA MET A 534 -7.65 -18.14 -5.74
C MET A 534 -9.06 -18.18 -5.17
N MET A 535 -9.96 -17.38 -5.76
CA MET A 535 -11.36 -17.31 -5.35
C MET A 535 -12.07 -18.67 -5.47
N TYR A 536 -11.88 -19.35 -6.60
CA TYR A 536 -12.50 -20.67 -6.82
C TYR A 536 -11.91 -21.72 -5.87
N LYS A 537 -10.60 -21.66 -5.65
CA LYS A 537 -9.93 -22.51 -4.66
C LYS A 537 -10.39 -22.21 -3.23
N ALA A 538 -10.62 -20.93 -2.93
CA ALA A 538 -11.07 -20.49 -1.61
C ALA A 538 -12.52 -20.90 -1.33
N ILE A 539 -13.39 -20.75 -2.33
CA ILE A 539 -14.78 -21.24 -2.25
C ILE A 539 -14.82 -22.76 -2.03
N ARG A 540 -13.97 -23.48 -2.75
CA ARG A 540 -13.86 -24.95 -2.62
C ARG A 540 -13.44 -25.38 -1.21
N ARG A 541 -12.51 -24.64 -0.60
CA ARG A 541 -12.01 -24.97 0.75
C ARG A 541 -13.00 -24.67 1.88
N VAL A 542 -13.72 -23.54 1.80
CA VAL A 542 -14.77 -23.22 2.80
C VAL A 542 -15.96 -24.18 2.74
N GLN A 543 -16.27 -24.68 1.55
CA GLN A 543 -17.30 -25.72 1.38
C GLN A 543 -16.89 -27.05 2.00
N GLU A 544 -15.65 -27.48 1.71
CA GLU A 544 -15.09 -28.72 2.25
C GLU A 544 -14.72 -28.65 3.75
N MET A 545 -14.67 -27.44 4.30
CA MET A 545 -14.41 -27.22 5.73
C MET A 545 -15.48 -27.91 6.58
N PRO A 546 -15.08 -28.59 7.68
CA PRO A 546 -16.09 -29.24 8.53
C PRO A 546 -16.94 -28.23 9.35
N PRO A 547 -18.20 -28.59 9.69
CA PRO A 547 -19.14 -27.66 10.34
C PRO A 547 -18.64 -26.97 11.62
N GLU A 548 -17.92 -27.70 12.47
CA GLU A 548 -17.36 -27.14 13.72
C GLU A 548 -16.33 -26.04 13.45
N GLU A 549 -15.49 -26.24 12.44
CA GLU A 549 -14.47 -25.26 12.05
C GLU A 549 -15.09 -24.02 11.40
N TYR A 550 -16.04 -24.25 10.49
CA TYR A 550 -16.77 -23.18 9.79
C TYR A 550 -17.55 -22.29 10.75
N LEU A 551 -18.35 -22.89 11.63
CA LEU A 551 -19.20 -22.15 12.56
C LEU A 551 -18.41 -21.29 13.57
N ASN A 552 -17.27 -21.82 14.04
CA ASN A 552 -16.38 -21.05 14.93
C ASN A 552 -15.81 -19.82 14.23
N LYS A 553 -15.31 -20.02 13.01
CA LYS A 553 -14.73 -18.92 12.22
C LYS A 553 -15.76 -17.87 11.81
N ILE A 554 -16.97 -18.30 11.46
CA ILE A 554 -18.07 -17.38 11.13
C ILE A 554 -18.46 -16.51 12.32
N GLN A 555 -18.52 -17.11 13.52
CA GLN A 555 -18.83 -16.36 14.75
C GLN A 555 -17.75 -15.35 15.13
N ASP A 556 -16.48 -15.68 14.90
CA ASP A 556 -15.36 -14.75 15.13
C ASP A 556 -15.49 -13.50 14.25
N PHE A 557 -15.73 -13.70 12.96
CA PHE A 557 -15.92 -12.59 12.02
C PHE A 557 -17.17 -11.77 12.34
N GLN A 558 -18.27 -12.44 12.66
CA GLN A 558 -19.51 -11.75 13.06
C GLN A 558 -19.32 -10.89 14.31
N LEU A 559 -18.61 -11.43 15.30
CA LEU A 559 -18.34 -10.72 16.56
C LEU A 559 -17.45 -9.49 16.35
N GLN A 560 -16.39 -9.66 15.56
CA GLN A 560 -15.45 -8.57 15.31
C GLN A 560 -15.97 -7.55 14.28
N SER A 561 -16.96 -7.95 13.47
CA SER A 561 -17.71 -7.02 12.62
C SER A 561 -18.56 -6.03 13.42
N ILE A 562 -19.13 -6.50 14.54
CA ILE A 562 -19.92 -5.65 15.44
C ILE A 562 -19.01 -4.61 16.13
N VAL A 563 -17.84 -5.06 16.56
CA VAL A 563 -16.81 -4.19 17.16
C VAL A 563 -16.33 -3.13 16.15
N GLU A 564 -16.22 -3.51 14.88
CA GLU A 564 -15.77 -2.61 13.81
C GLU A 564 -16.65 -1.35 13.68
N LYS A 565 -17.96 -1.49 13.83
CA LYS A 565 -18.89 -0.35 13.75
C LYS A 565 -18.94 0.46 15.04
N GLN A 566 -18.73 -0.20 16.19
CA GLN A 566 -18.56 0.51 17.47
C GLN A 566 -17.36 1.46 17.45
N MET A 567 -16.30 1.05 16.76
CA MET A 567 -15.10 1.90 16.59
C MET A 567 -15.38 3.09 15.70
N LYS A 568 -15.96 2.85 14.51
CA LYS A 568 -16.32 3.92 13.58
C LYS A 568 -17.40 4.86 14.13
N ALA A 569 -18.25 4.34 15.01
CA ALA A 569 -19.22 5.17 15.75
C ALA A 569 -18.49 6.17 16.66
N LYS A 570 -17.51 5.69 17.41
CA LYS A 570 -16.68 6.56 18.28
C LYS A 570 -15.78 7.51 17.50
N ARG A 571 -15.36 7.12 16.29
CA ARG A 571 -14.62 8.01 15.39
C ARG A 571 -15.50 9.19 14.93
N ASP A 572 -16.71 8.88 14.49
CA ASP A 572 -17.66 9.90 14.00
C ASP A 572 -18.30 10.79 15.09
N GLN A 573 -18.17 10.37 16.36
CA GLN A 573 -18.71 11.15 17.49
C GLN A 573 -17.87 12.41 17.84
N ARG A 574 -16.69 12.55 17.23
CA ARG A 574 -15.85 13.75 17.40
C ARG A 574 -16.57 15.04 17.01
N ILE A 584 -14.52 34.13 11.60
CA ILE A 584 -13.76 33.81 10.40
C ILE A 584 -14.10 34.73 9.23
N THR A 585 -13.17 34.84 8.28
CA THR A 585 -13.39 35.59 7.04
C THR A 585 -12.98 34.75 5.83
N PHE A 586 -13.51 35.13 4.67
CA PHE A 586 -13.27 34.42 3.41
C PHE A 586 -12.47 35.28 2.44
N LEU A 587 -11.28 34.79 2.08
CA LEU A 587 -10.42 35.41 1.07
C LEU A 587 -10.53 34.65 -0.25
N CYS A 588 -10.42 35.38 -1.36
CA CYS A 588 -10.39 34.78 -2.71
C CYS A 588 -9.07 34.06 -2.89
N LYS A 589 -9.11 32.78 -3.27
CA LYS A 589 -7.91 31.93 -3.37
C LYS A 589 -6.82 32.47 -4.30
N ASN A 590 -7.23 33.18 -5.36
CA ASN A 590 -6.31 33.71 -6.35
C ASN A 590 -5.66 35.02 -5.91
N CYS A 591 -6.48 36.02 -5.57
CA CYS A 591 -5.99 37.37 -5.27
C CYS A 591 -6.05 37.82 -3.79
N HIS A 592 -6.60 36.96 -2.92
CA HIS A 592 -6.60 37.21 -1.45
C HIS A 592 -7.39 38.44 -0.95
N LYS A 593 -8.34 38.93 -1.76
CA LYS A 593 -9.17 40.08 -1.36
C LYS A 593 -10.19 39.63 -0.32
N LEU A 594 -10.42 40.47 0.67
CA LEU A 594 -11.43 40.23 1.70
C LEU A 594 -12.82 40.34 1.08
N ILE A 595 -13.67 39.35 1.34
CA ILE A 595 -14.97 39.22 0.66
C ILE A 595 -16.12 39.08 1.66
N CYS A 596 -16.13 37.97 2.41
CA CYS A 596 -17.17 37.70 3.40
C CYS A 596 -16.60 37.57 4.81
N SER A 597 -17.50 37.69 5.78
CA SER A 597 -17.28 37.20 7.14
C SER A 597 -18.06 35.90 7.30
N GLY A 598 -17.79 35.18 8.38
CA GLY A 598 -18.57 33.98 8.73
C GLY A 598 -20.03 34.28 9.06
N GLU A 599 -20.29 35.49 9.54
CA GLU A 599 -21.66 35.95 9.83
C GLU A 599 -22.55 36.07 8.58
N ASP A 600 -21.95 36.36 7.42
CA ASP A 600 -22.71 36.60 6.18
C ASP A 600 -23.32 35.33 5.56
N ILE A 601 -22.77 34.16 5.87
CA ILE A 601 -23.20 32.91 5.21
C ILE A 601 -24.47 32.35 5.86
N GLN A 602 -25.39 31.89 5.01
CA GLN A 602 -26.59 31.14 5.43
C GLN A 602 -26.83 29.98 4.47
N VAL A 603 -27.58 28.98 4.93
CA VAL A 603 -27.81 27.74 4.17
C VAL A 603 -29.24 27.67 3.62
N ILE A 604 -29.39 27.10 2.44
CA ILE A 604 -30.69 26.89 1.78
C ILE A 604 -30.87 25.40 1.52
N GLU A 605 -32.00 24.85 1.96
CA GLU A 605 -32.29 23.40 1.93
C GLU A 605 -31.28 22.54 2.72
N ASN A 606 -30.60 23.17 3.70
CA ASN A 606 -29.54 22.54 4.49
C ASN A 606 -28.39 21.93 3.63
N MET A 607 -28.07 22.59 2.51
CA MET A 607 -26.99 22.13 1.61
C MET A 607 -26.27 23.25 0.84
N HIS A 608 -27.00 24.16 0.21
CA HIS A 608 -26.42 25.25 -0.57
C HIS A 608 -26.15 26.49 0.30
N HIS A 609 -24.88 26.88 0.41
CA HIS A 609 -24.47 28.04 1.21
C HIS A 609 -24.49 29.31 0.37
N VAL A 610 -25.00 30.39 0.95
CA VAL A 610 -25.23 31.66 0.25
C VAL A 610 -24.82 32.85 1.13
N SER A 611 -24.13 33.82 0.53
CA SER A 611 -23.76 35.05 1.23
C SER A 611 -24.93 36.03 1.21
N VAL A 612 -25.18 36.67 2.36
CA VAL A 612 -26.31 37.59 2.53
C VAL A 612 -25.80 38.97 3.02
N LYS A 613 -24.69 39.43 2.45
CA LYS A 613 -24.18 40.77 2.75
C LYS A 613 -24.93 41.78 1.88
N LYS A 614 -25.26 42.92 2.47
CA LYS A 614 -26.16 43.91 1.84
C LYS A 614 -25.63 44.48 0.51
N ASP A 615 -24.31 44.66 0.43
CA ASP A 615 -23.66 45.18 -0.79
C ASP A 615 -22.65 44.18 -1.34
N PHE A 616 -23.08 42.92 -1.47
CA PHE A 616 -22.24 41.84 -2.00
C PHE A 616 -22.09 41.91 -3.53
N GLN A 617 -23.11 42.45 -4.20
CA GLN A 617 -23.14 42.62 -5.67
C GLN A 617 -21.90 43.31 -6.26
N HIS A 618 -21.35 44.27 -5.53
CA HIS A 618 -20.20 45.07 -6.01
C HIS A 618 -18.88 44.31 -6.05
N LEU A 619 -18.77 43.19 -5.34
CA LEU A 619 -17.54 42.37 -5.31
C LEU A 619 -17.45 41.28 -6.39
N TYR A 620 -18.51 41.05 -7.17
CA TYR A 620 -18.49 40.01 -8.21
C TYR A 620 -19.11 40.43 -9.55
N HIS A 621 -18.73 39.70 -10.60
CA HIS A 621 -19.32 39.83 -11.95
C HIS A 621 -20.04 38.54 -12.34
N LYS A 622 -20.85 38.64 -13.39
CA LYS A 622 -21.66 37.53 -13.90
C LYS A 622 -21.23 37.12 -15.31
N ARG A 623 -21.10 35.82 -15.54
CA ARG A 623 -20.77 35.26 -16.86
C ARG A 623 -21.55 33.96 -17.08
N GLU A 624 -22.08 33.77 -18.30
CA GLU A 624 -22.70 32.50 -18.68
C GLU A 624 -21.64 31.52 -19.21
N ASN A 625 -21.93 30.23 -19.12
CA ASN A 625 -21.06 29.18 -19.67
C ASN A 625 -21.39 28.91 -21.14
N GLN A 636 -29.10 26.18 -9.84
CA GLN A 636 -30.43 26.41 -10.41
C GLN A 636 -30.45 27.44 -11.55
N THR A 637 -29.31 28.07 -11.83
CA THR A 637 -29.17 29.02 -12.94
C THR A 637 -27.76 28.94 -13.53
N ASN A 638 -27.66 28.94 -14.85
CA ASN A 638 -26.37 28.87 -15.56
C ASN A 638 -25.76 30.26 -15.73
N VAL A 639 -25.32 30.84 -14.62
CA VAL A 639 -24.62 32.12 -14.59
C VAL A 639 -23.57 32.02 -13.49
N GLU A 640 -22.29 32.13 -13.87
CA GLU A 640 -21.19 32.10 -12.91
C GLU A 640 -21.14 33.36 -12.06
N ILE A 641 -20.52 33.22 -10.90
CA ILE A 641 -20.14 34.35 -10.06
C ILE A 641 -18.62 34.34 -10.05
N ILE A 642 -18.02 35.40 -10.60
CA ILE A 642 -16.56 35.52 -10.63
C ILE A 642 -16.09 36.77 -9.91
N CYS A 643 -14.85 36.73 -9.43
CA CYS A 643 -14.21 37.84 -8.73
C CYS A 643 -14.15 39.07 -9.65
N LYS A 644 -14.43 40.24 -9.09
CA LYS A 644 -14.34 41.50 -9.84
C LYS A 644 -12.88 41.80 -10.21
N ASP A 645 -11.99 41.69 -9.23
CA ASP A 645 -10.59 42.07 -9.36
C ASP A 645 -9.73 41.09 -10.17
N CYS A 646 -10.08 39.79 -10.15
CA CYS A 646 -9.25 38.75 -10.80
C CYS A 646 -9.96 37.69 -11.67
N GLY A 647 -11.30 37.69 -11.70
CA GLY A 647 -12.06 36.70 -12.48
C GLY A 647 -12.02 35.25 -12.00
N GLN A 648 -11.70 35.02 -10.73
CA GLN A 648 -11.73 33.68 -10.13
C GLN A 648 -13.17 33.26 -9.91
N VAL A 649 -13.49 32.01 -10.26
CA VAL A 649 -14.83 31.47 -10.04
C VAL A 649 -15.09 31.40 -8.54
N TRP A 650 -16.22 31.92 -8.08
CA TRP A 650 -16.68 31.73 -6.70
C TRP A 650 -17.85 30.74 -6.63
N GLY A 651 -18.73 30.77 -7.63
CA GLY A 651 -19.78 29.75 -7.75
C GLY A 651 -20.80 30.07 -8.84
N ASN A 652 -22.06 30.27 -8.44
CA ASN A 652 -23.13 30.62 -9.39
C ASN A 652 -24.31 31.31 -8.70
N MET A 653 -25.07 32.07 -9.49
CA MET A 653 -26.32 32.69 -9.03
C MET A 653 -27.42 31.62 -9.01
N MET A 654 -28.39 31.82 -8.12
CA MET A 654 -29.56 30.95 -8.04
C MET A 654 -30.79 31.75 -7.61
N VAL A 655 -31.96 31.31 -8.07
CA VAL A 655 -33.24 31.93 -7.71
C VAL A 655 -33.87 31.06 -6.62
N TYR A 656 -34.31 31.71 -5.54
CA TYR A 656 -34.97 31.02 -4.42
C TYR A 656 -35.93 31.98 -3.74
N ARG A 657 -37.22 31.61 -3.70
CA ARG A 657 -38.32 32.47 -3.26
C ARG A 657 -38.39 33.81 -4.02
N GLY A 658 -38.09 33.76 -5.32
CA GLY A 658 -38.07 34.95 -6.16
C GLY A 658 -36.98 35.97 -5.87
N LEU A 659 -35.86 35.51 -5.29
CA LEU A 659 -34.72 36.37 -4.95
C LEU A 659 -33.44 35.84 -5.61
N ASP A 660 -32.73 36.70 -6.32
CA ASP A 660 -31.44 36.37 -6.92
C ASP A 660 -30.38 36.31 -5.82
N LEU A 661 -29.89 35.10 -5.54
CA LEU A 661 -28.95 34.86 -4.43
C LEU A 661 -27.65 34.24 -4.93
N PRO A 662 -26.49 34.68 -4.40
CA PRO A 662 -25.20 34.15 -4.82
C PRO A 662 -24.75 32.90 -4.06
N CYS A 663 -24.63 31.77 -4.76
CA CYS A 663 -24.14 30.53 -4.16
C CYS A 663 -22.62 30.45 -4.27
N LEU A 664 -21.94 30.31 -3.12
CA LEU A 664 -20.49 30.26 -3.05
C LEU A 664 -20.00 28.82 -2.87
N LYS A 665 -19.30 28.29 -3.86
CA LYS A 665 -18.63 26.99 -3.74
C LYS A 665 -17.37 27.15 -2.87
N ILE A 666 -17.28 26.33 -1.82
CA ILE A 666 -16.18 26.38 -0.84
C ILE A 666 -14.78 26.19 -1.44
N ARG A 667 -14.68 25.40 -2.51
CA ARG A 667 -13.40 25.08 -3.19
C ARG A 667 -12.58 26.33 -3.55
N ASN A 668 -13.28 27.43 -3.85
CA ASN A 668 -12.67 28.62 -4.43
C ASN A 668 -12.15 29.68 -3.44
N PHE A 669 -12.19 29.40 -2.13
CA PHE A 669 -11.85 30.39 -1.10
C PHE A 669 -10.79 29.90 -0.14
N VAL A 670 -9.94 30.82 0.31
CA VAL A 670 -9.05 30.61 1.44
C VAL A 670 -9.78 31.14 2.67
N VAL A 671 -10.09 30.25 3.60
CA VAL A 671 -10.80 30.61 4.83
C VAL A 671 -9.75 31.03 5.85
N ALA A 672 -9.89 32.25 6.38
CA ALA A 672 -8.96 32.82 7.35
C ALA A 672 -9.53 32.76 8.76
N PHE A 673 -8.86 32.02 9.65
CA PHE A 673 -9.20 31.96 11.07
C PHE A 673 -8.45 33.03 11.86
N GLU A 674 -9.06 33.49 12.95
CA GLU A 674 -8.48 34.54 13.81
C GLU A 674 -8.22 33.98 15.22
N ASP A 675 -7.18 33.17 15.33
CA ASP A 675 -6.79 32.54 16.60
C ASP A 675 -5.35 32.01 16.56
N THR A 679 -3.50 31.34 10.83
CA THR A 679 -3.99 30.06 10.29
C THR A 679 -4.92 30.30 9.09
N LYS A 680 -4.55 29.72 7.95
CA LYS A 680 -5.36 29.78 6.72
C LYS A 680 -5.48 28.38 6.13
N GLU A 681 -6.70 28.00 5.75
CA GLU A 681 -6.99 26.65 5.24
C GLU A 681 -7.96 26.72 4.06
N ILE A 682 -7.91 25.70 3.20
CA ILE A 682 -8.86 25.53 2.09
C ILE A 682 -9.57 24.18 2.27
N PHE A 683 -10.85 24.15 1.93
CA PHE A 683 -11.69 22.96 2.10
C PHE A 683 -12.39 22.63 0.79
N LYS A 684 -12.58 21.33 0.55
CA LYS A 684 -13.32 20.85 -0.64
C LYS A 684 -14.84 20.83 -0.43
N LYS A 685 -15.27 20.63 0.82
CA LYS A 685 -16.69 20.58 1.19
C LYS A 685 -16.99 21.52 2.36
N TRP A 686 -18.21 22.05 2.39
CA TRP A 686 -18.66 22.90 3.51
C TRP A 686 -18.74 22.15 4.84
N GLY A 687 -19.02 20.84 4.78
CA GLY A 687 -19.04 19.98 5.97
C GLY A 687 -17.70 19.81 6.67
N GLU A 688 -16.59 20.02 5.95
CA GLU A 688 -15.23 19.96 6.52
C GLU A 688 -14.91 21.11 7.48
N LEU A 689 -15.59 22.26 7.32
CA LEU A 689 -15.47 23.37 8.29
C LEU A 689 -16.01 22.95 9.66
N PRO A 690 -15.46 23.51 10.75
CA PRO A 690 -15.98 23.24 12.10
C PRO A 690 -17.09 24.21 12.54
N ILE A 691 -17.88 24.71 11.59
CA ILE A 691 -18.85 25.79 11.81
C ILE A 691 -20.21 25.35 11.26
N ILE A 692 -21.26 25.47 12.08
CA ILE A 692 -22.64 25.25 11.65
C ILE A 692 -23.21 26.62 11.28
N PHE A 693 -23.93 26.68 10.16
CA PHE A 693 -24.50 27.94 9.64
C PHE A 693 -26.03 27.97 9.80
N PRO A 694 -26.64 29.18 9.81
CA PRO A 694 -28.11 29.28 9.97
C PRO A 694 -28.92 28.94 8.71
N ASP A 695 -30.24 29.00 8.83
CA ASP A 695 -31.14 28.75 7.70
C ASP A 695 -31.13 29.91 6.71
N GLY D 4 49.68 -14.26 -5.54
CA GLY D 4 49.58 -14.66 -6.98
C GLY D 4 50.10 -13.59 -7.93
N ASP D 5 49.32 -13.30 -8.98
CA ASP D 5 49.59 -12.18 -9.89
C ASP D 5 48.25 -11.64 -10.42
N LEU D 6 48.16 -10.33 -10.59
CA LEU D 6 46.88 -9.67 -10.84
C LEU D 6 46.41 -9.82 -12.29
N THR D 7 45.54 -10.80 -12.51
CA THR D 7 44.90 -11.04 -13.81
C THR D 7 43.40 -11.25 -13.63
N LEU D 8 42.66 -11.08 -14.72
CA LEU D 8 41.22 -11.29 -14.74
C LEU D 8 40.85 -12.48 -15.61
N ARG D 9 39.75 -13.13 -15.25
CA ARG D 9 39.13 -14.16 -16.09
C ARG D 9 38.41 -13.46 -17.24
N ASP D 10 38.09 -14.21 -18.30
CA ASP D 10 37.51 -13.61 -19.51
C ASP D 10 36.16 -12.93 -19.26
N TYR D 11 35.31 -13.54 -18.42
CA TYR D 11 34.03 -12.92 -18.04
C TYR D 11 34.21 -11.65 -17.19
N GLN D 12 35.26 -11.62 -16.36
CA GLN D 12 35.60 -10.43 -15.57
C GLN D 12 36.12 -9.27 -16.43
N MET D 13 36.93 -9.60 -17.45
CA MET D 13 37.48 -8.59 -18.36
C MET D 13 36.41 -7.94 -19.24
N GLU D 14 35.44 -8.74 -19.68
CA GLU D 14 34.29 -8.26 -20.47
C GLU D 14 33.49 -7.14 -19.78
N VAL D 15 33.34 -7.25 -18.47
CA VAL D 15 32.57 -6.27 -17.68
C VAL D 15 33.46 -5.10 -17.21
N ALA D 16 34.76 -5.36 -17.06
CA ALA D 16 35.72 -4.32 -16.64
C ALA D 16 36.11 -3.34 -17.75
N LYS D 17 36.16 -3.82 -19.00
CA LYS D 17 36.70 -3.03 -20.14
C LYS D 17 36.29 -1.55 -20.24
N PRO D 18 34.97 -1.25 -20.10
CA PRO D 18 34.56 0.16 -20.09
C PRO D 18 35.18 0.99 -18.97
N ALA D 19 35.28 0.42 -17.76
CA ALA D 19 35.94 1.08 -16.63
C ALA D 19 37.45 1.30 -16.85
N LEU D 20 38.08 0.42 -17.61
CA LEU D 20 39.50 0.56 -17.97
C LEU D 20 39.74 1.66 -19.02
N ASN D 21 38.69 2.03 -19.76
CA ASN D 21 38.72 3.14 -20.73
C ASN D 21 38.19 4.47 -20.14
N GLY D 22 37.97 4.53 -18.82
CA GLY D 22 37.57 5.78 -18.15
C GLY D 22 36.07 6.04 -18.01
N GLU D 23 35.22 5.21 -18.62
CA GLU D 23 33.77 5.40 -18.56
C GLU D 23 33.18 4.95 -17.22
N ASN D 24 32.21 5.70 -16.72
CA ASN D 24 31.47 5.35 -15.51
C ASN D 24 30.51 4.19 -15.80
N ILE D 25 30.55 3.13 -15.00
CA ILE D 25 29.68 1.97 -15.19
C ILE D 25 29.22 1.33 -13.89
N ILE D 26 28.13 0.55 -13.99
CA ILE D 26 27.71 -0.37 -12.95
C ILE D 26 28.08 -1.77 -13.46
N ILE D 27 28.81 -2.52 -12.63
CA ILE D 27 29.15 -3.92 -12.93
C ILE D 27 28.23 -4.83 -12.13
N CYS D 28 27.47 -5.66 -12.83
CA CYS D 28 26.59 -6.67 -12.22
C CYS D 28 27.22 -8.07 -12.38
N LEU D 29 27.73 -8.61 -11.28
CA LEU D 29 28.34 -9.95 -11.24
C LEU D 29 27.73 -10.75 -10.09
N PRO D 30 27.36 -12.03 -10.32
CA PRO D 30 26.81 -12.88 -9.24
C PRO D 30 27.72 -13.03 -8.01
N THR D 31 27.16 -13.62 -6.95
CA THR D 31 27.93 -13.95 -5.76
C THR D 31 28.86 -15.15 -6.06
N GLY D 32 30.13 -15.00 -5.69
CA GLY D 32 31.19 -15.96 -6.04
C GLY D 32 31.94 -15.66 -7.34
N SER D 33 31.60 -14.56 -8.01
CA SER D 33 32.19 -14.21 -9.31
C SER D 33 33.50 -13.42 -9.22
N GLY D 34 33.73 -12.77 -8.08
CA GLY D 34 34.95 -12.00 -7.85
C GLY D 34 34.84 -10.56 -8.28
N LYS D 35 33.78 -9.89 -7.81
CA LYS D 35 33.56 -8.47 -8.09
C LYS D 35 34.65 -7.57 -7.50
N THR D 36 35.16 -7.93 -6.33
CA THR D 36 36.20 -7.15 -5.66
C THR D 36 37.56 -7.28 -6.34
N ARG D 37 37.84 -8.46 -6.91
CA ARG D 37 39.05 -8.67 -7.73
C ARG D 37 39.04 -7.79 -8.99
N VAL D 38 37.86 -7.58 -9.56
CA VAL D 38 37.69 -6.65 -10.68
C VAL D 38 37.96 -5.20 -10.24
N ALA D 39 37.50 -4.86 -9.03
CA ALA D 39 37.77 -3.54 -8.45
C ALA D 39 39.27 -3.27 -8.24
N VAL D 40 40.03 -4.30 -7.84
CA VAL D 40 41.49 -4.17 -7.66
C VAL D 40 42.20 -3.99 -8.99
N TYR D 41 41.84 -4.80 -9.99
CA TYR D 41 42.41 -4.69 -11.34
C TYR D 41 42.17 -3.31 -11.95
N ILE D 42 40.96 -2.80 -11.77
CA ILE D 42 40.58 -1.45 -12.23
C ILE D 42 41.33 -0.38 -11.43
N THR D 43 41.48 -0.59 -10.12
CA THR D 43 42.25 0.32 -9.26
C THR D 43 43.72 0.40 -9.65
N LYS D 44 44.36 -0.75 -9.89
CA LYS D 44 45.76 -0.78 -10.31
C LYS D 44 45.95 -0.19 -11.72
N ASP D 45 45.10 -0.59 -12.65
CA ASP D 45 45.12 -0.07 -14.02
C ASP D 45 44.94 1.45 -14.06
N HIS D 46 43.99 1.95 -13.27
CA HIS D 46 43.73 3.39 -13.16
C HIS D 46 44.94 4.16 -12.65
N LEU D 47 45.56 3.66 -11.59
CA LEU D 47 46.71 4.32 -10.98
C LEU D 47 47.99 4.21 -11.83
N ASP D 48 48.23 3.03 -12.41
CA ASP D 48 49.40 2.82 -13.28
C ASP D 48 49.42 3.78 -14.49
N LYS D 49 48.25 4.05 -15.05
CA LYS D 49 48.10 5.03 -16.14
C LYS D 49 48.36 6.46 -15.68
N LYS D 50 47.89 6.80 -14.48
CA LYS D 50 48.12 8.13 -13.89
C LYS D 50 49.60 8.41 -13.60
N ARG D 51 50.36 7.37 -13.24
CA ARG D 51 51.81 7.50 -13.06
C ARG D 51 52.53 7.72 -14.39
N LYS D 52 52.23 6.89 -15.39
CA LYS D 52 52.82 7.00 -16.73
C LYS D 52 52.53 8.34 -17.42
N ALA D 53 51.37 8.93 -17.14
CA ALA D 53 50.98 10.24 -17.69
C ALA D 53 51.40 11.44 -16.80
N SER D 54 52.18 11.19 -15.75
CA SER D 54 52.65 12.23 -14.82
C SER D 54 51.48 13.02 -14.20
N GLU D 55 50.49 12.30 -13.70
CA GLU D 55 49.26 12.88 -13.18
C GLU D 55 48.94 12.40 -11.76
N GLN D 56 48.01 13.10 -11.13
CA GLN D 56 47.54 12.79 -9.77
C GLN D 56 46.49 11.67 -9.80
N GLY D 57 46.85 10.50 -9.26
CA GLY D 57 45.95 9.36 -9.15
C GLY D 57 45.56 9.12 -7.71
N LYS D 58 44.26 8.93 -7.46
CA LYS D 58 43.75 8.68 -6.10
C LYS D 58 42.39 7.96 -6.15
N VAL D 59 42.30 6.82 -5.46
CA VAL D 59 41.13 5.95 -5.49
C VAL D 59 40.54 5.83 -4.08
N ILE D 60 39.21 5.89 -4.00
CA ILE D 60 38.50 5.61 -2.75
C ILE D 60 37.46 4.51 -2.97
N VAL D 61 37.47 3.51 -2.09
CA VAL D 61 36.58 2.36 -2.18
C VAL D 61 35.60 2.44 -1.02
N LEU D 62 34.33 2.72 -1.32
CA LEU D 62 33.30 2.91 -0.29
C LEU D 62 32.54 1.61 -0.05
N VAL D 63 32.38 1.24 1.22
CA VAL D 63 31.62 0.05 1.64
C VAL D 63 30.51 0.43 2.61
N ASN D 64 29.58 -0.50 2.84
CA ASN D 64 28.42 -0.27 3.72
C ASN D 64 28.47 -1.01 5.07
N LYS D 65 29.54 -1.79 5.30
CA LYS D 65 29.75 -2.46 6.59
C LYS D 65 31.20 -2.29 7.04
N VAL D 66 31.42 -2.28 8.36
CA VAL D 66 32.75 -2.04 8.94
C VAL D 66 33.73 -3.17 8.67
N PRO D 67 33.32 -4.46 8.85
CA PRO D 67 34.21 -5.58 8.53
C PRO D 67 34.71 -5.64 7.09
N LEU D 68 33.95 -5.08 6.14
CA LEU D 68 34.34 -5.08 4.72
C LEU D 68 35.57 -4.23 4.41
N VAL D 69 35.85 -3.23 5.24
CA VAL D 69 37.09 -2.44 5.15
C VAL D 69 38.30 -3.36 5.35
N GLU D 70 38.30 -4.05 6.50
CA GLU D 70 39.33 -5.04 6.84
C GLU D 70 39.38 -6.20 5.82
N GLN D 71 38.21 -6.69 5.43
CA GLN D 71 38.11 -7.83 4.51
C GLN D 71 38.68 -7.52 3.12
N HIS D 72 38.36 -6.35 2.58
CA HIS D 72 38.87 -5.94 1.26
C HIS D 72 40.38 -5.64 1.26
N LEU D 73 40.93 -5.26 2.41
CA LEU D 73 42.38 -5.10 2.56
C LEU D 73 43.11 -6.45 2.46
N ARG D 74 42.76 -7.40 3.33
CA ARG D 74 43.45 -8.69 3.41
C ARG D 74 43.37 -9.50 2.12
N LYS D 75 42.13 -9.73 1.65
CA LYS D 75 41.88 -10.64 0.54
C LYS D 75 42.22 -10.08 -0.84
N GLU D 76 42.09 -8.77 -1.03
CA GLU D 76 42.13 -8.17 -2.37
C GLU D 76 43.14 -7.04 -2.54
N PHE D 77 42.96 -5.93 -1.82
CA PHE D 77 43.69 -4.69 -2.12
C PHE D 77 45.16 -4.67 -1.68
N ASN D 78 45.48 -5.06 -0.46
CA ASN D 78 46.89 -5.07 0.01
C ASN D 78 47.81 -6.05 -0.73
N PRO D 79 47.37 -7.31 -0.95
CA PRO D 79 48.21 -8.26 -1.70
C PRO D 79 48.73 -7.78 -3.06
N PHE D 80 47.91 -7.01 -3.80
CA PHE D 80 48.26 -6.54 -5.15
C PHE D 80 48.71 -5.08 -5.25
N LEU D 81 48.39 -4.24 -4.25
CA LEU D 81 48.72 -2.80 -4.29
C LEU D 81 49.68 -2.29 -3.20
N LYS D 82 49.84 -3.02 -2.09
CA LYS D 82 50.60 -2.51 -0.93
C LYS D 82 52.07 -2.21 -1.24
N HIS D 83 52.70 -3.05 -2.05
CA HIS D 83 54.10 -2.86 -2.43
C HIS D 83 54.31 -1.69 -3.43
N TRP D 84 53.27 -1.33 -4.17
CA TRP D 84 53.35 -0.29 -5.20
C TRP D 84 52.76 1.07 -4.78
N TYR D 85 51.65 1.05 -4.04
CA TYR D 85 50.94 2.28 -3.62
C TYR D 85 50.67 2.31 -2.12
N GLN D 86 50.32 3.49 -1.62
CA GLN D 86 49.95 3.67 -0.22
C GLN D 86 48.46 3.34 -0.01
N VAL D 87 48.20 2.29 0.76
CA VAL D 87 46.87 1.72 0.95
C VAL D 87 46.48 1.80 2.43
N ILE D 88 45.21 2.06 2.70
CA ILE D 88 44.72 2.17 4.08
C ILE D 88 43.23 1.83 4.21
N GLY D 89 42.88 1.17 5.32
CA GLY D 89 41.49 0.90 5.72
C GLY D 89 41.12 1.79 6.90
N LEU D 90 39.92 2.36 6.85
CA LEU D 90 39.48 3.35 7.82
C LEU D 90 37.98 3.19 8.12
N SER D 91 37.60 3.35 9.39
CA SER D 91 36.18 3.39 9.78
C SER D 91 35.98 4.20 11.06
N GLY D 92 34.71 4.33 11.48
CA GLY D 92 34.35 4.96 12.74
C GLY D 92 34.84 4.19 13.96
N ASP D 93 34.93 2.87 13.85
CA ASP D 93 35.39 2.01 14.95
C ASP D 93 36.88 2.21 15.23
N SER D 94 37.68 2.25 14.18
CA SER D 94 39.12 2.54 14.30
C SER D 94 39.32 4.03 14.63
N GLU D 95 40.10 4.30 15.66
CA GLU D 95 40.31 5.66 16.15
C GLU D 95 41.73 6.12 15.90
N LEU D 96 41.97 6.62 14.69
CA LEU D 96 43.25 7.21 14.31
C LEU D 96 43.47 8.54 15.01
N LYS D 97 44.73 8.96 15.07
CA LYS D 97 45.10 10.28 15.58
C LYS D 97 45.45 11.20 14.39
N ILE D 98 44.68 11.06 13.31
CA ILE D 98 44.92 11.77 12.04
C ILE D 98 43.56 12.16 11.47
N SER D 99 43.45 13.39 10.97
CA SER D 99 42.21 13.88 10.35
C SER D 99 42.06 13.29 8.95
N PHE D 100 40.82 13.11 8.52
CA PHE D 100 40.52 12.54 7.19
C PHE D 100 41.14 13.34 6.02
N PRO D 101 41.12 14.69 6.07
CA PRO D 101 41.85 15.48 5.07
C PRO D 101 43.33 15.13 4.92
N GLU D 102 44.00 14.87 6.05
CA GLU D 102 45.39 14.40 6.03
C GLU D 102 45.51 12.99 5.46
N VAL D 103 44.58 12.10 5.83
CA VAL D 103 44.55 10.72 5.30
C VAL D 103 44.44 10.76 3.76
N VAL D 104 43.61 11.65 3.24
CA VAL D 104 43.46 11.86 1.79
C VAL D 104 44.78 12.33 1.14
N LYS D 105 45.49 13.23 1.81
CA LYS D 105 46.76 13.74 1.29
C LYS D 105 47.87 12.68 1.23
N ARG D 106 47.92 11.80 2.25
CA ARG D 106 49.03 10.84 2.41
C ARG D 106 48.85 9.51 1.66
N TYR D 107 47.62 9.10 1.37
CA TYR D 107 47.35 7.75 0.81
C TYR D 107 46.75 7.77 -0.60
N ASP D 108 47.05 6.73 -1.36
CA ASP D 108 46.65 6.59 -2.78
C ASP D 108 45.37 5.80 -2.95
N VAL D 109 45.20 4.75 -2.13
CA VAL D 109 44.00 3.93 -2.10
C VAL D 109 43.42 3.99 -0.68
N ILE D 110 42.20 4.48 -0.56
CA ILE D 110 41.51 4.58 0.73
C ILE D 110 40.28 3.67 0.68
N ILE D 111 40.22 2.70 1.59
CA ILE D 111 39.03 1.87 1.76
C ILE D 111 38.35 2.31 3.06
N CYS D 112 37.08 2.68 2.98
CA CYS D 112 36.34 3.09 4.18
C CYS D 112 34.83 2.95 4.05
N THR D 113 34.16 3.09 5.20
CA THR D 113 32.71 3.24 5.24
C THR D 113 32.34 4.60 4.65
N ALA D 114 31.22 4.64 3.94
CA ALA D 114 30.82 5.84 3.19
C ALA D 114 30.57 7.08 4.06
N GLN D 115 30.06 6.89 5.27
CA GLN D 115 29.77 8.01 6.18
C GLN D 115 31.03 8.77 6.63
N ILE D 116 32.18 8.09 6.62
CA ILE D 116 33.48 8.74 6.89
C ILE D 116 33.79 9.79 5.81
N LEU D 117 33.46 9.49 4.54
CA LEU D 117 33.59 10.47 3.47
C LEU D 117 32.55 11.60 3.60
N GLU D 118 31.29 11.24 3.83
CA GLU D 118 30.21 12.23 4.00
C GLU D 118 30.46 13.21 5.14
N ASN D 119 30.95 12.70 6.28
CA ASN D 119 31.25 13.53 7.44
C ASN D 119 32.25 14.66 7.11
N SER D 120 33.25 14.36 6.29
CA SER D 120 34.26 15.33 5.90
C SER D 120 33.77 16.30 4.82
N LEU D 121 32.92 15.81 3.91
CA LEU D 121 32.31 16.67 2.88
C LEU D 121 31.32 17.66 3.49
N LEU D 122 30.49 17.17 4.42
CA LEU D 122 29.57 18.03 5.17
C LEU D 122 30.27 19.06 6.02
N ASN D 123 31.40 18.67 6.64
CA ASN D 123 32.03 19.46 7.70
C ASN D 123 31.02 19.80 8.82
N ALA D 124 30.84 18.91 9.79
CA ALA D 124 30.13 19.24 11.05
C ALA D 124 30.64 20.49 11.78
N THR D 125 31.90 20.87 11.56
CA THR D 125 32.57 21.96 12.29
C THR D 125 33.80 22.43 11.52
N GLU D 126 34.84 21.62 11.45
CA GLU D 126 36.09 22.01 10.76
C GLU D 126 35.89 22.02 9.25
N ASP D 128 40.48 25.53 6.97
CA ASP D 128 39.46 25.11 6.04
C ASP D 128 40.05 24.24 4.91
N GLU D 129 40.86 23.26 5.31
CA GLU D 129 41.57 22.38 4.38
C GLU D 129 40.80 21.09 4.05
N SER D 130 39.47 21.18 3.92
CA SER D 130 38.59 20.00 3.87
C SER D 130 38.67 19.20 2.56
N VAL D 131 38.08 18.01 2.59
CA VAL D 131 38.01 17.11 1.44
C VAL D 131 36.88 17.53 0.50
N ARG D 132 37.13 17.34 -0.80
CA ARG D 132 36.11 17.44 -1.85
C ARG D 132 36.21 16.18 -2.70
N LEU D 133 35.16 15.92 -3.49
CA LEU D 133 35.14 14.77 -4.41
C LEU D 133 36.17 14.90 -5.55
N SER D 134 36.54 16.15 -5.89
CA SER D 134 37.58 16.42 -6.89
C SER D 134 38.99 15.94 -6.49
N ASP D 135 39.22 15.75 -5.20
CA ASP D 135 40.49 15.18 -4.69
C ASP D 135 40.74 13.74 -5.16
N PHE D 136 39.66 12.99 -5.40
CA PHE D 136 39.75 11.61 -5.86
C PHE D 136 39.54 11.55 -7.36
N SER D 137 40.30 10.68 -8.03
CA SER D 137 40.17 10.46 -9.48
C SER D 137 39.26 9.26 -9.81
N LEU D 138 39.15 8.31 -8.88
CA LEU D 138 38.22 7.19 -9.00
C LEU D 138 37.47 6.97 -7.68
N ILE D 139 36.15 6.78 -7.76
CA ILE D 139 35.32 6.41 -6.61
C ILE D 139 34.65 5.07 -6.92
N ILE D 140 34.94 4.05 -6.11
CA ILE D 140 34.33 2.72 -6.25
C ILE D 140 33.31 2.53 -5.12
N ILE D 141 32.07 2.21 -5.47
CA ILE D 141 31.00 1.97 -4.49
C ILE D 141 30.64 0.49 -4.50
N ASP D 142 30.94 -0.21 -3.40
CA ASP D 142 30.55 -1.62 -3.23
C ASP D 142 29.09 -1.71 -2.79
N GLN D 143 28.40 -2.77 -3.26
CA GLN D 143 26.97 -2.96 -3.04
C GLN D 143 26.17 -1.72 -3.46
N CYS D 144 26.41 -1.29 -4.71
CA CYS D 144 25.90 -0.02 -5.23
C CYS D 144 24.39 0.05 -5.46
N HIS D 145 23.68 -1.06 -5.30
CA HIS D 145 22.20 -1.05 -5.24
C HIS D 145 21.63 -0.21 -4.09
N HIS D 146 22.43 0.01 -3.04
CA HIS D 146 22.09 0.95 -1.97
C HIS D 146 22.20 2.44 -2.34
N THR D 147 22.77 2.75 -3.52
CA THR D 147 22.85 4.13 -4.01
C THR D 147 21.45 4.59 -4.45
N GLN D 148 20.64 4.91 -3.45
CA GLN D 148 19.19 5.01 -3.60
C GLN D 148 18.60 5.85 -2.45
N LYS D 149 17.54 6.60 -2.74
CA LYS D 149 16.78 7.37 -1.73
C LYS D 149 17.72 8.27 -0.89
N GLU D 150 17.60 8.26 0.45
CA GLU D 150 18.41 9.13 1.32
C GLU D 150 19.61 8.41 1.98
N GLY D 151 20.08 7.31 1.37
CA GLY D 151 21.25 6.60 1.87
C GLY D 151 22.53 7.37 1.59
N VAL D 152 23.55 7.15 2.44
CA VAL D 152 24.88 7.79 2.29
C VAL D 152 25.45 7.75 0.88
N TYR D 153 25.30 6.62 0.20
CA TYR D 153 25.79 6.47 -1.17
C TYR D 153 25.15 7.50 -2.10
N ASN D 154 23.86 7.73 -1.93
CA ASN D 154 23.11 8.65 -2.80
C ASN D 154 23.41 10.13 -2.47
N ASN D 155 23.68 10.42 -1.20
CA ASN D 155 24.10 11.78 -0.79
C ASN D 155 25.48 12.15 -1.32
N ILE D 156 26.40 11.18 -1.32
CA ILE D 156 27.73 11.36 -1.91
C ILE D 156 27.61 11.62 -3.42
N MET D 157 26.79 10.80 -4.07
CA MET D 157 26.57 10.93 -5.51
C MET D 157 25.70 12.13 -5.91
N ARG D 158 24.85 12.61 -5.00
CA ARG D 158 24.11 13.86 -5.25
C ARG D 158 25.03 15.09 -5.22
N ARG D 159 26.12 15.03 -4.45
CA ARG D 159 27.18 16.05 -4.51
C ARG D 159 27.95 15.99 -5.83
N TYR D 160 28.25 14.77 -6.29
CA TYR D 160 28.90 14.55 -7.59
C TYR D 160 28.10 15.17 -8.74
N LEU D 161 26.81 14.86 -8.79
CA LEU D 161 25.91 15.38 -9.83
C LEU D 161 25.70 16.89 -9.74
N LYS D 162 25.82 17.44 -8.53
CA LYS D 162 25.73 18.89 -8.31
C LYS D 162 26.96 19.58 -8.90
N GLU D 163 28.17 19.07 -8.61
CA GLU D 163 29.41 19.63 -9.16
C GLU D 163 29.54 19.41 -10.68
N LYS D 164 28.89 18.36 -11.19
CA LYS D 164 28.81 18.10 -12.64
C LYS D 164 28.04 19.22 -13.37
N ILE D 165 26.95 19.69 -12.76
CA ILE D 165 26.16 20.81 -13.28
C ILE D 165 26.91 22.15 -13.12
N LYS D 166 27.63 22.31 -12.02
CA LYS D 166 28.51 23.48 -11.80
C LYS D 166 29.65 23.56 -12.81
N ASN D 167 30.13 22.40 -13.27
CA ASN D 167 31.23 22.33 -14.25
C ASN D 167 30.80 22.87 -15.63
N ARG D 168 29.55 22.61 -16.01
CA ARG D 168 28.97 23.19 -17.24
C ARG D 168 28.89 24.72 -17.22
N LYS D 169 28.62 25.29 -16.04
CA LYS D 169 28.62 26.75 -15.86
C LYS D 169 30.02 27.36 -15.96
N GLN D 170 31.03 26.62 -15.46
CA GLN D 170 32.43 27.06 -15.56
C GLN D 170 33.01 27.02 -16.98
N ALA D 171 32.40 26.24 -17.87
CA ALA D 171 32.77 26.24 -19.30
C ALA D 171 32.38 27.58 -19.95
N LYS D 172 31.15 28.02 -19.72
CA LYS D 172 30.66 29.31 -20.21
C LYS D 172 31.27 30.48 -19.43
N LEU D 177 37.69 24.90 -14.44
CA LEU D 177 37.22 23.55 -14.79
C LEU D 177 37.56 22.56 -13.68
N ILE D 178 36.59 22.30 -12.80
CA ILE D 178 36.78 21.43 -11.63
C ILE D 178 36.68 19.95 -12.07
N PRO D 179 37.71 19.14 -11.76
CA PRO D 179 37.76 17.76 -12.28
C PRO D 179 36.80 16.81 -11.57
N GLN D 180 36.24 15.87 -12.33
CA GLN D 180 35.27 14.90 -11.82
C GLN D 180 35.90 13.52 -11.68
N PRO D 181 35.61 12.81 -10.57
CA PRO D 181 36.08 11.42 -10.46
C PRO D 181 35.36 10.44 -11.40
N GLN D 182 36.07 9.38 -11.78
CA GLN D 182 35.45 8.22 -12.42
C GLN D 182 34.68 7.46 -11.34
N ILE D 183 33.61 6.78 -11.74
CA ILE D 183 32.71 6.10 -10.80
C ILE D 183 32.42 4.66 -11.24
N LEU D 184 32.58 3.72 -10.31
CA LEU D 184 32.37 2.30 -10.56
C LEU D 184 31.43 1.71 -9.50
N GLY D 185 30.23 1.33 -9.92
CA GLY D 185 29.28 0.63 -9.06
C GLY D 185 29.48 -0.87 -9.17
N LEU D 186 29.49 -1.55 -8.03
CA LEU D 186 29.63 -3.01 -7.97
C LEU D 186 28.45 -3.62 -7.19
N THR D 187 27.73 -4.54 -7.84
CA THR D 187 26.60 -5.23 -7.21
C THR D 187 26.37 -6.60 -7.84
N ALA D 188 25.55 -7.41 -7.18
CA ALA D 188 25.02 -8.65 -7.76
C ALA D 188 23.70 -8.35 -8.46
N SER D 189 22.81 -7.67 -7.74
CA SER D 189 21.51 -7.29 -8.25
C SER D 189 21.20 -5.82 -7.92
N PRO D 190 20.91 -4.99 -8.95
CA PRO D 190 20.42 -3.63 -8.66
C PRO D 190 19.00 -3.65 -8.11
N GLY D 191 18.26 -4.73 -8.34
CA GLY D 191 16.94 -4.92 -7.79
C GLY D 191 15.90 -4.30 -8.67
N VAL D 192 14.69 -4.20 -8.13
CA VAL D 192 13.51 -3.75 -8.85
C VAL D 192 12.73 -2.63 -8.12
N GLY D 193 13.15 -2.26 -6.91
CA GLY D 193 12.53 -1.18 -6.15
C GLY D 193 11.11 -1.44 -5.67
N GLY D 194 10.75 -2.71 -5.51
CA GLY D 194 9.40 -3.12 -5.14
C GLY D 194 8.35 -3.01 -6.24
N ALA D 195 8.80 -2.90 -7.50
CA ALA D 195 7.89 -2.79 -8.64
C ALA D 195 7.14 -4.09 -8.91
N ARG D 196 5.86 -3.95 -9.28
CA ARG D 196 5.02 -5.08 -9.70
C ARG D 196 4.75 -5.07 -11.20
N SER D 197 5.41 -4.17 -11.93
CA SER D 197 5.29 -4.09 -13.39
C SER D 197 6.66 -3.89 -14.05
N ASN D 198 6.74 -4.24 -15.33
CA ASN D 198 8.01 -4.15 -16.09
C ASN D 198 8.47 -2.72 -16.33
N SER D 199 7.51 -1.80 -16.49
CA SER D 199 7.79 -0.37 -16.63
C SER D 199 8.46 0.19 -15.38
N LYS D 200 7.88 -0.11 -14.21
CA LYS D 200 8.44 0.34 -12.92
C LYS D 200 9.74 -0.39 -12.53
N ALA D 201 9.93 -1.59 -13.07
CA ALA D 201 11.21 -2.32 -12.94
C ALA D 201 12.32 -1.62 -13.74
N GLU D 202 12.02 -1.28 -14.99
CA GLU D 202 12.95 -0.58 -15.88
C GLU D 202 13.27 0.83 -15.36
N GLU D 203 12.26 1.52 -14.83
CA GLU D 203 12.43 2.83 -14.21
C GLU D 203 13.45 2.78 -13.07
N HIS D 204 13.31 1.76 -12.21
CA HIS D 204 14.21 1.58 -11.06
C HIS D 204 15.65 1.29 -11.47
N ILE D 205 15.84 0.54 -12.55
CA ILE D 205 17.18 0.28 -13.11
C ILE D 205 17.80 1.60 -13.59
N LEU D 206 17.02 2.39 -14.33
CA LEU D 206 17.47 3.70 -14.83
C LEU D 206 17.73 4.71 -13.71
N LYS D 207 16.97 4.63 -12.62
CA LYS D 207 17.22 5.48 -11.45
C LYS D 207 18.57 5.18 -10.79
N ILE D 208 18.89 3.90 -10.62
CA ILE D 208 20.18 3.49 -10.06
C ILE D 208 21.33 3.86 -11.00
N CYS D 209 21.13 3.65 -12.30
CA CYS D 209 22.05 4.13 -13.33
C CYS D 209 22.25 5.64 -13.26
N ALA D 210 21.15 6.38 -13.08
CA ALA D 210 21.16 7.83 -12.95
C ALA D 210 21.86 8.31 -11.68
N ASN D 211 21.64 7.61 -10.57
CA ASN D 211 22.26 7.96 -9.28
C ASN D 211 23.77 7.75 -9.28
N LEU D 212 24.23 6.69 -9.94
CA LEU D 212 25.67 6.39 -10.08
C LEU D 212 26.34 7.05 -11.30
N ASP D 213 25.56 7.78 -12.10
CA ASP D 213 26.03 8.45 -13.33
C ASP D 213 26.68 7.47 -14.31
N ALA D 214 26.00 6.35 -14.53
CA ALA D 214 26.52 5.28 -15.38
C ALA D 214 26.33 5.61 -16.85
N CYS D 215 27.40 5.45 -17.63
CA CYS D 215 27.32 5.46 -19.08
C CYS D 215 26.59 4.21 -19.58
N ARG D 216 26.74 3.10 -18.85
CA ARG D 216 26.12 1.83 -19.19
C ARG D 216 26.15 0.83 -18.03
N ILE D 217 25.07 0.08 -17.85
CA ILE D 217 25.04 -1.05 -16.91
C ILE D 217 25.61 -2.28 -17.60
N MET D 218 26.38 -3.07 -16.86
CA MET D 218 27.29 -4.04 -17.45
C MET D 218 27.13 -5.45 -16.88
N THR D 219 26.90 -6.42 -17.77
CA THR D 219 26.67 -7.83 -17.41
C THR D 219 27.47 -8.76 -18.34
N VAL D 220 27.73 -9.98 -17.85
CA VAL D 220 28.46 -10.99 -18.62
C VAL D 220 27.52 -11.61 -19.67
N LYS D 221 27.92 -11.52 -20.94
CA LYS D 221 27.13 -12.02 -22.06
C LYS D 221 27.94 -12.91 -23.02
N GLU D 222 29.03 -12.38 -23.57
CA GLU D 222 29.95 -13.15 -24.44
C GLU D 222 30.49 -14.40 -23.75
N HIS D 223 31.06 -14.22 -22.55
CA HIS D 223 31.63 -15.33 -21.78
C HIS D 223 30.67 -15.78 -20.66
N ALA D 224 29.41 -16.02 -21.04
CA ALA D 224 28.36 -16.42 -20.10
C ALA D 224 28.52 -17.88 -19.67
N SER D 225 28.94 -18.75 -20.59
CA SER D 225 29.20 -20.16 -20.28
C SER D 225 30.28 -20.34 -19.21
N GLN D 226 31.35 -19.56 -19.29
CA GLN D 226 32.43 -19.57 -18.29
C GLN D 226 31.93 -19.15 -16.91
N LEU D 227 31.10 -18.12 -16.86
CA LEU D 227 30.50 -17.64 -15.61
C LEU D 227 29.59 -18.68 -14.96
N LYS D 228 28.82 -19.39 -15.78
CA LYS D 228 27.94 -20.47 -15.29
C LYS D 228 28.73 -21.66 -14.72
N ASN D 229 29.93 -21.91 -15.26
CA ASN D 229 30.84 -22.92 -14.71
C ASN D 229 31.48 -22.51 -13.37
N GLN D 230 31.77 -21.21 -13.21
CA GLN D 230 32.39 -20.70 -11.96
C GLN D 230 31.44 -20.75 -10.76
N VAL D 231 30.23 -20.24 -10.94
CA VAL D 231 29.21 -20.27 -9.88
C VAL D 231 28.06 -21.22 -10.28
N LYS D 232 27.81 -22.21 -9.43
CA LYS D 232 26.71 -23.16 -9.65
C LYS D 232 25.51 -22.74 -8.81
N GLU D 233 24.37 -22.55 -9.49
CA GLU D 233 23.10 -22.27 -8.82
C GLU D 233 22.60 -23.52 -8.07
N PRO D 234 22.08 -23.34 -6.84
CA PRO D 234 21.55 -24.47 -6.08
C PRO D 234 20.18 -24.94 -6.57
N PHE D 235 19.77 -26.12 -6.09
CA PHE D 235 18.45 -26.68 -6.40
C PHE D 235 17.39 -26.01 -5.52
N LYS D 236 16.26 -25.65 -6.11
CA LYS D 236 15.20 -24.91 -5.41
C LYS D 236 14.15 -25.88 -4.89
N LYS D 237 13.78 -25.72 -3.61
CA LYS D 237 12.64 -26.42 -3.03
C LYS D 237 11.70 -25.42 -2.35
N THR D 238 10.45 -25.82 -2.19
CA THR D 238 9.49 -25.13 -1.33
C THR D 238 8.80 -26.19 -0.48
N VAL D 239 9.05 -26.16 0.82
CA VAL D 239 8.50 -27.12 1.78
C VAL D 239 7.36 -26.43 2.54
N ILE D 240 6.13 -26.71 2.11
CA ILE D 240 4.93 -26.08 2.68
C ILE D 240 4.35 -26.95 3.79
N ALA D 241 3.81 -26.30 4.83
CA ALA D 241 3.12 -26.96 5.94
C ALA D 241 1.69 -26.43 6.04
N ASP D 242 0.71 -27.30 5.79
CA ASP D 242 -0.72 -26.90 5.78
C ASP D 242 -1.33 -26.62 7.17
N ASP D 243 -0.67 -27.11 8.24
CA ASP D 243 -1.07 -26.80 9.63
C ASP D 243 -2.48 -27.30 9.96
N LYS D 244 -2.73 -28.58 9.64
CA LYS D 244 -4.00 -29.24 10.00
C LYS D 244 -3.91 -29.98 11.34
N ARG D 245 -2.80 -29.81 12.06
CA ARG D 245 -2.66 -30.29 13.44
C ARG D 245 -3.61 -29.54 14.37
N ARG D 246 -4.09 -30.22 15.41
CA ARG D 246 -4.78 -29.54 16.51
C ARG D 246 -3.75 -28.73 17.30
N ASP D 247 -4.18 -27.57 17.82
CA ASP D 247 -3.28 -26.61 18.48
C ASP D 247 -3.90 -26.19 19.82
N PRO D 248 -3.84 -27.09 20.84
CA PRO D 248 -4.45 -26.75 22.13
C PRO D 248 -3.75 -25.62 22.89
N PHE D 249 -2.48 -25.34 22.60
CA PHE D 249 -1.78 -24.19 23.17
C PHE D 249 -2.39 -22.86 22.70
N ARG D 250 -2.60 -22.74 21.40
CA ARG D 250 -3.31 -21.59 20.82
C ARG D 250 -4.69 -21.40 21.43
N GLU D 251 -5.45 -22.50 21.50
CA GLU D 251 -6.81 -22.50 22.06
C GLU D 251 -6.88 -22.01 23.50
N ARG D 252 -5.92 -22.47 24.33
CA ARG D 252 -5.91 -22.11 25.75
C ARG D 252 -5.44 -20.67 25.97
N ILE D 253 -4.43 -20.23 25.22
CA ILE D 253 -4.00 -18.81 25.25
C ILE D 253 -5.15 -17.88 24.81
N ILE D 254 -5.90 -18.29 23.78
CA ILE D 254 -7.06 -17.51 23.30
C ILE D 254 -8.14 -17.38 24.39
N GLU D 255 -8.39 -18.45 25.13
CA GLU D 255 -9.32 -18.40 26.26
C GLU D 255 -8.86 -17.41 27.34
N ILE D 256 -7.55 -17.36 27.60
CA ILE D 256 -6.98 -16.41 28.57
C ILE D 256 -7.11 -14.97 28.08
N MET D 257 -6.84 -14.75 26.80
CA MET D 257 -6.99 -13.41 26.20
C MET D 257 -8.45 -12.95 26.22
N GLN D 258 -9.37 -13.85 25.86
CA GLN D 258 -10.82 -13.58 25.96
C GLN D 258 -11.26 -13.24 27.38
N ASP D 259 -10.68 -13.92 28.37
CA ASP D 259 -10.94 -13.62 29.78
C ASP D 259 -10.47 -12.21 30.17
N ILE D 260 -9.29 -11.81 29.66
CA ILE D 260 -8.73 -10.48 29.95
C ILE D 260 -9.52 -9.37 29.23
N GLN D 261 -9.94 -9.63 27.99
CA GLN D 261 -10.76 -8.67 27.22
C GLN D 261 -12.11 -8.36 27.87
N LYS D 262 -12.73 -9.37 28.49
CA LYS D 262 -13.98 -9.16 29.25
C LYS D 262 -13.79 -8.30 30.50
N TYR D 263 -12.65 -8.44 31.17
CA TYR D 263 -12.33 -7.70 32.39
C TYR D 263 -12.19 -6.19 32.12
N CYS D 264 -11.39 -5.84 31.13
CA CYS D 264 -11.16 -4.43 30.76
C CYS D 264 -12.16 -3.87 29.76
N GLN D 265 -12.91 -4.75 29.08
CA GLN D 265 -13.91 -4.37 28.07
C GLN D 265 -13.28 -3.76 26.80
N LEU D 266 -12.04 -4.16 26.49
CA LEU D 266 -11.38 -3.80 25.24
C LEU D 266 -11.56 -4.96 24.26
N TYR D 267 -12.28 -4.72 23.16
CA TYR D 267 -12.55 -5.76 22.15
C TYR D 267 -11.95 -5.37 20.81
N PRO D 268 -11.28 -6.32 20.13
CA PRO D 268 -10.64 -6.06 18.84
C PRO D 268 -11.56 -6.29 17.65
N LYS D 269 -11.14 -5.79 16.49
CA LYS D 269 -11.76 -6.11 15.20
C LYS D 269 -10.80 -6.98 14.35
N SER D 270 -10.04 -7.84 15.03
CA SER D 270 -8.92 -8.57 14.43
C SER D 270 -8.73 -9.94 15.09
N GLU D 271 -8.15 -10.89 14.36
CA GLU D 271 -7.89 -12.23 14.88
C GLU D 271 -6.80 -12.22 15.94
N PHE D 272 -6.87 -13.19 16.85
CA PHE D 272 -5.85 -13.37 17.88
C PHE D 272 -4.53 -13.80 17.25
N GLY D 273 -3.42 -13.25 17.75
CA GLY D 273 -2.09 -13.62 17.27
C GLY D 273 -1.68 -13.06 15.91
N SER D 274 -2.48 -12.14 15.35
CA SER D 274 -2.19 -11.54 14.05
C SER D 274 -1.54 -10.17 14.23
N GLN D 275 -1.05 -9.62 13.13
CA GLN D 275 -0.35 -8.33 13.14
C GLN D 275 -1.27 -7.12 13.39
N PRO D 276 -2.50 -7.11 12.81
CA PRO D 276 -3.47 -6.06 13.16
C PRO D 276 -3.85 -6.01 14.64
N TYR D 277 -3.89 -7.18 15.30
CA TYR D 277 -4.11 -7.26 16.75
C TYR D 277 -2.98 -6.56 17.52
N GLU D 278 -1.74 -6.83 17.10
CA GLU D 278 -0.56 -6.20 17.71
C GLU D 278 -0.60 -4.67 17.58
N GLN D 279 -0.99 -4.18 16.40
CA GLN D 279 -1.18 -2.75 16.18
C GLN D 279 -2.30 -2.16 17.03
N TRP D 280 -3.42 -2.89 17.10
CA TRP D 280 -4.58 -2.47 17.89
C TRP D 280 -4.25 -2.41 19.39
N VAL D 281 -3.67 -3.48 19.93
CA VAL D 281 -3.41 -3.58 21.38
C VAL D 281 -2.35 -2.57 21.88
N ILE D 282 -1.39 -2.23 21.03
CA ILE D 282 -0.40 -1.19 21.34
C ILE D 282 -1.05 0.20 21.28
N ARG D 283 -1.85 0.47 20.23
CA ARG D 283 -2.63 1.72 20.14
C ARG D 283 -3.54 1.92 21.36
N GLU D 284 -4.16 0.83 21.80
CA GLU D 284 -5.07 0.85 22.94
C GLU D 284 -4.35 1.10 24.27
N GLU D 285 -3.12 0.61 24.37
CA GLU D 285 -2.24 0.89 25.53
C GLU D 285 -1.87 2.37 25.60
N ARG D 286 -1.54 2.97 24.44
CA ARG D 286 -1.20 4.39 24.36
C ARG D 286 -2.36 5.31 24.74
N ARG D 287 -3.54 5.04 24.17
CA ARG D 287 -4.74 5.81 24.47
C ARG D 287 -5.06 5.76 25.97
N ALA D 288 -5.09 4.55 26.52
CA ALA D 288 -5.42 4.33 27.94
C ALA D 288 -4.44 5.00 28.91
N ALA D 289 -3.18 5.12 28.53
CA ALA D 289 -2.16 5.82 29.33
C ALA D 289 -2.41 7.33 29.34
N LYS D 290 -2.70 7.90 28.18
CA LYS D 290 -3.04 9.33 28.05
C LYS D 290 -4.30 9.73 28.82
N GLU D 291 -5.29 8.85 28.83
CA GLU D 291 -6.60 9.12 29.44
C GLU D 291 -6.72 8.72 30.92
N GLU D 292 -5.60 8.37 31.56
CA GLU D 292 -5.55 7.96 32.98
C GLU D 292 -6.48 6.78 33.24
N LYS D 293 -6.33 5.74 32.41
CA LYS D 293 -7.10 4.50 32.53
C LYS D 293 -6.12 3.36 32.75
N ARG D 294 -5.68 3.23 33.99
CA ARG D 294 -4.70 2.22 34.41
C ARG D 294 -5.20 0.80 34.14
N LYS D 295 -6.48 0.55 34.42
CA LYS D 295 -7.10 -0.76 34.17
C LYS D 295 -6.98 -1.18 32.70
N GLU D 296 -7.25 -0.26 31.79
CA GLU D 296 -7.21 -0.55 30.36
C GLU D 296 -5.80 -0.76 29.82
N ARG D 297 -4.86 0.11 30.19
CA ARG D 297 -3.49 0.02 29.67
C ARG D 297 -2.69 -1.17 30.20
N VAL D 298 -2.91 -1.53 31.46
CA VAL D 298 -2.24 -2.69 32.07
C VAL D 298 -2.74 -3.97 31.41
N CYS D 299 -4.06 -4.09 31.23
CA CYS D 299 -4.63 -5.23 30.51
C CYS D 299 -4.13 -5.31 29.07
N ALA D 300 -4.05 -4.16 28.39
CA ALA D 300 -3.50 -4.09 27.03
C ALA D 300 -2.03 -4.51 26.96
N GLU D 301 -1.24 -4.08 27.94
CA GLU D 301 0.17 -4.50 28.08
C GLU D 301 0.30 -6.03 28.20
N HIS D 302 -0.53 -6.64 29.06
CA HIS D 302 -0.54 -8.09 29.22
C HIS D 302 -1.08 -8.79 27.98
N LEU D 303 -2.17 -8.28 27.42
CA LEU D 303 -2.75 -8.80 26.17
C LEU D 303 -1.74 -8.88 25.02
N LYS D 304 -0.85 -7.90 24.91
CA LYS D 304 0.22 -7.92 23.90
C LYS D 304 1.18 -9.10 24.11
N LYS D 305 1.56 -9.34 25.37
CA LYS D 305 2.43 -10.48 25.70
C LYS D 305 1.81 -11.83 25.39
N TYR D 306 0.50 -11.96 25.58
CA TYR D 306 -0.25 -13.14 25.14
C TYR D 306 -0.33 -13.23 23.61
N ASN D 307 -0.48 -12.08 22.95
CA ASN D 307 -0.45 -12.02 21.49
C ASN D 307 0.93 -12.39 20.92
N ASP D 308 2.00 -12.07 21.65
CA ASP D 308 3.36 -12.50 21.30
C ASP D 308 3.50 -14.02 21.39
N ALA D 309 2.97 -14.61 22.47
CA ALA D 309 3.03 -16.05 22.69
C ALA D 309 2.37 -16.86 21.56
N LEU D 310 1.25 -16.36 21.03
CA LEU D 310 0.57 -17.00 19.89
C LEU D 310 1.42 -17.02 18.63
N GLN D 311 1.94 -15.86 18.24
CA GLN D 311 2.81 -15.78 17.04
C GLN D 311 4.16 -16.47 17.23
N ILE D 312 4.63 -16.56 18.49
CA ILE D 312 5.78 -17.41 18.83
C ILE D 312 5.41 -18.89 18.66
N ASN D 313 4.22 -19.27 19.11
CA ASN D 313 3.71 -20.64 18.93
C ASN D 313 3.57 -21.00 17.44
N ASP D 314 3.22 -20.01 16.61
CA ASP D 314 3.17 -20.19 15.15
C ASP D 314 4.54 -20.44 14.50
N THR D 315 5.60 -19.78 14.98
CA THR D 315 6.93 -19.86 14.32
C THR D 315 7.91 -20.85 14.97
N ILE D 316 8.03 -20.81 16.30
CA ILE D 316 8.98 -21.68 17.03
C ILE D 316 8.16 -22.67 17.88
N ARG D 317 8.63 -23.03 19.08
CA ARG D 317 7.97 -24.07 19.89
C ARG D 317 7.24 -23.45 21.08
N MET D 318 6.26 -24.18 21.58
CA MET D 318 5.34 -23.66 22.62
C MET D 318 6.00 -23.41 23.98
N VAL D 319 7.15 -24.03 24.22
CA VAL D 319 7.93 -23.81 25.45
C VAL D 319 8.44 -22.36 25.46
N ASP D 320 8.79 -21.85 24.28
CA ASP D 320 9.28 -20.47 24.14
C ASP D 320 8.17 -19.45 24.31
N ALA D 321 6.98 -19.78 23.83
CA ALA D 321 5.77 -18.98 24.08
C ALA D 321 5.44 -18.93 25.58
N TYR D 322 5.56 -20.07 26.24
CA TYR D 322 5.36 -20.18 27.69
C TYR D 322 6.41 -19.38 28.46
N ASN D 323 7.68 -19.54 28.09
CA ASN D 323 8.79 -18.80 28.73
C ASN D 323 8.70 -17.28 28.53
N HIS D 324 8.14 -16.85 27.40
CA HIS D 324 7.90 -15.43 27.13
C HIS D 324 6.91 -14.84 28.13
N LEU D 325 5.82 -15.57 28.36
CA LEU D 325 4.84 -15.18 29.38
C LEU D 325 5.41 -15.31 30.78
N ASN D 326 6.01 -16.46 31.06
CA ASN D 326 6.54 -16.78 32.39
C ASN D 326 7.59 -15.77 32.87
N ASN D 327 8.48 -15.34 31.98
CA ASN D 327 9.49 -14.33 32.31
C ASN D 327 8.89 -12.93 32.54
N PHE D 328 7.86 -12.58 31.77
CA PHE D 328 7.15 -11.31 31.97
C PHE D 328 6.53 -11.20 33.37
N TYR D 329 5.85 -12.27 33.80
CA TYR D 329 5.29 -12.31 35.15
C TYR D 329 6.35 -12.44 36.25
N LYS D 330 7.48 -13.10 35.95
CA LYS D 330 8.64 -13.10 36.85
C LYS D 330 9.20 -11.69 37.06
N GLU D 331 9.30 -10.93 35.96
CA GLU D 331 9.70 -9.50 36.02
C GLU D 331 8.70 -8.64 36.80
N LEU D 332 7.40 -8.90 36.62
CA LEU D 332 6.35 -8.21 37.40
C LEU D 332 6.46 -8.49 38.91
N LYS D 333 6.69 -9.77 39.26
CA LYS D 333 6.92 -10.17 40.66
C LYS D 333 8.05 -9.38 41.33
N ARG D 334 9.15 -9.21 40.60
CA ARG D 334 10.33 -8.50 41.11
C ARG D 334 10.04 -7.02 41.37
N ARG D 335 9.41 -6.35 40.40
CA ARG D 335 9.12 -4.91 40.51
C ARG D 335 8.04 -4.58 41.54
N LYS D 336 6.96 -5.36 41.55
CA LYS D 336 5.81 -5.11 42.43
C LYS D 336 6.08 -5.45 43.90
N THR D 337 6.94 -6.43 44.18
CA THR D 337 7.24 -6.85 45.55
C THR D 337 8.19 -5.87 46.23
N ALA D 338 7.88 -5.52 47.48
CA ALA D 338 8.70 -4.60 48.27
C ALA D 338 9.93 -5.34 48.81
N GLU D 339 11.12 -4.79 48.54
CA GLU D 339 12.40 -5.35 48.98
C GLU D 339 13.04 -4.48 50.07
N SER D 340 14.14 -4.97 50.63
CA SER D 340 14.98 -4.17 51.53
C SER D 340 15.80 -3.16 50.73
N ASP D 341 16.37 -2.18 51.43
CA ASP D 341 17.00 -1.00 50.82
C ASP D 341 16.01 -0.19 49.98
N ASP D 342 14.82 0.04 50.56
CA ASP D 342 13.76 0.84 49.95
C ASP D 342 13.43 2.05 50.83
N ASP D 343 12.58 2.93 50.33
CA ASP D 343 12.20 4.16 51.03
C ASP D 343 11.24 3.87 52.19
N SER D 349 0.46 -0.11 48.52
CA SER D 349 0.90 -1.29 47.80
C SER D 349 0.89 -1.06 46.28
N LYS D 350 1.88 -1.60 45.59
CA LYS D 350 2.00 -1.46 44.13
C LYS D 350 0.98 -2.31 43.36
N GLN D 351 0.48 -3.37 43.99
CA GLN D 351 -0.44 -4.30 43.34
C GLN D 351 -1.88 -3.75 43.38
N ASP D 352 -2.39 -3.38 42.20
CA ASP D 352 -3.80 -3.03 42.00
C ASP D 352 -4.71 -4.26 42.08
N GLU D 353 -6.02 -4.05 41.89
CA GLU D 353 -6.97 -5.12 41.62
C GLU D 353 -6.63 -5.79 40.28
N THR D 354 -6.44 -4.98 39.24
CA THR D 354 -6.10 -5.45 37.89
C THR D 354 -4.79 -6.25 37.86
N ASP D 355 -3.78 -5.77 38.58
CA ASP D 355 -2.50 -6.48 38.69
C ASP D 355 -2.66 -7.85 39.34
N GLU D 356 -3.43 -7.92 40.42
CA GLU D 356 -3.70 -9.19 41.11
C GLU D 356 -4.61 -10.09 40.28
N PHE D 357 -5.60 -9.50 39.60
CA PHE D 357 -6.46 -10.27 38.69
C PHE D 357 -5.65 -10.97 37.60
N LEU D 358 -4.79 -10.21 36.91
CA LEU D 358 -3.97 -10.73 35.81
C LEU D 358 -2.91 -11.73 36.25
N MET D 359 -2.32 -11.51 37.43
CA MET D 359 -1.33 -12.42 38.00
C MET D 359 -1.95 -13.77 38.39
N ARG D 360 -3.09 -13.72 39.10
CA ARG D 360 -3.82 -14.94 39.51
C ARG D 360 -4.30 -15.76 38.31
N LEU D 361 -4.75 -15.07 37.27
CA LEU D 361 -5.15 -15.70 36.01
C LEU D 361 -4.03 -16.52 35.39
N PHE D 362 -2.81 -15.97 35.39
CA PHE D 362 -1.65 -16.69 34.85
C PHE D 362 -1.29 -17.90 35.70
N HIS D 363 -1.17 -17.72 37.02
CA HIS D 363 -0.82 -18.82 37.94
C HIS D 363 -1.85 -19.97 37.93
N ALA D 364 -3.11 -19.64 37.66
CA ALA D 364 -4.17 -20.66 37.51
C ALA D 364 -3.95 -21.53 36.27
N LYS D 365 -3.62 -20.90 35.15
CA LYS D 365 -3.39 -21.59 33.88
C LYS D 365 -1.94 -22.07 33.69
N LYS D 366 -1.03 -21.57 34.52
CA LYS D 366 0.41 -21.90 34.44
C LYS D 366 0.72 -23.39 34.45
N LYS D 367 -0.02 -24.16 35.26
CA LYS D 367 0.19 -25.60 35.39
C LYS D 367 -0.07 -26.32 34.08
N GLN D 368 -1.22 -26.05 33.46
CA GLN D 368 -1.62 -26.69 32.21
C GLN D 368 -0.76 -26.29 31.01
N LEU D 369 -0.46 -25.00 30.90
CA LEU D 369 0.36 -24.48 29.79
C LEU D 369 1.78 -25.04 29.81
N LYS D 370 2.39 -25.09 31.00
CA LYS D 370 3.74 -25.64 31.18
C LYS D 370 3.82 -27.09 30.72
N GLU D 371 2.84 -27.89 31.10
CA GLU D 371 2.82 -29.33 30.83
C GLU D 371 2.24 -29.70 29.46
N LEU D 372 1.40 -28.83 28.91
CA LEU D 372 0.97 -28.94 27.51
C LEU D 372 2.13 -28.68 26.54
N ALA D 373 3.03 -27.78 26.93
CA ALA D 373 4.23 -27.47 26.14
C ALA D 373 5.29 -28.58 26.09
N ARG D 374 5.22 -29.54 27.00
CA ARG D 374 6.14 -30.70 26.99
C ARG D 374 5.68 -31.84 26.07
N LYS D 375 4.55 -31.67 25.36
CA LYS D 375 4.02 -32.67 24.42
C LYS D 375 4.40 -32.26 22.99
N PRO D 376 5.47 -32.86 22.41
CA PRO D 376 5.95 -32.40 21.10
C PRO D 376 5.01 -32.72 19.91
N GLU D 377 4.07 -33.65 20.10
CA GLU D 377 3.04 -33.94 19.08
C GLU D 377 2.21 -32.74 18.63
N TYR D 378 1.94 -31.80 19.55
CA TYR D 378 1.19 -30.56 19.24
C TYR D 378 2.10 -29.37 18.91
N ASP D 379 3.41 -29.59 18.87
CA ASP D 379 4.38 -28.55 18.53
C ASP D 379 4.26 -28.23 17.04
N ASN D 380 4.74 -27.05 16.66
CA ASN D 380 4.73 -26.55 15.26
C ASN D 380 5.03 -27.60 14.16
N GLU D 381 4.32 -27.52 13.04
CA GLU D 381 4.58 -28.40 11.88
C GLU D 381 5.81 -27.96 11.05
N LYS D 382 6.09 -26.66 11.01
CA LYS D 382 7.27 -26.16 10.28
C LYS D 382 8.56 -26.66 10.92
N LEU D 383 8.56 -26.82 12.25
CA LEU D 383 9.70 -27.40 12.98
C LEU D 383 10.05 -28.81 12.54
N MET D 384 9.04 -29.65 12.29
CA MET D 384 9.27 -31.00 11.75
C MET D 384 9.64 -30.97 10.26
N LYS D 385 9.09 -30.03 9.50
CA LYS D 385 9.53 -29.80 8.11
C LYS D 385 10.97 -29.30 8.05
N LEU D 386 11.34 -28.46 9.02
CA LEU D 386 12.72 -27.99 9.18
C LEU D 386 13.63 -29.14 9.61
N ARG D 387 13.19 -29.93 10.57
CA ARG D 387 13.91 -31.12 11.04
C ARG D 387 14.21 -32.09 9.91
N ASN D 388 13.19 -32.46 9.15
CA ASN D 388 13.32 -33.41 8.04
C ASN D 388 14.21 -32.88 6.91
N THR D 389 14.18 -31.57 6.66
CA THR D 389 15.05 -30.94 5.68
C THR D 389 16.51 -30.94 6.14
N LEU D 390 16.74 -30.65 7.43
CA LEU D 390 18.09 -30.67 7.99
C LEU D 390 18.69 -32.09 8.01
N MET D 391 17.89 -33.05 8.50
CA MET D 391 18.35 -34.44 8.65
C MET D 391 18.80 -35.08 7.34
N GLU D 392 17.99 -34.95 6.30
CA GLU D 392 18.30 -35.51 4.98
C GLU D 392 19.49 -34.82 4.28
N GLU D 393 19.70 -33.54 4.58
CA GLU D 393 20.74 -32.74 3.91
C GLU D 393 22.11 -32.85 4.61
N PHE D 394 22.12 -32.94 5.94
CA PHE D 394 23.38 -33.12 6.70
C PHE D 394 23.96 -34.54 6.62
N THR D 395 23.13 -35.54 6.32
CA THR D 395 23.61 -36.91 6.03
C THR D 395 24.09 -37.10 4.58
N LYS D 396 23.78 -36.13 3.72
CA LYS D 396 24.05 -36.22 2.27
C LYS D 396 25.55 -36.12 1.92
N THR D 397 26.29 -35.32 2.69
CA THR D 397 27.71 -35.07 2.44
C THR D 397 28.55 -35.33 3.70
N GLU D 398 29.83 -35.64 3.51
CA GLU D 398 30.75 -35.93 4.62
C GLU D 398 31.04 -34.71 5.50
N GLU D 399 31.21 -33.54 4.88
CA GLU D 399 31.59 -32.31 5.58
C GLU D 399 30.63 -31.16 5.23
N PRO D 400 29.36 -31.27 5.67
CA PRO D 400 28.32 -30.31 5.26
C PRO D 400 28.42 -28.97 5.99
N ARG D 401 27.58 -28.02 5.57
CA ARG D 401 27.48 -26.71 6.21
C ARG D 401 26.21 -25.98 5.72
N GLY D 402 25.60 -25.18 6.60
CA GLY D 402 24.36 -24.50 6.24
C GLY D 402 23.92 -23.34 7.11
N ILE D 403 22.89 -22.64 6.65
CA ILE D 403 22.32 -21.47 7.32
C ILE D 403 20.79 -21.58 7.34
N ILE D 404 20.18 -21.25 8.49
CA ILE D 404 18.72 -21.09 8.60
C ILE D 404 18.43 -19.60 8.78
N PHE D 405 17.77 -19.00 7.79
CA PHE D 405 17.33 -17.62 7.86
C PHE D 405 15.95 -17.57 8.53
N THR D 406 15.84 -16.76 9.59
CA THR D 406 14.57 -16.57 10.32
C THR D 406 14.38 -15.08 10.62
N LYS D 407 13.13 -14.69 10.91
CA LYS D 407 12.78 -13.28 11.06
C LYS D 407 13.34 -12.63 12.34
N THR D 408 12.91 -13.10 13.51
CA THR D 408 13.20 -12.44 14.79
C THR D 408 14.50 -12.95 15.43
N ARG D 409 15.08 -12.11 16.28
CA ARG D 409 16.24 -12.51 17.10
C ARG D 409 15.88 -13.65 18.04
N GLN D 410 14.71 -13.52 18.70
CA GLN D 410 14.19 -14.54 19.61
C GLN D 410 14.05 -15.91 18.93
N SER D 411 13.59 -15.94 17.68
CA SER D 411 13.50 -17.17 16.91
C SER D 411 14.85 -17.78 16.54
N ALA D 412 15.87 -16.94 16.36
CA ALA D 412 17.24 -17.40 16.13
C ALA D 412 17.82 -18.11 17.34
N LEU D 413 17.64 -17.51 18.52
CA LEU D 413 18.09 -18.11 19.78
C LEU D 413 17.30 -19.38 20.11
N ALA D 414 15.97 -19.29 19.95
CA ALA D 414 15.06 -20.39 20.29
C ALA D 414 15.23 -21.63 19.40
N LEU D 415 15.51 -21.41 18.12
CA LEU D 415 15.85 -22.52 17.21
C LEU D 415 17.20 -23.17 17.56
N TYR D 416 18.14 -22.37 18.06
CA TYR D 416 19.43 -22.88 18.55
C TYR D 416 19.24 -23.79 19.77
N HIS D 417 18.37 -23.39 20.69
CA HIS D 417 18.01 -24.24 21.84
C HIS D 417 17.22 -25.48 21.42
N TRP D 418 16.30 -25.31 20.47
CA TRP D 418 15.54 -26.43 19.88
C TRP D 418 16.45 -27.52 19.31
N ILE D 419 17.52 -27.10 18.62
CA ILE D 419 18.51 -28.04 18.07
C ILE D 419 19.39 -28.63 19.19
N MET D 420 19.75 -27.81 20.17
CA MET D 420 20.55 -28.27 21.32
C MET D 420 19.81 -29.22 22.26
N ASP D 421 18.51 -28.98 22.48
CA ASP D 421 17.67 -29.83 23.35
C ASP D 421 17.07 -31.00 22.54
N ASN D 422 17.94 -31.72 21.83
CA ASN D 422 17.52 -32.73 20.85
C ASN D 422 18.78 -33.47 20.35
N PRO D 423 19.21 -34.53 21.05
CA PRO D 423 20.49 -35.18 20.72
C PRO D 423 20.58 -35.91 19.36
N LYS D 424 19.46 -36.08 18.65
CA LYS D 424 19.46 -36.65 17.31
C LYS D 424 20.14 -35.76 16.26
N PHE D 425 20.06 -34.43 16.46
CA PHE D 425 20.84 -33.48 15.64
C PHE D 425 22.34 -33.55 15.96
N GLU D 426 22.67 -33.62 17.25
CA GLU D 426 24.06 -33.81 17.69
C GLU D 426 24.62 -35.18 17.25
N GLU D 427 23.74 -36.18 17.20
CA GLU D 427 24.08 -37.51 16.68
C GLU D 427 24.43 -37.48 15.19
N VAL D 428 23.64 -36.75 14.41
CA VAL D 428 23.82 -36.70 12.95
C VAL D 428 24.94 -35.73 12.48
N GLY D 429 25.58 -35.02 13.43
CA GLY D 429 26.78 -34.21 13.14
C GLY D 429 26.58 -32.71 13.14
N ILE D 430 25.37 -32.24 13.46
CA ILE D 430 25.07 -30.81 13.49
C ILE D 430 25.59 -30.19 14.79
N LYS D 431 26.18 -29.00 14.67
CA LYS D 431 26.70 -28.23 15.79
C LYS D 431 26.31 -26.77 15.57
N ALA D 432 25.12 -26.43 16.06
CA ALA D 432 24.48 -25.15 15.72
C ALA D 432 24.95 -23.98 16.58
N HIS D 433 24.80 -22.78 16.04
CA HIS D 433 24.96 -21.54 16.80
C HIS D 433 24.22 -20.40 16.12
N PHE D 434 23.63 -19.51 16.92
CA PHE D 434 22.88 -18.36 16.39
C PHE D 434 23.81 -17.26 15.87
N LEU D 435 23.25 -16.37 15.06
CA LEU D 435 23.96 -15.21 14.52
C LEU D 435 22.96 -14.08 14.31
N ILE D 436 23.06 -13.01 15.09
CA ILE D 436 22.11 -11.91 15.05
C ILE D 436 22.82 -10.55 14.97
N GLY D 437 22.05 -9.47 14.91
CA GLY D 437 22.58 -8.12 14.74
C GLY D 437 23.24 -7.55 15.97
N ALA D 438 23.85 -6.37 15.77
CA ALA D 438 24.60 -5.66 16.82
C ALA D 438 23.89 -4.43 17.38
N GLY D 439 22.72 -4.08 16.84
CA GLY D 439 21.97 -2.91 17.27
C GLY D 439 21.30 -3.12 18.60
N HIS D 440 20.90 -2.03 19.23
CA HIS D 440 20.29 -2.04 20.57
C HIS D 440 18.87 -1.47 20.54
N ASN D 441 18.12 -1.78 19.47
CA ASN D 441 16.74 -1.34 19.30
C ASN D 441 15.74 -2.50 19.29
N SER D 442 16.16 -3.64 19.88
CA SER D 442 15.32 -4.83 19.97
C SER D 442 15.07 -5.19 21.43
N GLU D 443 13.99 -5.92 21.67
CA GLU D 443 13.70 -6.46 23.00
C GLU D 443 14.59 -7.66 23.34
N THR D 444 15.19 -8.29 22.32
CA THR D 444 16.22 -9.31 22.49
C THR D 444 17.61 -8.66 22.44
N LYS D 445 18.54 -9.15 23.28
CA LYS D 445 19.89 -8.57 23.36
C LYS D 445 20.74 -8.91 22.14
N PRO D 446 21.64 -7.99 21.74
CA PRO D 446 22.45 -8.20 20.54
C PRO D 446 23.76 -8.96 20.77
N MET D 447 24.27 -9.55 19.70
CA MET D 447 25.66 -9.98 19.62
C MET D 447 26.50 -8.78 19.22
N THR D 448 27.66 -8.60 19.85
CA THR D 448 28.59 -7.53 19.49
C THR D 448 29.24 -7.82 18.14
N GLN D 449 29.87 -6.80 17.53
CA GLN D 449 30.59 -6.98 16.27
C GLN D 449 31.71 -8.03 16.37
N ASN D 450 32.34 -8.13 17.53
CA ASN D 450 33.39 -9.13 17.77
C ASN D 450 32.80 -10.54 17.88
N GLU D 451 31.69 -10.69 18.60
CA GLU D 451 30.98 -11.98 18.73
C GLU D 451 30.47 -12.49 17.38
N GLN D 452 29.98 -11.59 16.53
CA GLN D 452 29.62 -11.91 15.14
C GLN D 452 30.83 -12.46 14.37
N ARG D 453 31.96 -11.78 14.48
CA ARG D 453 33.19 -12.14 13.78
C ARG D 453 33.73 -13.52 14.20
N GLU D 454 33.59 -13.87 15.48
CA GLU D 454 34.11 -15.14 15.98
C GLU D 454 33.24 -16.35 15.56
N VAL D 455 31.93 -16.15 15.47
CA VAL D 455 31.01 -17.21 15.03
C VAL D 455 31.23 -17.56 13.55
N ILE D 456 31.37 -16.55 12.69
CA ILE D 456 31.70 -16.76 11.26
C ILE D 456 33.10 -17.35 11.08
N ASP D 457 34.05 -17.00 11.94
CA ASP D 457 35.39 -17.63 11.94
C ASP D 457 35.34 -19.11 12.35
N LYS D 458 34.51 -19.42 13.36
CA LYS D 458 34.27 -20.82 13.74
C LYS D 458 33.46 -21.60 12.70
N PHE D 459 32.58 -20.89 11.98
CA PHE D 459 31.80 -21.49 10.89
C PHE D 459 32.68 -21.95 9.73
N ARG D 460 33.64 -21.10 9.34
CA ARG D 460 34.61 -21.44 8.30
C ARG D 460 35.61 -22.51 8.78
N GLY D 461 35.97 -22.45 10.06
CA GLY D 461 36.87 -23.42 10.67
C GLY D 461 36.30 -24.83 10.80
N GLY D 462 34.97 -24.94 10.96
CA GLY D 462 34.30 -26.23 11.12
C GLY D 462 33.77 -26.51 12.52
N SER D 463 34.27 -25.76 13.51
CA SER D 463 33.78 -25.83 14.89
C SER D 463 32.25 -25.67 14.99
N ILE D 464 31.73 -24.67 14.27
CA ILE D 464 30.28 -24.46 14.13
C ILE D 464 29.88 -24.95 12.73
N ASN D 465 28.77 -25.69 12.66
CA ASN D 465 28.31 -26.32 11.44
C ASN D 465 27.07 -25.66 10.81
N LEU D 466 26.22 -25.04 11.64
CA LEU D 466 24.92 -24.54 11.21
C LEU D 466 24.62 -23.18 11.86
N LEU D 467 24.59 -22.13 11.05
CA LEU D 467 24.18 -20.80 11.51
C LEU D 467 22.66 -20.68 11.49
N ILE D 468 22.09 -20.14 12.56
CA ILE D 468 20.67 -19.77 12.58
C ILE D 468 20.66 -18.24 12.63
N ALA D 469 20.55 -17.64 11.45
CA ALA D 469 20.80 -16.22 11.27
C ALA D 469 19.54 -15.42 10.96
N THR D 470 19.64 -14.12 11.20
CA THR D 470 18.67 -13.14 10.71
C THR D 470 19.24 -12.55 9.41
N THR D 471 18.71 -11.42 8.95
CA THR D 471 19.22 -10.78 7.72
C THR D 471 20.69 -10.31 7.81
N VAL D 472 21.28 -10.33 9.01
CA VAL D 472 22.73 -10.20 9.19
C VAL D 472 23.58 -11.04 8.22
N ALA D 473 23.13 -12.26 7.95
CA ALA D 473 23.91 -13.24 7.19
C ALA D 473 23.77 -13.17 5.68
N GLU D 474 22.83 -12.37 5.15
CA GLU D 474 22.54 -12.43 3.71
C GLU D 474 23.51 -11.61 2.83
N GLU D 475 23.83 -10.38 3.21
CA GLU D 475 24.68 -9.49 2.38
C GLU D 475 26.09 -9.25 2.92
N GLY D 476 27.06 -9.17 2.01
CA GLY D 476 28.37 -8.56 2.28
C GLY D 476 29.42 -9.46 2.90
N LEU D 477 29.14 -9.95 4.11
CA LEU D 477 30.12 -10.67 4.93
C LEU D 477 30.58 -11.97 4.27
N ASP D 478 31.82 -12.35 4.54
CA ASP D 478 32.43 -13.52 3.93
C ASP D 478 32.11 -14.75 4.76
N ILE D 479 31.01 -15.41 4.40
CA ILE D 479 30.59 -16.67 5.03
C ILE D 479 30.98 -17.84 4.12
N LYS D 480 31.38 -18.95 4.73
CA LYS D 480 31.77 -20.18 4.03
C LYS D 480 30.62 -20.71 3.15
N GLU D 481 30.99 -21.34 2.04
CA GLU D 481 30.03 -21.90 1.08
C GLU D 481 29.17 -22.97 1.76
N CYS D 482 27.86 -22.88 1.56
CA CYS D 482 26.89 -23.75 2.24
C CYS D 482 26.33 -24.82 1.32
N ASN D 483 26.05 -25.99 1.89
CA ASN D 483 25.36 -27.09 1.21
C ASN D 483 23.84 -26.91 1.26
N ILE D 484 23.37 -26.10 2.20
CA ILE D 484 21.94 -25.81 2.36
C ILE D 484 21.75 -24.41 2.94
N VAL D 485 20.79 -23.66 2.38
CA VAL D 485 20.27 -22.47 3.06
C VAL D 485 18.75 -22.59 3.11
N ILE D 486 18.20 -22.45 4.30
CA ILE D 486 16.77 -22.55 4.54
C ILE D 486 16.28 -21.17 4.93
N ARG D 487 15.23 -20.71 4.26
CA ARG D 487 14.53 -19.50 4.67
C ARG D 487 13.30 -19.92 5.46
N TYR D 488 13.46 -19.94 6.78
CA TYR D 488 12.44 -20.44 7.69
C TYR D 488 11.40 -19.35 7.94
N GLY D 489 10.38 -19.32 7.09
CA GLY D 489 9.32 -18.32 7.17
C GLY D 489 9.68 -16.91 6.70
N LEU D 490 10.96 -16.66 6.39
CA LEU D 490 11.44 -15.33 6.06
C LEU D 490 11.38 -15.11 4.55
N VAL D 491 10.61 -14.11 4.14
CA VAL D 491 10.60 -13.64 2.76
C VAL D 491 10.66 -12.12 2.81
N THR D 492 11.74 -11.55 2.27
CA THR D 492 11.94 -10.10 2.26
C THR D 492 11.82 -9.56 0.82
N ASN D 493 12.93 -9.22 0.16
CA ASN D 493 12.88 -8.71 -1.23
C ASN D 493 13.69 -9.58 -2.21
N GLU D 494 13.63 -9.23 -3.49
CA GLU D 494 14.35 -9.96 -4.54
C GLU D 494 15.88 -9.95 -4.40
N ILE D 495 16.45 -8.85 -3.91
CA ILE D 495 17.91 -8.75 -3.70
C ILE D 495 18.36 -9.71 -2.60
N ALA D 496 17.64 -9.70 -1.48
CA ALA D 496 17.94 -10.59 -0.36
C ALA D 496 17.74 -12.06 -0.71
N MET D 497 16.81 -12.34 -1.63
CA MET D 497 16.56 -13.68 -2.11
C MET D 497 17.79 -14.24 -2.83
N VAL D 498 18.27 -13.52 -3.85
CA VAL D 498 19.43 -13.95 -4.64
C VAL D 498 20.72 -14.03 -3.80
N GLN D 499 20.83 -13.14 -2.81
CA GLN D 499 21.95 -13.17 -1.86
C GLN D 499 21.91 -14.40 -0.96
N ALA D 500 20.71 -14.78 -0.51
CA ALA D 500 20.53 -16.02 0.27
C ALA D 500 20.85 -17.25 -0.58
N ARG D 501 20.26 -17.30 -1.77
CA ARG D 501 20.56 -18.34 -2.76
C ARG D 501 22.05 -18.35 -3.17
N GLY D 502 22.69 -17.19 -3.14
CA GLY D 502 24.14 -17.08 -3.38
C GLY D 502 25.04 -17.72 -2.33
N ARG D 503 24.57 -17.80 -1.08
CA ARG D 503 25.31 -18.49 -0.01
C ARG D 503 25.38 -19.99 -0.26
N ALA D 504 24.36 -20.56 -0.89
CA ALA D 504 24.34 -21.96 -1.31
C ALA D 504 25.12 -22.13 -2.61
N ARG D 505 26.43 -22.34 -2.51
CA ARG D 505 27.28 -22.52 -3.69
C ARG D 505 28.43 -23.51 -3.47
N ALA D 506 28.13 -24.60 -2.77
CA ALA D 506 28.98 -25.79 -2.73
C ALA D 506 28.43 -26.80 -3.74
N ASP D 507 29.12 -27.94 -3.88
CA ASP D 507 28.63 -29.03 -4.74
C ASP D 507 27.36 -29.64 -4.15
N GLU D 508 26.38 -29.90 -5.02
CA GLU D 508 25.07 -30.44 -4.63
C GLU D 508 24.36 -29.57 -3.58
N SER D 509 24.43 -28.25 -3.75
CA SER D 509 23.82 -27.31 -2.79
C SER D 509 22.34 -27.09 -3.11
N THR D 510 21.55 -26.82 -2.06
CA THR D 510 20.11 -26.60 -2.21
C THR D 510 19.65 -25.32 -1.49
N TYR D 511 18.56 -24.75 -2.01
CA TYR D 511 17.89 -23.59 -1.44
C TYR D 511 16.45 -24.02 -1.16
N ALA D 512 15.95 -23.76 0.05
CA ALA D 512 14.64 -24.25 0.49
C ALA D 512 13.85 -23.20 1.25
N LEU D 513 12.64 -22.88 0.76
CA LEU D 513 11.69 -22.08 1.52
C LEU D 513 10.83 -23.02 2.36
N VAL D 514 11.06 -23.00 3.68
CA VAL D 514 10.20 -23.68 4.64
C VAL D 514 9.21 -22.64 5.17
N ALA D 515 7.92 -22.89 4.98
CA ALA D 515 6.89 -21.92 5.39
C ALA D 515 5.51 -22.57 5.51
N SER D 516 4.59 -21.87 6.17
CA SER D 516 3.19 -22.28 6.25
C SER D 516 2.37 -21.63 5.13
N SER D 517 1.40 -22.37 4.61
CA SER D 517 0.51 -21.87 3.57
C SER D 517 -0.38 -20.73 4.08
N GLY D 518 -0.72 -20.75 5.36
CA GLY D 518 -1.50 -19.69 5.99
C GLY D 518 -0.80 -18.34 6.13
N SER D 519 0.52 -18.33 6.19
CA SER D 519 1.30 -17.09 6.36
C SER D 519 1.33 -16.21 5.12
N GLY D 520 1.23 -16.81 3.94
CA GLY D 520 1.32 -16.08 2.67
C GLY D 520 2.73 -15.76 2.21
N ALA D 521 3.72 -16.38 2.85
CA ALA D 521 5.13 -16.21 2.47
C ALA D 521 5.46 -16.92 1.15
N VAL D 522 4.75 -18.01 0.86
CA VAL D 522 4.94 -18.75 -0.39
C VAL D 522 4.60 -17.85 -1.58
N GLU D 523 3.47 -17.15 -1.49
CA GLU D 523 3.01 -16.24 -2.55
C GLU D 523 3.95 -15.05 -2.73
N ARG D 524 4.48 -14.52 -1.63
CA ARG D 524 5.43 -13.40 -1.68
C ARG D 524 6.80 -13.79 -2.25
N GLU D 525 7.21 -15.04 -2.04
CA GLU D 525 8.40 -15.60 -2.69
C GLU D 525 8.22 -15.62 -4.22
N ASP D 526 7.02 -16.04 -4.67
CA ASP D 526 6.70 -16.08 -6.11
C ASP D 526 6.72 -14.70 -6.77
N VAL D 527 6.31 -13.68 -6.04
CA VAL D 527 6.37 -12.30 -6.54
C VAL D 527 7.82 -11.83 -6.66
N ASN D 528 8.65 -12.20 -5.68
CA ASN D 528 10.10 -11.90 -5.75
C ASN D 528 10.81 -12.67 -6.88
N ILE D 529 10.38 -13.91 -7.15
CA ILE D 529 10.83 -14.66 -8.34
C ILE D 529 10.41 -13.94 -9.62
N PHE D 530 9.14 -13.52 -9.65
CA PHE D 530 8.59 -12.71 -10.74
C PHE D 530 9.38 -11.41 -10.91
N ARG D 531 9.67 -10.73 -9.81
CA ARG D 531 10.47 -9.50 -9.82
C ARG D 531 11.92 -9.71 -10.28
N GLU D 532 12.53 -10.83 -9.88
CA GLU D 532 13.89 -11.17 -10.32
C GLU D 532 13.95 -11.37 -11.85
N ASN D 533 12.91 -12.00 -12.40
CA ASN D 533 12.81 -12.18 -13.86
C ASN D 533 12.66 -10.83 -14.56
N MET D 534 11.82 -9.95 -14.03
CA MET D 534 11.65 -8.59 -14.56
C MET D 534 12.95 -7.79 -14.55
N MET D 535 13.76 -7.99 -13.50
CA MET D 535 15.04 -7.32 -13.35
C MET D 535 16.02 -7.64 -14.50
N TYR D 536 16.11 -8.92 -14.86
CA TYR D 536 17.00 -9.34 -15.96
C TYR D 536 16.48 -8.82 -17.32
N LYS D 537 15.17 -8.84 -17.51
CA LYS D 537 14.54 -8.24 -18.68
C LYS D 537 14.72 -6.72 -18.74
N ALA D 538 14.66 -6.08 -17.58
CA ALA D 538 14.84 -4.62 -17.47
C ALA D 538 16.29 -4.19 -17.73
N ILE D 539 17.25 -4.94 -17.17
CA ILE D 539 18.67 -4.72 -17.46
C ILE D 539 18.97 -4.89 -18.96
N ARG D 540 18.38 -5.93 -19.56
CA ARG D 540 18.54 -6.19 -21.00
C ARG D 540 18.00 -5.03 -21.87
N ARG D 541 16.88 -4.44 -21.48
CA ARG D 541 16.26 -3.34 -22.24
C ARG D 541 17.02 -2.01 -22.13
N VAL D 542 17.51 -1.67 -20.94
CA VAL D 542 18.32 -0.44 -20.77
C VAL D 542 19.67 -0.50 -21.48
N GLN D 543 20.24 -1.71 -21.59
CA GLN D 543 21.46 -1.94 -22.36
C GLN D 543 21.21 -1.78 -23.87
N GLU D 544 20.14 -2.39 -24.36
CA GLU D 544 19.75 -2.29 -25.79
C GLU D 544 19.18 -0.93 -26.19
N MET D 545 18.81 -0.10 -25.21
CA MET D 545 18.32 1.26 -25.43
C MET D 545 19.37 2.10 -26.17
N PRO D 546 18.96 2.90 -27.18
CA PRO D 546 19.94 3.73 -27.90
C PRO D 546 20.47 4.91 -27.04
N PRO D 547 21.71 5.38 -27.31
CA PRO D 547 22.35 6.42 -26.47
C PRO D 547 21.55 7.70 -26.24
N GLU D 548 20.87 8.19 -27.29
CA GLU D 548 20.05 9.40 -27.19
C GLU D 548 18.88 9.25 -26.20
N GLU D 549 18.25 8.08 -26.23
CA GLU D 549 17.12 7.78 -25.33
C GLU D 549 17.59 7.58 -23.89
N TYR D 550 18.68 6.83 -23.72
CA TYR D 550 19.28 6.58 -22.40
C TYR D 550 19.74 7.87 -21.71
N LEU D 551 20.51 8.69 -22.42
CA LEU D 551 21.07 9.92 -21.85
C LEU D 551 19.99 10.95 -21.44
N ASN D 552 18.92 11.06 -22.22
CA ASN D 552 17.78 11.92 -21.88
C ASN D 552 17.10 11.46 -20.60
N LYS D 553 16.82 10.17 -20.51
CA LYS D 553 16.17 9.57 -19.33
C LYS D 553 17.02 9.65 -18.07
N ILE D 554 18.33 9.44 -18.22
CA ILE D 554 19.28 9.56 -17.10
C ILE D 554 19.31 10.99 -16.54
N GLN D 555 19.32 11.98 -17.43
CA GLN D 555 19.31 13.39 -17.03
C GLN D 555 18.02 13.81 -16.32
N ASP D 556 16.87 13.27 -16.76
CA ASP D 556 15.59 13.52 -16.11
C ASP D 556 15.60 13.03 -14.65
N PHE D 557 16.05 11.80 -14.44
CA PHE D 557 16.16 11.22 -13.10
C PHE D 557 17.16 11.96 -12.22
N GLN D 558 18.33 12.30 -12.79
CA GLN D 558 19.34 13.09 -12.08
C GLN D 558 18.83 14.46 -11.64
N LEU D 559 18.09 15.13 -12.53
CA LEU D 559 17.52 16.45 -12.25
C LEU D 559 16.45 16.39 -11.16
N GLN D 560 15.56 15.40 -11.24
CA GLN D 560 14.47 15.27 -10.27
C GLN D 560 14.94 14.64 -8.95
N SER D 561 16.09 13.96 -8.95
CA SER D 561 16.76 13.52 -7.72
C SER D 561 17.29 14.70 -6.88
N ILE D 562 17.78 15.74 -7.55
CA ILE D 562 18.25 16.97 -6.90
C ILE D 562 17.08 17.71 -6.23
N VAL D 563 15.96 17.79 -6.95
CA VAL D 563 14.72 18.38 -6.44
C VAL D 563 14.19 17.61 -5.22
N GLU D 564 14.33 16.28 -5.24
CA GLU D 564 13.88 15.41 -4.14
C GLU D 564 14.51 15.77 -2.79
N LYS D 565 15.80 16.12 -2.79
CA LYS D 565 16.49 16.50 -1.54
C LYS D 565 16.20 17.95 -1.13
N GLN D 566 15.96 18.83 -2.10
CA GLN D 566 15.49 20.20 -1.82
C GLN D 566 14.14 20.20 -1.09
N MET D 567 13.28 19.24 -1.43
CA MET D 567 11.98 19.07 -0.76
C MET D 567 12.16 18.57 0.68
N LYS D 568 12.93 17.48 0.85
CA LYS D 568 13.21 16.94 2.19
C LYS D 568 14.01 17.90 3.09
N ALA D 569 14.81 18.77 2.47
CA ALA D 569 15.48 19.86 3.18
C ALA D 569 14.47 20.84 3.78
N LYS D 570 13.49 21.26 2.96
CA LYS D 570 12.41 22.14 3.42
C LYS D 570 11.45 21.47 4.42
N ARG D 571 11.28 20.15 4.32
CA ARG D 571 10.54 19.38 5.32
C ARG D 571 11.22 19.42 6.69
N ASP D 572 12.52 19.14 6.71
CA ASP D 572 13.32 19.11 7.94
C ASP D 572 13.62 20.49 8.55
N GLN D 573 13.40 21.56 7.80
CA GLN D 573 13.61 22.93 8.28
C GLN D 573 12.52 23.43 9.27
N ARG D 574 11.43 22.66 9.41
CA ARG D 574 10.35 22.98 10.36
C ARG D 574 10.86 23.06 11.81
N ILE D 584 6.02 22.43 31.10
CA ILE D 584 5.51 21.06 31.03
C ILE D 584 5.83 20.24 32.28
N THR D 585 5.04 19.20 32.52
CA THR D 585 5.29 18.25 33.61
C THR D 585 5.22 16.81 33.10
N PHE D 586 5.83 15.91 33.86
CA PHE D 586 5.92 14.49 33.51
C PHE D 586 5.11 13.64 34.49
N LEU D 587 4.10 12.94 33.95
CA LEU D 587 3.29 11.99 34.71
C LEU D 587 3.73 10.56 34.37
N CYS D 588 3.65 9.67 35.36
CA CYS D 588 3.93 8.24 35.18
C CYS D 588 2.80 7.63 34.34
N LYS D 589 3.15 6.95 33.26
CA LYS D 589 2.15 6.42 32.30
C LYS D 589 1.12 5.45 32.92
N ASN D 590 1.55 4.72 33.95
CA ASN D 590 0.69 3.74 34.60
C ASN D 590 -0.26 4.37 35.62
N CYS D 591 0.29 5.10 36.59
CA CYS D 591 -0.48 5.63 37.73
C CYS D 591 -0.71 7.16 37.73
N HIS D 592 -0.16 7.88 36.76
CA HIS D 592 -0.40 9.33 36.56
C HIS D 592 0.05 10.26 37.71
N LYS D 593 0.99 9.81 38.53
CA LYS D 593 1.53 10.63 39.64
C LYS D 593 2.46 11.70 39.07
N LEU D 594 2.38 12.91 39.62
CA LEU D 594 3.26 14.01 39.24
C LEU D 594 4.67 13.70 39.72
N ILE D 595 5.65 13.86 38.85
CA ILE D 595 7.04 13.43 39.10
C ILE D 595 8.03 14.56 38.84
N CYS D 596 8.15 14.99 37.59
CA CYS D 596 9.07 16.07 37.19
C CYS D 596 8.34 17.26 36.60
N SER D 597 9.05 18.38 36.56
CA SER D 597 8.74 19.50 35.68
C SER D 597 9.73 19.46 34.52
N GLY D 598 9.46 20.26 33.48
CA GLY D 598 10.38 20.43 32.36
C GLY D 598 11.69 21.09 32.76
N GLU D 599 11.65 21.91 33.82
CA GLU D 599 12.85 22.56 34.38
C GLU D 599 13.86 21.58 34.97
N ASP D 600 13.40 20.44 35.49
CA ASP D 600 14.26 19.47 36.17
C ASP D 600 15.19 18.67 35.24
N ILE D 601 14.84 18.56 33.96
CA ILE D 601 15.58 17.70 33.03
C ILE D 601 16.83 18.41 32.49
N GLN D 602 17.94 17.67 32.43
CA GLN D 602 19.19 18.10 31.79
C GLN D 602 19.78 16.94 30.99
N VAL D 603 20.63 17.27 30.02
CA VAL D 603 21.20 16.28 29.09
C VAL D 603 22.68 16.02 29.39
N ILE D 604 23.11 14.76 29.22
CA ILE D 604 24.50 14.35 29.40
C ILE D 604 25.01 13.75 28.08
N GLU D 605 26.16 14.25 27.60
CA GLU D 605 26.71 13.90 26.28
C GLU D 605 25.78 14.24 25.10
N ASN D 606 24.87 15.19 25.31
CA ASN D 606 23.84 15.58 24.33
C ASN D 606 22.96 14.39 23.84
N MET D 607 22.69 13.43 24.72
CA MET D 607 21.86 12.26 24.39
C MET D 607 21.05 11.68 25.56
N HIS D 608 21.68 11.45 26.71
CA HIS D 608 21.00 10.88 27.89
C HIS D 608 20.39 11.98 28.77
N HIS D 609 19.07 11.93 28.92
CA HIS D 609 18.32 12.91 29.72
C HIS D 609 18.22 12.44 31.18
N VAL D 610 18.42 13.37 32.12
CA VAL D 610 18.50 13.06 33.55
C VAL D 610 17.76 14.13 34.36
N SER D 611 16.98 13.68 35.35
CA SER D 611 16.29 14.58 36.27
C SER D 611 17.23 15.03 37.37
N VAL D 612 17.19 16.33 37.69
CA VAL D 612 18.09 16.93 38.68
C VAL D 612 17.26 17.65 39.76
N LYS D 613 16.17 17.03 40.21
CA LYS D 613 15.38 17.55 41.31
C LYS D 613 16.03 17.13 42.63
N LYS D 614 16.06 18.04 43.60
CA LYS D 614 16.82 17.86 44.84
C LYS D 614 16.39 16.65 45.67
N ASP D 615 15.09 16.36 45.69
CA ASP D 615 14.53 15.22 46.43
C ASP D 615 13.82 14.25 45.48
N PHE D 616 14.50 13.88 44.39
CA PHE D 616 13.96 12.95 43.40
C PHE D 616 14.02 11.49 43.88
N GLN D 617 15.01 11.19 44.73
CA GLN D 617 15.22 9.84 45.29
C GLN D 617 13.97 9.22 45.95
N HIS D 618 13.14 10.05 46.57
CA HIS D 618 11.95 9.59 47.30
C HIS D 618 10.81 9.08 46.39
N LEU D 619 10.82 9.46 45.11
CA LEU D 619 9.79 9.05 44.16
C LEU D 619 10.06 7.74 43.40
N TYR D 620 11.24 7.14 43.57
CA TYR D 620 11.57 5.88 42.88
C TYR D 620 12.28 4.83 43.73
N HIS D 621 12.20 3.58 43.29
CA HIS D 621 12.94 2.44 43.88
C HIS D 621 13.95 1.89 42.88
N LYS D 622 14.86 1.06 43.38
CA LYS D 622 15.93 0.45 42.59
C LYS D 622 15.79 -1.07 42.54
N ARG D 623 15.94 -1.65 41.34
CA ARG D 623 15.94 -3.10 41.15
C ARG D 623 16.97 -3.49 40.08
N GLU D 624 17.69 -4.58 40.32
CA GLU D 624 18.60 -5.16 39.33
C GLU D 624 17.83 -6.11 38.41
N ASN D 625 18.34 -6.31 37.20
CA ASN D 625 17.76 -7.26 36.23
C ASN D 625 18.33 -8.66 36.46
N GLN D 636 24.78 2.85 31.77
CA GLN D 636 26.10 2.62 32.35
C GLN D 636 26.08 1.79 33.65
N THR D 637 24.88 1.48 34.16
CA THR D 637 24.72 0.63 35.36
C THR D 637 23.45 -0.21 35.23
N ASN D 638 23.54 -1.49 35.60
CA ASN D 638 22.39 -2.42 35.52
C ASN D 638 21.56 -2.35 36.81
N VAL D 639 20.87 -1.23 36.98
CA VAL D 639 19.95 -1.02 38.09
C VAL D 639 18.79 -0.20 37.54
N GLU D 640 17.58 -0.76 37.56
CA GLU D 640 16.38 -0.07 37.10
C GLU D 640 15.97 1.04 38.04
N ILE D 641 15.22 1.99 37.49
CA ILE D 641 14.53 3.01 38.26
C ILE D 641 13.05 2.72 38.04
N ILE D 642 12.34 2.36 39.10
CA ILE D 642 10.90 2.08 39.02
C ILE D 642 10.10 2.99 39.93
N CYS D 643 8.84 3.20 39.57
CA CYS D 643 7.91 4.03 40.34
C CYS D 643 7.73 3.46 41.75
N LYS D 644 7.71 4.34 42.75
CA LYS D 644 7.48 3.93 44.14
C LYS D 644 6.06 3.38 44.31
N ASP D 645 5.08 4.12 43.79
CA ASP D 645 3.66 3.81 44.00
C ASP D 645 3.14 2.63 43.17
N CYS D 646 3.72 2.39 41.99
CA CYS D 646 3.21 1.35 41.07
C CYS D 646 4.23 0.40 40.40
N GLY D 647 5.53 0.62 40.61
CA GLY D 647 6.57 -0.23 40.00
C GLY D 647 6.73 -0.15 38.49
N GLN D 648 6.30 0.94 37.87
CA GLN D 648 6.49 1.18 36.43
C GLN D 648 7.94 1.55 36.18
N VAL D 649 8.55 0.96 35.15
CA VAL D 649 9.93 1.28 34.76
C VAL D 649 9.96 2.74 34.31
N TRP D 650 10.89 3.52 34.84
CA TRP D 650 11.19 4.87 34.33
C TRP D 650 12.50 4.90 33.55
N GLY D 651 13.49 4.13 33.98
CA GLY D 651 14.73 3.95 33.21
C GLY D 651 15.82 3.21 33.97
N ASN D 652 16.94 3.87 34.23
CA ASN D 652 18.04 3.26 34.98
C ASN D 652 18.96 4.31 35.62
N MET D 653 19.67 3.90 36.66
CA MET D 653 20.69 4.73 37.30
C MET D 653 21.96 4.69 36.46
N MET D 654 22.73 5.77 36.53
CA MET D 654 24.04 5.85 35.86
C MET D 654 25.01 6.70 36.68
N VAL D 655 26.30 6.37 36.58
CA VAL D 655 27.37 7.11 37.23
C VAL D 655 28.00 8.06 36.20
N TYR D 656 28.13 9.33 36.57
CA TYR D 656 28.75 10.33 35.70
C TYR D 656 29.40 11.42 36.57
N ARG D 657 30.72 11.60 36.38
CA ARG D 657 31.55 12.45 37.24
C ARG D 657 31.46 12.08 38.74
N GLY D 658 31.38 10.78 39.01
CA GLY D 658 31.24 10.28 40.38
C GLY D 658 29.94 10.61 41.09
N LEU D 659 28.86 10.82 40.33
CA LEU D 659 27.55 11.14 40.89
C LEU D 659 26.51 10.14 40.37
N ASP D 660 25.76 9.56 41.30
CA ASP D 660 24.65 8.65 40.96
C ASP D 660 23.47 9.48 40.43
N LEU D 661 23.19 9.34 39.13
CA LEU D 661 22.18 10.15 38.46
C LEU D 661 21.10 9.26 37.81
N PRO D 662 19.81 9.67 37.92
CA PRO D 662 18.72 8.88 37.34
C PRO D 662 18.42 9.21 35.86
N CYS D 663 18.62 8.22 34.98
CA CYS D 663 18.29 8.38 33.55
C CYS D 663 16.85 7.97 33.30
N LEU D 664 16.06 8.90 32.75
CA LEU D 664 14.65 8.68 32.46
C LEU D 664 14.43 8.40 30.98
N LYS D 665 13.98 7.18 30.65
CA LYS D 665 13.57 6.84 29.28
C LYS D 665 12.19 7.47 29.01
N ILE D 666 12.11 8.24 27.92
CA ILE D 666 10.89 8.97 27.53
C ILE D 666 9.65 8.08 27.31
N ARG D 667 9.87 6.85 26.84
CA ARG D 667 8.79 5.88 26.56
C ARG D 667 7.80 5.70 27.72
N ASN D 668 8.30 5.83 28.95
CA ASN D 668 7.56 5.47 30.16
C ASN D 668 6.71 6.57 30.80
N PHE D 669 6.63 7.75 30.17
CA PHE D 669 5.96 8.91 30.77
C PHE D 669 4.88 9.51 29.88
N VAL D 670 3.81 10.01 30.50
CA VAL D 670 2.83 10.85 29.85
C VAL D 670 3.27 12.28 30.11
N VAL D 671 3.60 13.01 29.05
CA VAL D 671 4.04 14.40 29.15
C VAL D 671 2.80 15.28 29.10
N ALA D 672 2.64 16.12 30.13
CA ALA D 672 1.47 17.00 30.26
C ALA D 672 1.84 18.44 29.88
N PHE D 673 1.20 18.96 28.84
CA PHE D 673 1.35 20.36 28.41
C PHE D 673 0.30 21.24 29.10
N GLU D 674 0.64 22.51 29.31
CA GLU D 674 -0.25 23.48 29.97
C GLU D 674 -0.60 24.62 29.01
N ASP D 675 -1.47 24.31 28.05
CA ASP D 675 -1.91 25.28 27.04
C ASP D 675 -3.21 24.83 26.35
N THR D 679 -4.04 18.89 27.06
CA THR D 679 -3.24 18.15 26.08
C THR D 679 -2.22 17.25 26.78
N LYS D 680 -2.30 15.94 26.51
CA LYS D 680 -1.36 14.95 27.04
C LYS D 680 -0.88 14.05 25.89
N GLU D 681 0.43 13.83 25.81
CA GLU D 681 1.04 13.06 24.72
C GLU D 681 2.14 12.14 25.26
N ILE D 682 2.41 11.05 24.53
CA ILE D 682 3.52 10.15 24.82
C ILE D 682 4.45 10.10 23.60
N PHE D 683 5.75 10.02 23.86
CA PHE D 683 6.77 10.04 22.80
C PHE D 683 7.70 8.84 22.96
N LYS D 684 8.17 8.30 21.83
CA LYS D 684 9.14 7.21 21.81
C LYS D 684 10.59 7.69 21.95
N LYS D 685 10.87 8.91 21.47
CA LYS D 685 12.21 9.51 21.53
C LYS D 685 12.15 10.91 22.13
N TRP D 686 13.23 11.31 22.81
CA TRP D 686 13.34 12.68 23.36
C TRP D 686 13.38 13.76 22.28
N GLY D 687 13.91 13.43 21.10
CA GLY D 687 13.92 14.34 19.96
C GLY D 687 12.55 14.71 19.39
N GLU D 688 11.54 13.87 19.64
CA GLU D 688 10.16 14.13 19.22
C GLU D 688 9.47 15.27 20.00
N LEU D 689 9.95 15.55 21.22
CA LEU D 689 9.48 16.71 21.99
C LEU D 689 9.89 18.02 21.28
N PRO D 690 9.08 19.09 21.42
CA PRO D 690 9.45 20.40 20.86
C PRO D 690 10.29 21.28 21.81
N ILE D 691 11.10 20.65 22.67
CA ILE D 691 11.80 21.31 23.76
C ILE D 691 13.28 20.94 23.72
N ILE D 692 14.15 21.95 23.75
CA ILE D 692 15.60 21.76 23.86
C ILE D 692 15.95 21.85 25.35
N PHE D 693 16.79 20.94 25.83
CA PHE D 693 17.17 20.88 27.25
C PHE D 693 18.63 21.33 27.46
N PRO D 694 18.99 21.77 28.69
CA PRO D 694 20.37 22.23 28.95
C PRO D 694 21.40 21.10 29.10
N ASP D 695 22.65 21.48 29.32
CA ASP D 695 23.74 20.51 29.54
C ASP D 695 23.64 19.86 30.92
#